data_7BSE
# 
_entry.id   7BSE 
# 
_audit_conform.dict_name       mmcif_pdbx.dic 
_audit_conform.dict_version    5.380 
_audit_conform.dict_location   http://mmcif.pdb.org/dictionaries/ascii/mmcif_pdbx.dic 
# 
loop_
_database_2.database_id 
_database_2.database_code 
_database_2.pdbx_database_accession 
_database_2.pdbx_DOI 
PDB   7BSE         pdb_00007bse 10.2210/pdb7bse/pdb 
WWPDB D_1300016343 ?            ?                   
# 
_pdbx_database_related.db_name        PDB 
_pdbx_database_related.details        'Original sequence' 
_pdbx_database_related.db_id          6JR4 
_pdbx_database_related.content_type   unspecified 
# 
_pdbx_database_status.status_code                     REL 
_pdbx_database_status.status_code_sf                  REL 
_pdbx_database_status.status_code_mr                  ? 
_pdbx_database_status.entry_id                        7BSE 
_pdbx_database_status.recvd_initial_deposition_date   2020-03-30 
_pdbx_database_status.SG_entry                        N 
_pdbx_database_status.deposit_site                    PDBJ 
_pdbx_database_status.process_site                    PDBJ 
_pdbx_database_status.status_code_cs                  ? 
_pdbx_database_status.status_code_nmr_data            ? 
_pdbx_database_status.methods_development_category    ? 
_pdbx_database_status.pdb_format_compatible           Y 
# 
loop_
_audit_author.name 
_audit_author.pdbx_ordinal 
_audit_author.identifier_ORCID 
'Kondo, J.'     1 ? 
'Cerretani, C.' 2 ? 
'Vosch, T.'     3 ? 
# 
_citation.abstract                  ? 
_citation.abstract_id_CAS           ? 
_citation.book_id_ISBN              ? 
_citation.book_publisher            ? 
_citation.book_publisher_city       ? 
_citation.book_title                ? 
_citation.coordinate_linkage        ? 
_citation.country                   UK 
_citation.database_id_Medline       ? 
_citation.details                   ? 
_citation.id                        primary 
_citation.journal_abbrev            CrystEngComm 
_citation.journal_id_ASTM           ? 
_citation.journal_id_CSD            ? 
_citation.journal_id_ISSN           1466-8033 
_citation.journal_full              ? 
_citation.journal_issue             ? 
_citation.journal_volume            22 
_citation.language                  ? 
_citation.page_first                8136 
_citation.page_last                 8141 
_citation.title                     
'Mutation of position 5 as a crystal engineering tool for a NIR-emitting DNA-stabilized Ag16 nanocluster.' 
_citation.year                      2020 
_citation.database_id_CSD           ? 
_citation.pdbx_database_id_DOI      10.1039/D0CE01225D 
_citation.pdbx_database_id_PubMed   ? 
_citation.unpublished_flag          ? 
# 
loop_
_citation_author.citation_id 
_citation_author.name 
_citation_author.ordinal 
_citation_author.identifier_ORCID 
primary 'Cerretani, C.' 1 ? 
primary 'Kondo, J.'     2 ? 
primary 'Vosch, T.'     3 ? 
# 
_cell.angle_alpha                  90.000 
_cell.angle_alpha_esd              ? 
_cell.angle_beta                   90.000 
_cell.angle_beta_esd               ? 
_cell.angle_gamma                  90.000 
_cell.angle_gamma_esd              ? 
_cell.entry_id                     7BSE 
_cell.details                      ? 
_cell.formula_units_Z              ? 
_cell.length_a                     45.353 
_cell.length_a_esd                 ? 
_cell.length_b                     45.353 
_cell.length_b_esd                 ? 
_cell.length_c                     82.722 
_cell.length_c_esd                 ? 
_cell.volume                       ? 
_cell.volume_esd                   ? 
_cell.Z_PDB                        32 
_cell.reciprocal_angle_alpha       ? 
_cell.reciprocal_angle_beta        ? 
_cell.reciprocal_angle_gamma       ? 
_cell.reciprocal_angle_alpha_esd   ? 
_cell.reciprocal_angle_beta_esd    ? 
_cell.reciprocal_angle_gamma_esd   ? 
_cell.reciprocal_length_a          ? 
_cell.reciprocal_length_b          ? 
_cell.reciprocal_length_c          ? 
_cell.reciprocal_length_a_esd      ? 
_cell.reciprocal_length_b_esd      ? 
_cell.reciprocal_length_c_esd      ? 
_cell.pdbx_unique_axis             ? 
# 
_symmetry.entry_id                         7BSE 
_symmetry.cell_setting                     ? 
_symmetry.Int_Tables_number                96 
_symmetry.space_group_name_Hall            ? 
_symmetry.space_group_name_H-M             'P 43 21 2' 
_symmetry.pdbx_full_space_group_name_H-M   ? 
# 
loop_
_entity.id 
_entity.type 
_entity.src_method 
_entity.pdbx_description 
_entity.formula_weight 
_entity.pdbx_number_of_molecules 
_entity.pdbx_ec 
_entity.pdbx_mutation 
_entity.pdbx_fragment 
_entity.details 
1 polymer     syn 
;DNA (5'-D(*CP*AP*CP*CP*AP*AP*GP*CP*GP*A)-3')
;
3023.009 4  ? ? ? 'SF file contains Friedel pairs.' 
2 non-polymer syn 'SILVER ION'                                   107.868  36 ? ? ? ?                                 
3 non-polymer syn 'CALCIUM ION'                                  40.078   8  ? ? ? ?                                 
4 water       nat water                                          18.015   95 ? ? ? ?                                 
# 
_entity_poly.entity_id                      1 
_entity_poly.type                           polydeoxyribonucleotide 
_entity_poly.nstd_linkage                   no 
_entity_poly.nstd_monomer                   no 
_entity_poly.pdbx_seq_one_letter_code       '(DC)(DA)(DC)(DC)(DA)(DA)(DG)(DC)(DG)(DA)' 
_entity_poly.pdbx_seq_one_letter_code_can   CACCAAGCGA 
_entity_poly.pdbx_strand_id                 A,B,C,D 
_entity_poly.pdbx_target_identifier         ? 
# 
loop_
_entity_poly_seq.entity_id 
_entity_poly_seq.num 
_entity_poly_seq.mon_id 
_entity_poly_seq.hetero 
1 1  DC n 
1 2  DA n 
1 3  DC n 
1 4  DC n 
1 5  DA n 
1 6  DA n 
1 7  DG n 
1 8  DC n 
1 9  DG n 
1 10 DA n 
# 
_pdbx_entity_src_syn.entity_id              1 
_pdbx_entity_src_syn.pdbx_src_id            1 
_pdbx_entity_src_syn.pdbx_alt_source_flag   sample 
_pdbx_entity_src_syn.pdbx_beg_seq_num       1 
_pdbx_entity_src_syn.pdbx_end_seq_num       10 
_pdbx_entity_src_syn.organism_scientific    'synthetic construct' 
_pdbx_entity_src_syn.organism_common_name   ? 
_pdbx_entity_src_syn.ncbi_taxonomy_id       32630 
_pdbx_entity_src_syn.details                ? 
# 
_struct_ref.id                         1 
_struct_ref.db_name                    PDB 
_struct_ref.db_code                    7BSE 
_struct_ref.pdbx_db_accession          7BSE 
_struct_ref.pdbx_db_isoform            ? 
_struct_ref.entity_id                  1 
_struct_ref.pdbx_seq_one_letter_code   ? 
_struct_ref.pdbx_align_begin           1 
# 
loop_
_struct_ref_seq.align_id 
_struct_ref_seq.ref_id 
_struct_ref_seq.pdbx_PDB_id_code 
_struct_ref_seq.pdbx_strand_id 
_struct_ref_seq.seq_align_beg 
_struct_ref_seq.pdbx_seq_align_beg_ins_code 
_struct_ref_seq.seq_align_end 
_struct_ref_seq.pdbx_seq_align_end_ins_code 
_struct_ref_seq.pdbx_db_accession 
_struct_ref_seq.db_align_beg 
_struct_ref_seq.pdbx_db_align_beg_ins_code 
_struct_ref_seq.db_align_end 
_struct_ref_seq.pdbx_db_align_end_ins_code 
_struct_ref_seq.pdbx_auth_seq_align_beg 
_struct_ref_seq.pdbx_auth_seq_align_end 
1 1 7BSE A 1 ? 10 ? 7BSE 1 ? 10 ? 1 10 
2 1 7BSE B 1 ? 10 ? 7BSE 1 ? 10 ? 1 10 
3 1 7BSE C 1 ? 10 ? 7BSE 1 ? 10 ? 1 10 
4 1 7BSE D 1 ? 10 ? 7BSE 1 ? 10 ? 1 10 
# 
loop_
_chem_comp.id 
_chem_comp.type 
_chem_comp.mon_nstd_flag 
_chem_comp.name 
_chem_comp.pdbx_synonyms 
_chem_comp.formula 
_chem_comp.formula_weight 
AG  non-polymer   . 'SILVER ION'                         ? 'Ag 1'            107.868 
CA  non-polymer   . 'CALCIUM ION'                        ? 'Ca 2'            40.078  
DA  'DNA linking' y "2'-DEOXYADENOSINE-5'-MONOPHOSPHATE" ? 'C10 H14 N5 O6 P' 331.222 
DC  'DNA linking' y "2'-DEOXYCYTIDINE-5'-MONOPHOSPHATE"  ? 'C9 H14 N3 O7 P'  307.197 
DG  'DNA linking' y "2'-DEOXYGUANOSINE-5'-MONOPHOSPHATE" ? 'C10 H14 N5 O7 P' 347.221 
HOH non-polymer   . WATER                                ? 'H2 O'            18.015  
# 
_exptl.absorpt_coefficient_mu     ? 
_exptl.absorpt_correction_T_max   ? 
_exptl.absorpt_correction_T_min   ? 
_exptl.absorpt_correction_type    ? 
_exptl.absorpt_process_details    ? 
_exptl.entry_id                   7BSE 
_exptl.crystals_number            1 
_exptl.details                    ? 
_exptl.method                     'X-RAY DIFFRACTION' 
_exptl.method_details             ? 
# 
_exptl_crystal.colour                      ? 
_exptl_crystal.density_diffrn              ? 
_exptl_crystal.density_Matthews            1.76 
_exptl_crystal.density_method              ? 
_exptl_crystal.density_percent_sol         30.07 
_exptl_crystal.description                 ? 
_exptl_crystal.F_000                       ? 
_exptl_crystal.id                          1 
_exptl_crystal.preparation                 ? 
_exptl_crystal.size_max                    ? 
_exptl_crystal.size_mid                    ? 
_exptl_crystal.size_min                    ? 
_exptl_crystal.size_rad                    ? 
_exptl_crystal.colour_lustre               ? 
_exptl_crystal.colour_modifier             ? 
_exptl_crystal.colour_primary              ? 
_exptl_crystal.density_meas                ? 
_exptl_crystal.density_meas_esd            ? 
_exptl_crystal.density_meas_gt             ? 
_exptl_crystal.density_meas_lt             ? 
_exptl_crystal.density_meas_temp           ? 
_exptl_crystal.density_meas_temp_esd       ? 
_exptl_crystal.density_meas_temp_gt        ? 
_exptl_crystal.density_meas_temp_lt        ? 
_exptl_crystal.pdbx_crystal_image_url      ? 
_exptl_crystal.pdbx_crystal_image_format   ? 
_exptl_crystal.pdbx_mosaicity              ? 
_exptl_crystal.pdbx_mosaicity_esd          ? 
# 
_exptl_crystal_grow.apparatus       ? 
_exptl_crystal_grow.atmosphere      ? 
_exptl_crystal_grow.crystal_id      1 
_exptl_crystal_grow.details         ? 
_exptl_crystal_grow.method          'VAPOR DIFFUSION, HANGING DROP' 
_exptl_crystal_grow.method_ref      ? 
_exptl_crystal_grow.pH              ? 
_exptl_crystal_grow.pressure        ? 
_exptl_crystal_grow.pressure_esd    ? 
_exptl_crystal_grow.seeding         ? 
_exptl_crystal_grow.seeding_ref     ? 
_exptl_crystal_grow.temp            293 
_exptl_crystal_grow.temp_details    ? 
_exptl_crystal_grow.temp_esd        ? 
_exptl_crystal_grow.time            ? 
_exptl_crystal_grow.pdbx_details    'MOPS, Spermine, calcium nitrate, PEG' 
_exptl_crystal_grow.pdbx_pH_range   ? 
# 
_diffrn.ambient_environment              ? 
_diffrn.ambient_temp                     100 
_diffrn.ambient_temp_details             ? 
_diffrn.ambient_temp_esd                 ? 
_diffrn.crystal_id                       1 
_diffrn.crystal_support                  ? 
_diffrn.crystal_treatment                ? 
_diffrn.details                          ? 
_diffrn.id                               1 
_diffrn.ambient_pressure                 ? 
_diffrn.ambient_pressure_esd             ? 
_diffrn.ambient_pressure_gt              ? 
_diffrn.ambient_pressure_lt              ? 
_diffrn.ambient_temp_gt                  ? 
_diffrn.ambient_temp_lt                  ? 
_diffrn.pdbx_serial_crystal_experiment   N 
# 
_diffrn_detector.details                      ? 
_diffrn_detector.detector                     PIXEL 
_diffrn_detector.diffrn_id                    1 
_diffrn_detector.type                         'DECTRIS EIGER X 16M' 
_diffrn_detector.area_resol_mean              ? 
_diffrn_detector.dtime                        ? 
_diffrn_detector.pdbx_frames_total            ? 
_diffrn_detector.pdbx_collection_time_total   ? 
_diffrn_detector.pdbx_collection_date         2020-03-04 
_diffrn_detector.pdbx_frequency               ? 
# 
_diffrn_radiation.collimation                      ? 
_diffrn_radiation.diffrn_id                        1 
_diffrn_radiation.filter_edge                      ? 
_diffrn_radiation.inhomogeneity                    ? 
_diffrn_radiation.monochromator                    ? 
_diffrn_radiation.polarisn_norm                    ? 
_diffrn_radiation.polarisn_ratio                   ? 
_diffrn_radiation.probe                            ? 
_diffrn_radiation.type                             ? 
_diffrn_radiation.xray_symbol                      ? 
_diffrn_radiation.wavelength_id                    1 
_diffrn_radiation.pdbx_monochromatic_or_laue_m_l   M 
_diffrn_radiation.pdbx_wavelength_list             ? 
_diffrn_radiation.pdbx_wavelength                  ? 
_diffrn_radiation.pdbx_diffrn_protocol             'SINGLE WAVELENGTH' 
_diffrn_radiation.pdbx_analyzer                    ? 
_diffrn_radiation.pdbx_scattering_type             x-ray 
# 
_diffrn_radiation_wavelength.id           1 
_diffrn_radiation_wavelength.wavelength   0.98 
_diffrn_radiation_wavelength.wt           1.0 
# 
_diffrn_source.current                     ? 
_diffrn_source.details                     ? 
_diffrn_source.diffrn_id                   1 
_diffrn_source.power                       ? 
_diffrn_source.size                        ? 
_diffrn_source.source                      SYNCHROTRON 
_diffrn_source.target                      ? 
_diffrn_source.type                        'PHOTON FACTORY BEAMLINE BL-17A' 
_diffrn_source.voltage                     ? 
_diffrn_source.take-off_angle              ? 
_diffrn_source.pdbx_wavelength_list        0.98 
_diffrn_source.pdbx_wavelength             ? 
_diffrn_source.pdbx_synchrotron_beamline   BL-17A 
_diffrn_source.pdbx_synchrotron_site       'Photon Factory' 
# 
_reflns.B_iso_Wilson_estimate            15.074 
_reflns.entry_id                         7BSE 
_reflns.data_reduction_details           ? 
_reflns.data_reduction_method            ? 
_reflns.d_resolution_high                1.500 
_reflns.d_resolution_low                 32.070 
_reflns.details                          ? 
_reflns.limit_h_max                      ? 
_reflns.limit_h_min                      ? 
_reflns.limit_k_max                      ? 
_reflns.limit_k_min                      ? 
_reflns.limit_l_max                      ? 
_reflns.limit_l_min                      ? 
_reflns.number_all                       ? 
_reflns.number_obs                       26478 
_reflns.observed_criterion               ? 
_reflns.observed_criterion_F_max         ? 
_reflns.observed_criterion_F_min         ? 
_reflns.observed_criterion_I_max         ? 
_reflns.observed_criterion_I_min         ? 
_reflns.observed_criterion_sigma_F       ? 
_reflns.observed_criterion_sigma_I       ? 
_reflns.percent_possible_obs             99.700 
_reflns.R_free_details                   ? 
_reflns.Rmerge_F_all                     ? 
_reflns.Rmerge_F_obs                     ? 
_reflns.Friedel_coverage                 ? 
_reflns.number_gt                        ? 
_reflns.threshold_expression             ? 
_reflns.pdbx_redundancy                  13.857 
_reflns.pdbx_Rmerge_I_obs                0.109 
_reflns.pdbx_Rmerge_I_all                ? 
_reflns.pdbx_Rsym_value                  ? 
_reflns.pdbx_netI_over_av_sigmaI         ? 
_reflns.pdbx_netI_over_sigmaI            17.160 
_reflns.pdbx_res_netI_over_av_sigmaI_2   ? 
_reflns.pdbx_res_netI_over_sigmaI_2      ? 
_reflns.pdbx_chi_squared                 1.077 
_reflns.pdbx_scaling_rejects             153 
_reflns.pdbx_d_res_high_opt              ? 
_reflns.pdbx_d_res_low_opt               ? 
_reflns.pdbx_d_res_opt_method            ? 
_reflns.phase_calculation_details        ? 
_reflns.pdbx_Rrim_I_all                  0.114 
_reflns.pdbx_Rpim_I_all                  ? 
_reflns.pdbx_d_opt                       ? 
_reflns.pdbx_number_measured_all         366916 
_reflns.pdbx_diffrn_id                   1 
_reflns.pdbx_ordinal                     1 
_reflns.pdbx_CC_half                     0.999 
_reflns.pdbx_CC_star                     ? 
_reflns.pdbx_R_split                     ? 
# 
loop_
_reflns_shell.d_res_high 
_reflns_shell.d_res_low 
_reflns_shell.meanI_over_sigI_all 
_reflns_shell.meanI_over_sigI_obs 
_reflns_shell.number_measured_all 
_reflns_shell.number_measured_obs 
_reflns_shell.number_possible 
_reflns_shell.number_unique_all 
_reflns_shell.number_unique_obs 
_reflns_shell.percent_possible_all 
_reflns_shell.percent_possible_obs 
_reflns_shell.Rmerge_F_all 
_reflns_shell.Rmerge_F_obs 
_reflns_shell.Rmerge_I_all 
_reflns_shell.Rmerge_I_obs 
_reflns_shell.meanI_over_sigI_gt 
_reflns_shell.meanI_over_uI_all 
_reflns_shell.meanI_over_uI_gt 
_reflns_shell.number_measured_gt 
_reflns_shell.number_unique_gt 
_reflns_shell.percent_possible_gt 
_reflns_shell.Rmerge_F_gt 
_reflns_shell.Rmerge_I_gt 
_reflns_shell.pdbx_redundancy 
_reflns_shell.pdbx_Rsym_value 
_reflns_shell.pdbx_chi_squared 
_reflns_shell.pdbx_netI_over_sigmaI_all 
_reflns_shell.pdbx_netI_over_sigmaI_obs 
_reflns_shell.pdbx_Rrim_I_all 
_reflns_shell.pdbx_Rpim_I_all 
_reflns_shell.pdbx_rejects 
_reflns_shell.pdbx_ordinal 
_reflns_shell.pdbx_diffrn_id 
_reflns_shell.pdbx_CC_half 
_reflns_shell.pdbx_CC_star 
_reflns_shell.pdbx_R_split 
1.500 1.540  ? 7.430  ? 26542 1966 ? 1925 97.900  ? ? ? ? 0.392 ? ? ? ? ? ? ? ? 13.788 ? ? ? ? 0.407 ? ? 1  1 0.993 ? ? 
1.540 1.580  ? 8.750  ? 27553 1922 ? 1917 99.700  ? ? ? ? 0.329 ? ? ? ? ? ? ? ? 14.373 ? ? ? ? 0.341 ? ? 2  1 0.993 ? ? 
1.580 1.620  ? 9.940  ? 26740 1878 ? 1865 99.300  ? ? ? ? 0.259 ? ? ? ? ? ? ? ? 14.338 ? ? ? ? 0.269 ? ? 3  1 0.998 ? ? 
1.620 1.670  ? 10.710 ? 25797 1789 ? 1786 99.800  ? ? ? ? 0.277 ? ? ? ? ? ? ? ? 14.444 ? ? ? ? 0.287 ? ? 4  1 0.994 ? ? 
1.670 1.730  ? 11.990 ? 24989 1747 ? 1743 99.800  ? ? ? ? 0.244 ? ? ? ? ? ? ? ? 14.337 ? ? ? ? 0.253 ? ? 5  1 0.997 ? ? 
1.730 1.790  ? 13.560 ? 24158 1690 ? 1689 99.900  ? ? ? ? 0.208 ? ? ? ? ? ? ? ? 14.303 ? ? ? ? 0.216 ? ? 6  1 0.997 ? ? 
1.790 1.860  ? 15.000 ? 23343 1647 ? 1646 99.900  ? ? ? ? 0.170 ? ? ? ? ? ? ? ? 14.182 ? ? ? ? 0.176 ? ? 7  1 0.997 ? ? 
1.860 1.930  ? 15.760 ? 21158 1562 ? 1556 99.600  ? ? ? ? 0.174 ? ? ? ? ? ? ? ? 13.598 ? ? ? ? 0.181 ? ? 8  1 0.998 ? ? 
1.930 2.020  ? 16.870 ? 20997 1533 ? 1532 99.900  ? ? ? ? 0.133 ? ? ? ? ? ? ? ? 13.706 ? ? ? ? 0.139 ? ? 9  1 0.998 ? ? 
2.020 2.120  ? 19.450 ? 18475 1439 ? 1435 99.700  ? ? ? ? 0.112 ? ? ? ? ? ? ? ? 12.875 ? ? ? ? 0.117 ? ? 10 1 0.998 ? ? 
2.120 2.230  ? 21.400 ? 17226 1369 ? 1368 99.900  ? ? ? ? 0.096 ? ? ? ? ? ? ? ? 12.592 ? ? ? ? 0.101 ? ? 11 1 0.998 ? ? 
2.230 2.370  ? 22.750 ? 14634 1309 ? 1307 99.800  ? ? ? ? 0.087 ? ? ? ? ? ? ? ? 11.197 ? ? ? ? 0.092 ? ? 12 1 0.997 ? ? 
2.370 2.530  ? 25.210 ? 14954 1199 ? 1199 100.000 ? ? ? ? 0.082 ? ? ? ? ? ? ? ? 12.472 ? ? ? ? 0.086 ? ? 13 1 0.999 ? ? 
2.530 2.730  ? 27.090 ? 16417 1148 ? 1148 100.000 ? ? ? ? 0.080 ? ? ? ? ? ? ? ? 14.301 ? ? ? ? 0.082 ? ? 14 1 0.999 ? ? 
2.730 2.990  ? 27.100 ? 15437 1039 ? 1039 100.000 ? ? ? ? 0.077 ? ? ? ? ? ? ? ? 14.858 ? ? ? ? 0.080 ? ? 15 1 0.999 ? ? 
2.990 3.350  ? 25.790 ? 14140 951  ? 951  100.000 ? ? ? ? 0.082 ? ? ? ? ? ? ? ? 14.869 ? ? ? ? 0.085 ? ? 16 1 0.999 ? ? 
3.350 3.870  ? 28.630 ? 11859 820  ? 820  100.000 ? ? ? ? 0.078 ? ? ? ? ? ? ? ? 14.462 ? ? ? ? 0.081 ? ? 17 1 0.998 ? ? 
3.870 4.730  ? 26.510 ? 10448 715  ? 713  99.700  ? ? ? ? 0.071 ? ? ? ? ? ? ? ? 14.654 ? ? ? ? 0.074 ? ? 18 1 0.999 ? ? 
4.730 6.700  ? 28.100 ? 8024  540  ? 540  100.000 ? ? ? ? 0.062 ? ? ? ? ? ? ? ? 14.859 ? ? ? ? 0.064 ? ? 19 1 1.000 ? ? 
6.700 32.070 ? 28.020 ? 4025  301  ? 299  99.300  ? ? ? ? 0.053 ? ? ? ? ? ? ? ? 13.462 ? ? ? ? 0.056 ? ? 20 1 0.999 ? ? 
# 
_refine.aniso_B[1][1]                            ? 
_refine.aniso_B[1][2]                            ? 
_refine.aniso_B[1][3]                            ? 
_refine.aniso_B[2][2]                            ? 
_refine.aniso_B[2][3]                            ? 
_refine.aniso_B[3][3]                            ? 
_refine.B_iso_max                                43.830 
_refine.B_iso_mean                               14.4708 
_refine.B_iso_min                                6.570 
_refine.correlation_coeff_Fo_to_Fc               ? 
_refine.correlation_coeff_Fo_to_Fc_free          ? 
_refine.details                                  ? 
_refine.diff_density_max                         ? 
_refine.diff_density_max_esd                     ? 
_refine.diff_density_min                         ? 
_refine.diff_density_min_esd                     ? 
_refine.diff_density_rms                         ? 
_refine.diff_density_rms_esd                     ? 
_refine.entry_id                                 7BSE 
_refine.pdbx_refine_id                           'X-RAY DIFFRACTION' 
_refine.ls_abs_structure_details                 ? 
_refine.ls_abs_structure_Flack                   ? 
_refine.ls_abs_structure_Flack_esd               ? 
_refine.ls_abs_structure_Rogers                  ? 
_refine.ls_abs_structure_Rogers_esd              ? 
_refine.ls_d_res_high                            1.5000 
_refine.ls_d_res_low                             32.0700 
_refine.ls_extinction_coef                       ? 
_refine.ls_extinction_coef_esd                   ? 
_refine.ls_extinction_expression                 ? 
_refine.ls_extinction_method                     ? 
_refine.ls_goodness_of_fit_all                   ? 
_refine.ls_goodness_of_fit_all_esd               ? 
_refine.ls_goodness_of_fit_obs                   ? 
_refine.ls_goodness_of_fit_obs_esd               ? 
_refine.ls_hydrogen_treatment                    ? 
_refine.ls_matrix_type                           ? 
_refine.ls_number_constraints                    ? 
_refine.ls_number_parameters                     ? 
_refine.ls_number_reflns_all                     ? 
_refine.ls_number_reflns_obs                     26283 
_refine.ls_number_reflns_R_free                  2639 
_refine.ls_number_reflns_R_work                  ? 
_refine.ls_number_restraints                     ? 
_refine.ls_percent_reflns_obs                    98.8800 
_refine.ls_percent_reflns_R_free                 10.0400 
_refine.ls_R_factor_all                          ? 
_refine.ls_R_factor_obs                          0.1257 
_refine.ls_R_factor_R_free                       0.1373 
_refine.ls_R_factor_R_free_error                 ? 
_refine.ls_R_factor_R_free_error_details         ? 
_refine.ls_R_factor_R_work                       0.1243 
_refine.ls_R_Fsqd_factor_obs                     ? 
_refine.ls_R_I_factor_obs                        ? 
_refine.ls_redundancy_reflns_all                 ? 
_refine.ls_redundancy_reflns_obs                 ? 
_refine.ls_restrained_S_all                      ? 
_refine.ls_restrained_S_obs                      ? 
_refine.ls_shift_over_esd_max                    ? 
_refine.ls_shift_over_esd_mean                   ? 
_refine.ls_structure_factor_coef                 ? 
_refine.ls_weighting_details                     ? 
_refine.ls_weighting_scheme                      ? 
_refine.ls_wR_factor_all                         ? 
_refine.ls_wR_factor_obs                         ? 
_refine.ls_wR_factor_R_free                      ? 
_refine.ls_wR_factor_R_work                      ? 
_refine.occupancy_max                            ? 
_refine.occupancy_min                            ? 
_refine.solvent_model_details                    ? 
_refine.solvent_model_param_bsol                 ? 
_refine.solvent_model_param_ksol                 ? 
_refine.pdbx_R_complete                          ? 
_refine.ls_R_factor_gt                           ? 
_refine.ls_goodness_of_fit_gt                    ? 
_refine.ls_goodness_of_fit_ref                   ? 
_refine.ls_shift_over_su_max                     ? 
_refine.ls_shift_over_su_max_lt                  ? 
_refine.ls_shift_over_su_mean                    ? 
_refine.ls_shift_over_su_mean_lt                 ? 
_refine.pdbx_ls_sigma_I                          ? 
_refine.pdbx_ls_sigma_F                          1.370 
_refine.pdbx_ls_sigma_Fsqd                       ? 
_refine.pdbx_data_cutoff_high_absF               ? 
_refine.pdbx_data_cutoff_high_rms_absF           ? 
_refine.pdbx_data_cutoff_low_absF                ? 
_refine.pdbx_isotropic_thermal_model             ? 
_refine.pdbx_ls_cross_valid_method               THROUGHOUT 
_refine.pdbx_method_to_determine_struct          'MOLECULAR REPLACEMENT' 
_refine.pdbx_starting_model                      6JR4 
_refine.pdbx_stereochemistry_target_values       ? 
_refine.pdbx_R_Free_selection_details            ? 
_refine.pdbx_stereochem_target_val_spec_case     ? 
_refine.pdbx_overall_ESU_R                       ? 
_refine.pdbx_overall_ESU_R_Free                  ? 
_refine.pdbx_solvent_vdw_probe_radii             1.1100 
_refine.pdbx_solvent_ion_probe_radii             ? 
_refine.pdbx_solvent_shrinkage_radii             0.9000 
_refine.pdbx_real_space_R                        ? 
_refine.pdbx_density_correlation                 ? 
_refine.pdbx_pd_number_of_powder_patterns        ? 
_refine.pdbx_pd_number_of_points                 ? 
_refine.pdbx_pd_meas_number_of_points            ? 
_refine.pdbx_pd_proc_ls_prof_R_factor            ? 
_refine.pdbx_pd_proc_ls_prof_wR_factor           ? 
_refine.pdbx_pd_Marquardt_correlation_coeff      ? 
_refine.pdbx_pd_Fsqrd_R_factor                   ? 
_refine.pdbx_pd_ls_matrix_band_width             ? 
_refine.pdbx_overall_phase_error                 14.1200 
_refine.pdbx_overall_SU_R_free_Cruickshank_DPI   ? 
_refine.pdbx_overall_SU_R_free_Blow_DPI          ? 
_refine.pdbx_overall_SU_R_Blow_DPI               ? 
_refine.pdbx_TLS_residual_ADP_flag               ? 
_refine.pdbx_diffrn_id                           1 
_refine.overall_SU_B                             ? 
_refine.overall_SU_ML                            0.0800 
_refine.overall_SU_R_Cruickshank_DPI             ? 
_refine.overall_SU_R_free                        ? 
_refine.overall_FOM_free_R_set                   ? 
_refine.overall_FOM_work_R_set                   ? 
_refine.pdbx_average_fsc_overall                 ? 
_refine.pdbx_average_fsc_work                    ? 
_refine.pdbx_average_fsc_free                    ? 
# 
_refine_hist.pdbx_refine_id                   'X-RAY DIFFRACTION' 
_refine_hist.cycle_id                         final 
_refine_hist.details                          ? 
_refine_hist.d_res_high                       1.5000 
_refine_hist.d_res_low                        32.0700 
_refine_hist.number_atoms_solvent             95 
_refine_hist.number_atoms_total               943 
_refine_hist.number_reflns_all                ? 
_refine_hist.number_reflns_obs                ? 
_refine_hist.number_reflns_R_free             ? 
_refine_hist.number_reflns_R_work             ? 
_refine_hist.R_factor_all                     ? 
_refine_hist.R_factor_obs                     ? 
_refine_hist.R_factor_R_free                  ? 
_refine_hist.R_factor_R_work                  ? 
_refine_hist.pdbx_number_residues_total       40 
_refine_hist.pdbx_B_iso_mean_ligand           11.22 
_refine_hist.pdbx_B_iso_mean_solvent          19.94 
_refine_hist.pdbx_number_atoms_protein        0 
_refine_hist.pdbx_number_atoms_nucleic_acid   804 
_refine_hist.pdbx_number_atoms_ligand         44 
_refine_hist.pdbx_number_atoms_lipid          ? 
_refine_hist.pdbx_number_atoms_carb           ? 
_refine_hist.pdbx_pseudo_atom_details         ? 
# 
loop_
_refine_ls_restr_ncs.pdbx_refine_id 
_refine_ls_restr_ncs.dom_id 
_refine_ls_restr_ncs.ncs_model_details 
_refine_ls_restr_ncs.rms_dev_B_iso 
_refine_ls_restr_ncs.rms_dev_position 
_refine_ls_restr_ncs.weight_B_iso 
_refine_ls_restr_ncs.weight_position 
_refine_ls_restr_ncs.pdbx_ordinal 
_refine_ls_restr_ncs.pdbx_type 
_refine_ls_restr_ncs.pdbx_asym_id 
_refine_ls_restr_ncs.pdbx_auth_asym_id 
_refine_ls_restr_ncs.pdbx_number 
_refine_ls_restr_ncs.pdbx_rms 
_refine_ls_restr_ncs.pdbx_weight 
_refine_ls_restr_ncs.pdbx_ens_id 
'X-RAY DIFFRACTION' 1 ? ? ? ? ? 1 TORSIONAL ? A 384 14.695 ? 1 
'X-RAY DIFFRACTION' 2 ? ? ? ? ? 2 TORSIONAL ? B 384 14.695 ? 1 
'X-RAY DIFFRACTION' 3 ? ? ? ? ? 3 TORSIONAL ? C 384 14.695 ? 1 
'X-RAY DIFFRACTION' 4 ? ? ? ? ? 4 TORSIONAL ? D 384 14.695 ? 1 
# 
loop_
_refine_ls_shell.pdbx_refine_id 
_refine_ls_shell.d_res_high 
_refine_ls_shell.d_res_low 
_refine_ls_shell.number_reflns_all 
_refine_ls_shell.number_reflns_obs 
_refine_ls_shell.number_reflns_R_free 
_refine_ls_shell.number_reflns_R_work 
_refine_ls_shell.percent_reflns_obs 
_refine_ls_shell.percent_reflns_R_free 
_refine_ls_shell.R_factor_all 
_refine_ls_shell.R_factor_obs 
_refine_ls_shell.R_factor_R_free 
_refine_ls_shell.R_factor_R_free_error 
_refine_ls_shell.R_factor_R_work 
_refine_ls_shell.redundancy_reflns_all 
_refine_ls_shell.redundancy_reflns_obs 
_refine_ls_shell.wR_factor_all 
_refine_ls_shell.wR_factor_obs 
_refine_ls_shell.wR_factor_R_free 
_refine_ls_shell.wR_factor_R_work 
_refine_ls_shell.pdbx_R_complete 
_refine_ls_shell.pdbx_total_number_of_bins_used 
_refine_ls_shell.pdbx_phase_error 
_refine_ls_shell.pdbx_fsc_work 
_refine_ls_shell.pdbx_fsc_free 
'X-RAY DIFFRACTION' 1.5000 1.5200  1345 . 138 1207 95.0000  . . . 0.1535 0.0000 0.1627 . . . . . . . 19 . . . 
'X-RAY DIFFRACTION' 1.5200 1.5500  1400 . 139 1261 100.0000 . . . 0.1795 0.0000 0.1311 . . . . . . . 19 . . . 
'X-RAY DIFFRACTION' 1.5500 1.5900  1374 . 137 1237 100.0000 . . . 0.1958 0.0000 0.1258 . . . . . . . 19 . . . 
'X-RAY DIFFRACTION' 1.5900 1.6200  1377 . 139 1238 98.0000  . . . 0.1415 0.0000 0.1233 . . . . . . . 19 . . . 
'X-RAY DIFFRACTION' 1.6200 1.6600  1401 . 139 1262 100.0000 . . . 0.1660 0.0000 0.1247 . . . . . . . 19 . . . 
'X-RAY DIFFRACTION' 1.6600 1.7000  1378 . 137 1241 100.0000 . . . 0.1459 0.0000 0.1209 . . . . . . . 19 . . . 
'X-RAY DIFFRACTION' 1.7000 1.7400  1430 . 141 1289 100.0000 . . . 0.1343 0.0000 0.1100 . . . . . . . 19 . . . 
'X-RAY DIFFRACTION' 1.7400 1.8000  1359 . 139 1220 100.0000 . . . 0.1357 0.0000 0.1166 . . . . . . . 19 . . . 
'X-RAY DIFFRACTION' 1.8000 1.8500  1371 . 133 1238 100.0000 . . . 0.1385 0.0000 0.1224 . . . . . . . 19 . . . 
'X-RAY DIFFRACTION' 1.8500 1.9200  1422 . 147 1275 100.0000 . . . 0.1512 0.0000 0.1345 . . . . . . . 19 . . . 
'X-RAY DIFFRACTION' 1.9200 2.0000  1372 . 127 1245 99.0000  . . . 0.1552 0.0000 0.1258 . . . . . . . 19 . . . 
'X-RAY DIFFRACTION' 2.0000 2.0900  1369 . 134 1235 97.0000  . . . 0.1369 0.0000 0.1111 . . . . . . . 19 . . . 
'X-RAY DIFFRACTION' 2.0900 2.2000  1363 . 141 1222 98.0000  . . . 0.1179 0.0000 0.1095 . . . . . . . 19 . . . 
'X-RAY DIFFRACTION' 2.2000 2.3400  1379 . 141 1238 98.0000  . . . 0.1246 0.0000 0.1104 . . . . . . . 19 . . . 
'X-RAY DIFFRACTION' 2.3400 2.5200  1398 . 142 1256 99.0000  . . . 0.1043 0.0000 0.1045 . . . . . . . 19 . . . 
'X-RAY DIFFRACTION' 2.5200 2.7700  1379 . 136 1243 99.0000  . . . 0.1206 0.0000 0.1160 . . . . . . . 19 . . . 
'X-RAY DIFFRACTION' 2.7700 3.1700  1399 . 141 1258 100.0000 . . . 0.1536 0.0000 0.1471 . . . . . . . 19 . . . 
'X-RAY DIFFRACTION' 3.1700 3.9900  1386 . 144 1242 100.0000 . . . 0.1486 0.0000 0.1560 . . . . . . . 19 . . . 
'X-RAY DIFFRACTION' 3.9900 32.0700 1381 . 144 1237 98.0000  . . . 0.1314 0.0000 0.1248 . . . . . . . 19 . . . 
# 
loop_
_struct_ncs_dom.pdbx_ens_id 
_struct_ncs_dom.id 
_struct_ncs_dom.details 
1 1 'chain A' 
1 2 'chain B' 
1 3 'chain C' 
1 4 'chain D' 
# 
loop_
_struct_ncs_dom_lim.pdbx_ens_id 
_struct_ncs_dom_lim.dom_id 
_struct_ncs_dom_lim.pdbx_component_id 
_struct_ncs_dom_lim.beg_label_asym_id 
_struct_ncs_dom_lim.beg_label_comp_id 
_struct_ncs_dom_lim.beg_label_seq_id 
_struct_ncs_dom_lim.beg_label_alt_id 
_struct_ncs_dom_lim.end_label_asym_id 
_struct_ncs_dom_lim.end_label_comp_id 
_struct_ncs_dom_lim.end_label_seq_id 
_struct_ncs_dom_lim.end_label_alt_id 
_struct_ncs_dom_lim.beg_auth_asym_id 
_struct_ncs_dom_lim.beg_auth_comp_id 
_struct_ncs_dom_lim.beg_auth_seq_id 
_struct_ncs_dom_lim.end_auth_asym_id 
_struct_ncs_dom_lim.end_auth_comp_id 
_struct_ncs_dom_lim.end_auth_seq_id 
_struct_ncs_dom_lim.pdbx_refine_code 
_struct_ncs_dom_lim.selection_details 
1 1 1 A DC 1 . A DA 10 . A DC 1 A DA 10 ? 'chain A' 
1 2 1 B DC 1 . B DA 10 . B DC 1 B DA 10 ? 'chain B' 
1 3 1 C DC 1 . C DA 10 . C DC 1 C DA 10 ? 'chain C' 
1 4 1 D DC 1 . D DA 10 . D DC 1 D DA 10 ? 'chain D' 
# 
_struct_ncs_ens.id        1 
_struct_ncs_ens.details   ? 
# 
_struct.entry_id                     7BSE 
_struct.title                        'Crystal structure of a NIR-emitting DNA-stabilized Ag16 nanocluster (T5A mutant)' 
_struct.pdbx_model_details           ? 
_struct.pdbx_formula_weight          ? 
_struct.pdbx_formula_weight_method   ? 
_struct.pdbx_model_type_details      ? 
_struct.pdbx_CASP_flag               N 
# 
_struct_keywords.entry_id        7BSE 
_struct_keywords.text            'Nanocluster, Silver, DNA' 
_struct_keywords.pdbx_keywords   DNA 
# 
loop_
_struct_asym.id 
_struct_asym.pdbx_blank_PDB_chainid_flag 
_struct_asym.pdbx_modified 
_struct_asym.entity_id 
_struct_asym.details 
A  N N 1 ? 
B  N N 1 ? 
C  N N 1 ? 
D  N N 1 ? 
E  N N 2 ? 
F  N N 2 ? 
G  N N 2 ? 
H  N N 2 ? 
I  N N 2 ? 
J  N N 2 ? 
K  N N 2 ? 
L  N N 2 ? 
M  N N 2 ? 
N  N N 2 ? 
O  N N 2 ? 
P  N N 2 ? 
Q  N N 2 ? 
R  N N 2 ? 
S  N N 2 ? 
T  N N 2 ? 
U  N N 2 ? 
V  N N 2 ? 
W  N N 3 ? 
X  N N 3 ? 
Y  N N 3 ? 
Z  N N 3 ? 
AA N N 3 ? 
BA N N 2 ? 
CA N N 2 ? 
DA N N 2 ? 
EA N N 2 ? 
FA N N 2 ? 
GA N N 2 ? 
HA N N 2 ? 
IA N N 2 ? 
JA N N 2 ? 
KA N N 3 ? 
LA N N 3 ? 
MA N N 3 ? 
NA N N 2 ? 
OA N N 2 ? 
PA N N 2 ? 
QA N N 2 ? 
RA N N 2 ? 
SA N N 2 ? 
TA N N 2 ? 
UA N N 2 ? 
VA N N 2 ? 
WA N N 4 ? 
XA N N 4 ? 
YA N N 4 ? 
ZA N N 4 ? 
# 
loop_
_struct_conn.id 
_struct_conn.conn_type_id 
_struct_conn.pdbx_leaving_atom_flag 
_struct_conn.pdbx_PDB_id 
_struct_conn.ptnr1_label_asym_id 
_struct_conn.ptnr1_label_comp_id 
_struct_conn.ptnr1_label_seq_id 
_struct_conn.ptnr1_label_atom_id 
_struct_conn.pdbx_ptnr1_label_alt_id 
_struct_conn.pdbx_ptnr1_PDB_ins_code 
_struct_conn.pdbx_ptnr1_standard_comp_id 
_struct_conn.ptnr1_symmetry 
_struct_conn.ptnr2_label_asym_id 
_struct_conn.ptnr2_label_comp_id 
_struct_conn.ptnr2_label_seq_id 
_struct_conn.ptnr2_label_atom_id 
_struct_conn.pdbx_ptnr2_label_alt_id 
_struct_conn.pdbx_ptnr2_PDB_ins_code 
_struct_conn.ptnr1_auth_asym_id 
_struct_conn.ptnr1_auth_comp_id 
_struct_conn.ptnr1_auth_seq_id 
_struct_conn.ptnr2_auth_asym_id 
_struct_conn.ptnr2_auth_comp_id 
_struct_conn.ptnr2_auth_seq_id 
_struct_conn.ptnr2_symmetry 
_struct_conn.pdbx_ptnr3_label_atom_id 
_struct_conn.pdbx_ptnr3_label_seq_id 
_struct_conn.pdbx_ptnr3_label_comp_id 
_struct_conn.pdbx_ptnr3_label_asym_id 
_struct_conn.pdbx_ptnr3_label_alt_id 
_struct_conn.pdbx_ptnr3_PDB_ins_code 
_struct_conn.details 
_struct_conn.pdbx_dist_value 
_struct_conn.pdbx_value_order 
_struct_conn.pdbx_role 
metalc1   metalc ? ? A  DC  1 O2  ? ? ? 1_555 E  AG  . AG  ? ? A DC  1   A AG  101 1_555 ? ? ? ? ? ? ?               2.421 ? ? 
metalc2   metalc ? ? A  DC  1 N3  ? ? ? 1_555 I  AG  . AG  ? ? A DC  1   A AG  105 1_555 ? ? ? ? ? ? ?               2.298 ? ? 
metalc3   metalc ? ? A  DA  2 N1  ? ? ? 1_555 N  AG  . AG  ? ? A DA  2   B AG  101 1_555 ? ? ? ? ? ? ?               2.469 ? ? 
metalc4   metalc ? ? A  DC  3 N3  ? ? ? 1_555 E  AG  . AG  ? ? A DC  3   A AG  101 1_555 ? ? ? ? ? ? ?               2.272 ? ? 
metalc5   metalc ? ? A  DC  3 O2  ? ? ? 1_555 O  AG  . AG  ? ? A DC  3   B AG  102 1_555 ? ? ? ? ? ? ?               2.700 ? ? 
metalc6   metalc ? ? A  DC  4 N3  ? ? ? 1_555 F  AG  . AG  ? ? A DC  4   A AG  102 1_555 ? ? ? ? ? ? ?               2.408 ? ? 
metalc7   metalc ? ? A  DC  4 O2  ? ? ? 1_555 O  AG  . AG  ? ? A DC  4   B AG  102 1_555 ? ? ? ? ? ? ?               2.584 ? ? 
metalc8   metalc ? ? A  DC  4 O2  ? ? ? 1_555 P  AG  . AG  ? ? A DC  4   B AG  103 1_555 ? ? ? ? ? ? ?               2.593 ? ? 
metalc9   metalc ? ? A  DA  6 OP1 ? ? ? 1_555 H  AG  . AG  ? ? A DA  6   A AG  104 1_555 ? ? ? ? ? ? ?               2.371 ? ? 
metalc10  metalc ? ? A  DA  6 N7  ? ? ? 1_555 L  AG  . AG  ? ? A DA  6   A AG  108 1_555 ? ? ? ? ? ? ?               2.280 ? ? 
metalc11  metalc ? ? A  DA  6 OP2 ? ? ? 1_555 Q  AG  . AG  ? ? A DA  6   B AG  104 1_555 ? ? ? ? ? ? ?               2.432 ? ? 
metalc12  metalc ? ? A  DG  7 N7  ? ? ? 1_555 H  AG  . AG  ? ? A DG  7   A AG  104 1_555 ? ? ? ? ? ? ?               2.377 ? ? 
metalc13  metalc ? ? A  DG  7 O6  ? ? ? 1_555 L  AG  . AG  ? ? A DG  7   A AG  108 1_555 ? ? ? ? ? ? ?               2.285 ? ? 
metalc14  metalc ? ? A  DC  8 N3  ? ? ? 1_555 G  AG  . AG  ? ? A DC  8   A AG  103 1_555 ? ? ? ? ? ? ?               2.211 ? ? 
metalc15  metalc ? ? A  DC  8 O2  ? ? ? 1_555 K  AG  . AG  ? ? A DC  8   A AG  107 1_555 ? ? ? ? ? ? ?               2.677 ? ? 
metalc16  metalc ? ? A  DG  9 O6  ? ? ? 1_555 F  AG  . AG  ? ? A DG  9   A AG  102 1_555 ? ? ? ? ? ? ?               2.362 ? ? 
metalc17  metalc ? ? A  DG  9 N1  ? ? ? 1_555 J  AG  . AG  ? ? A DG  9   A AG  106 1_555 ? ? ? ? ? ? ?               2.288 ? ? 
metalc18  metalc ? ? I  AG  . AG  ? ? ? 1_555 B  DC  4 O2  ? ? A AG  105 B DC  4   1_555 ? ? ? ? ? ? ?               2.550 ? ? 
metalc19  metalc ? ? J  AG  . AG  ? ? ? 1_555 B  DC  4 O2  ? ? A AG  106 B DC  4   1_555 ? ? ? ? ? ? ?               2.649 ? ? 
metalc20  metalc ? ? L  AG  . AG  ? ? ? 1_555 B  DA  6 OP2 ? ? A AG  108 B DA  6   1_555 ? ? ? ? ? ? ?               2.358 ? ? 
metalc21  metalc ? ? WA HOH . O   ? ? ? 3_444 MA CA  . CA  ? ? A HOH 201 C CA  112 1_555 ? ? ? ? ? ? ?               2.438 ? ? 
metalc22  metalc ? ? B  DC  1 O2  ? ? ? 1_555 N  AG  . AG  ? ? B DC  1   B AG  101 1_555 ? ? ? ? ? ? ?               2.463 ? ? 
metalc23  metalc ? ? B  DC  1 N3  ? ? ? 1_555 O  AG  . AG  ? ? B DC  1   B AG  102 1_555 ? ? ? ? ? ? ?               2.296 ? ? 
metalc24  metalc ? ? B  DA  2 OP1 ? ? ? 1_555 AA CA  . CA  ? ? B DA  2   B CA  114 1_555 ? ? ? ? ? ? ?               2.326 ? ? 
metalc25  metalc ? ? B  DC  3 N3  ? ? ? 1_555 N  AG  . AG  ? ? B DC  3   B AG  101 1_555 ? ? ? ? ? ? ?               2.294 ? ? 
metalc26  metalc ? ? B  DC  3 OP2 ? ? ? 1_555 W  CA  . CA  ? ? B DC  3   B CA  110 1_555 ? ? ? ? ? ? ?               2.507 ? ? 
metalc27  metalc ? ? B  DC  4 N3  ? ? ? 1_555 R  AG  . AG  ? ? B DC  4   B AG  105 1_555 ? ? ? ? ? ? ?               2.436 ? ? 
metalc28  metalc ? ? B  DA  5 OP1 ? ? ? 1_555 Z  CA  . CA  ? ? B DA  5   B CA  113 1_555 ? ? ? ? ? ? ?               2.333 ? ? 
metalc29  metalc ? ? B  DA  5 OP2 ? ? ? 1_555 KA CA  . CA  ? ? B DA  5   C CA  110 1_555 ? ? ? ? ? ? ?               2.401 ? ? 
metalc30  metalc ? ? B  DA  6 N7  ? ? ? 1_555 Q  AG  . AG  ? ? B DA  6   B AG  104 1_555 ? ? ? ? ? ? ?               2.222 ? ? 
metalc31  metalc ? ? B  DA  6 OP1 ? ? ? 1_555 T  AG  . AG  ? ? B DA  6   B AG  107 1_555 ? ? ? ? ? ? ?               2.397 ? ? 
metalc32  metalc ? ? B  DG  7 O6  ? ? ? 1_555 Q  AG  . AG  ? ? B DG  7   B AG  104 1_555 ? ? ? ? ? ? ?               2.359 ? ? 
metalc33  metalc ? ? B  DG  7 N7  ? ? ? 1_555 T  AG  . AG  ? ? B DG  7   B AG  107 1_555 ? ? ? ? ? ? ?               2.339 ? ? 
metalc34  metalc ? ? B  DG  7 OP1 ? ? ? 1_555 W  CA  . CA  ? ? B DG  7   B CA  110 5_444 ? ? ? ? ? ? ?               2.260 ? ? 
metalc35  metalc ? ? B  DC  8 N3  ? ? ? 1_555 S  AG  . AG  ? ? B DC  8   B AG  106 1_555 ? ? ? ? ? ? ?               2.233 ? ? 
metalc36  metalc ? ? B  DC  8 O2  ? ? ? 1_555 U  AG  . AG  ? ? B DC  8   B AG  108 1_555 ? ? ? ? ? ? ?               2.568 ? ? 
metalc37  metalc ? ? B  DC  8 OP2 ? ? ? 1_555 X  CA  . CA  ? ? B DC  8   B CA  111 1_555 ? ? ? ? ? ? ?               2.283 ? ? 
metalc38  metalc ? ? B  DC  8 OP1 ? ? ? 1_555 Y  CA  . CA  ? ? B DC  8   B CA  112 1_555 ? ? ? ? ? ? ?               2.267 ? ? 
metalc39  metalc ? ? B  DG  9 N1  ? ? ? 1_555 P  AG  . AG  ? ? B DG  9   B AG  103 1_555 ? ? ? ? ? ? ?               2.240 ? ? 
metalc40  metalc ? ? B  DG  9 O6  ? ? ? 1_555 R  AG  . AG  ? ? B DG  9   B AG  105 1_555 ? ? ? ? ? ? ?               2.303 ? ? 
metalc41  metalc ? ? W  CA  . CA  ? ? ? 1_555 XA HOH . O   ? ? B CA  110 B HOH 228 5_454 ? ? ? ? ? ? ?               2.413 ? ? 
metalc42  metalc ? ? W  CA  . CA  ? ? ? 1_555 C  DC  3 OP2 ? ? B CA  110 C DC  3   1_555 ? ? ? ? ? ? ?               2.604 ? ? 
metalc43  metalc ? ? W  CA  . CA  ? ? ? 5_444 C  DG  7 OP1 ? ? B CA  110 C DG  7   1_555 ? ? ? ? ? ? ?               2.260 ? ? 
metalc44  metalc ? ? W  CA  . CA  ? ? ? 1_555 YA HOH . O   ? ? B CA  110 C HOH 210 1_555 ? ? ? ? ? ? ?               2.545 ? ? 
metalc45  metalc ? ? X  CA  . CA  ? ? ? 1_555 XA HOH . O   ? ? B CA  111 B HOH 205 1_555 ? ? ? ? ? ? ?               2.498 ? ? 
metalc46  metalc ? ? X  CA  . CA  ? ? ? 1_555 XA HOH . O   ? ? B CA  111 B HOH 215 1_555 ? ? ? ? ? ? ?               2.483 ? ? 
metalc47  metalc ? ? X  CA  . CA  ? ? ? 1_555 C  DA  5 OP2 ? ? B CA  111 C DA  5   1_555 ? ? ? ? ? ? ?               2.430 ? ? 
metalc48  metalc ? ? X  CA  . CA  ? ? ? 1_555 YA HOH . O   ? ? B CA  111 C HOH 223 1_555 ? ? ? ? ? ? ?               2.468 ? ? 
metalc49  metalc ? ? X  CA  . CA  ? ? ? 1_555 YA HOH . O   ? ? B CA  111 C HOH 225 1_555 ? ? ? ? ? ? ?               3.146 ? ? 
metalc50  metalc ? ? Y  CA  . CA  ? ? ? 1_555 C  DA  5 OP1 ? ? B CA  112 C DA  5   1_555 ? ? ? ? ? ? ?               2.347 ? ? 
metalc51  metalc ? ? Y  CA  . CA  ? ? ? 1_555 YA HOH . O   ? ? B CA  112 C HOH 225 1_555 ? ? ? ? ? ? ?               2.590 ? ? 
metalc52  metalc ? ? Y  CA  . CA  ? ? ? 1_555 YA HOH . O   ? ? B CA  112 C HOH 226 1_555 ? ? ? ? ? ? ?               2.481 ? ? 
metalc53  metalc ? ? Y  CA  . CA  ? ? ? 1_555 YA HOH . O   ? ? B CA  112 C HOH 230 1_555 ? ? ? ? ? ? ?               2.787 ? ? 
metalc54  metalc ? ? Z  CA  . CA  ? ? ? 1_555 XA HOH . O   ? ? B CA  113 B HOH 224 1_555 ? ? ? ? ? ? ?               2.627 ? ? 
metalc55  metalc ? ? Z  CA  . CA  ? ? ? 1_555 XA HOH . O   ? ? B CA  113 B HOH 225 1_555 ? ? ? ? ? ? ?               3.098 ? ? 
metalc56  metalc ? ? Z  CA  . CA  ? ? ? 1_555 C  DC  8 OP1 ? ? B CA  113 C DC  8   1_555 ? ? ? ? ? ? ?               2.334 ? ? 
metalc57  metalc ? ? AA CA  . CA  ? ? ? 1_555 XA HOH . O   ? ? B CA  114 B HOH 202 7_555 ? ? ? ? ? ? ?               2.414 ? ? 
metalc58  metalc ? ? AA CA  . CA  ? ? ? 1_555 XA HOH . O   ? ? B CA  114 B HOH 226 1_555 ? ? ? ? ? ? ?               2.439 ? ? 
metalc59  metalc ? ? AA CA  . CA  ? ? ? 1_555 YA HOH . O   ? ? B CA  114 C HOH 211 5_454 ? ? ? ? ? ? ?               2.339 ? ? 
metalc60  metalc ? ? AA CA  . CA  ? ? ? 1_555 YA HOH . O   ? ? B CA  114 C HOH 214 5_454 ? ? ? ? ? ? ?               2.393 ? ? 
metalc61  metalc ? ? XA HOH . O   ? ? ? 1_555 MA CA  . CA  ? ? B HOH 201 C CA  112 1_555 ? ? ? ? ? ? ?               2.639 ? ? 
metalc62  metalc ? ? XA HOH . O   ? ? ? 5_454 LA CA  . CA  ? ? B HOH 208 C CA  111 1_555 ? ? ? ? ? ? ?               2.292 ? ? 
metalc63  metalc ? ? XA HOH . O   ? ? ? 5_454 LA CA  . CA  ? ? B HOH 219 C CA  111 1_555 ? ? ? ? ? ? ?               2.414 ? ? 
metalc64  metalc ? ? XA HOH . O   ? ? ? 1_555 KA CA  . CA  ? ? B HOH 220 C CA  110 1_555 ? ? ? ? ? ? ?               2.477 ? ? 
metalc65  metalc ? ? XA HOH . O   ? ? ? 1_555 KA CA  . CA  ? ? B HOH 225 C CA  110 1_555 ? ? ? ? ? ? ?               2.622 ? ? 
metalc66  metalc ? ? XA HOH . O   ? ? ? 5_454 LA CA  . CA  ? ? B HOH 227 C CA  111 1_555 ? ? ? ? ? ? ?               2.675 ? ? 
metalc67  metalc ? ? C  DC  1 O2  ? ? ? 1_555 CA AG  . AG  ? ? C DC  1   C AG  102 1_555 ? ? ? ? ? ? ?               2.373 ? ? 
metalc68  metalc ? ? C  DC  1 N3  ? ? ? 1_555 GA AG  . AG  ? ? C DC  1   C AG  106 1_555 ? ? ? ? ? ? ?               2.250 ? ? 
metalc69  metalc ? ? C  DA  2 OP1 ? ? ? 1_555 LA CA  . CA  ? ? C DA  2   C CA  111 1_555 ? ? ? ? ? ? ?               2.326 ? ? 
metalc70  metalc ? ? C  DA  2 N1  ? ? ? 1_555 OA AG  . AG  ? ? C DA  2   D AG  102 1_555 ? ? ? ? ? ? ?               2.432 ? ? 
metalc71  metalc ? ? C  DC  3 N3  ? ? ? 1_555 CA AG  . AG  ? ? C DC  3   C AG  102 1_555 ? ? ? ? ? ? ?               2.239 ? ? 
metalc72  metalc ? ? C  DC  3 O2  ? ? ? 1_555 PA AG  . AG  ? ? C DC  3   D AG  103 1_555 ? ? ? ? ? ? ?               2.657 ? ? 
metalc73  metalc ? ? C  DC  4 N3  ? ? ? 1_555 DA AG  . AG  ? ? C DC  4   C AG  103 1_555 ? ? ? ? ? ? ?               2.380 ? ? 
metalc74  metalc ? ? C  DC  4 O2  ? ? ? 1_555 PA AG  . AG  ? ? C DC  4   D AG  103 1_555 ? ? ? ? ? ? ?               2.580 ? ? 
metalc75  metalc ? ? C  DC  4 O2  ? ? ? 1_555 QA AG  . AG  ? ? C DC  4   D AG  104 1_555 ? ? ? ? ? ? ?               2.574 ? ? 
metalc76  metalc ? ? C  DA  6 OP1 ? ? ? 1_555 FA AG  . AG  ? ? C DA  6   C AG  105 1_555 ? ? ? ? ? ? ?               2.360 ? ? 
metalc77  metalc ? ? C  DA  6 N7  ? ? ? 1_555 JA AG  . AG  ? ? C DA  6   C AG  109 1_555 ? ? ? ? ? ? ?               2.259 ? ? 
metalc78  metalc ? ? C  DA  6 OP2 ? ? ? 1_555 RA AG  . AG  ? ? C DA  6   D AG  105 1_555 ? ? ? ? ? ? ?               2.384 ? ? 
metalc79  metalc ? ? C  DG  7 N7  ? ? ? 1_555 FA AG  . AG  ? ? C DG  7   C AG  105 1_555 ? ? ? ? ? ? ?               2.305 ? ? 
metalc80  metalc ? ? C  DG  7 O6  ? ? ? 1_555 JA AG  . AG  ? ? C DG  7   C AG  109 1_555 ? ? ? ? ? ? ?               2.311 ? ? 
metalc81  metalc ? ? C  DC  8 N3  ? ? ? 1_555 EA AG  . AG  ? ? C DC  8   C AG  104 1_555 ? ? ? ? ? ? ?               2.223 ? ? 
metalc82  metalc ? ? C  DC  8 O2  ? ? ? 1_555 IA AG  . AG  ? ? C DC  8   C AG  108 1_555 ? ? ? ? ? ? ?               2.627 ? ? 
metalc83  metalc ? ? C  DC  8 OP2 ? ? ? 1_555 KA CA  . CA  ? ? C DC  8   C CA  110 1_555 ? ? ? ? ? ? ?               2.297 ? ? 
metalc84  metalc ? ? C  DG  9 O6  ? ? ? 1_555 DA AG  . AG  ? ? C DG  9   C AG  103 1_555 ? ? ? ? ? ? ?               2.302 ? ? 
metalc85  metalc ? ? C  DG  9 N1  ? ? ? 1_555 HA AG  . AG  ? ? C DG  9   C AG  107 1_555 ? ? ? ? ? ? ?               2.261 ? ? 
metalc86  metalc ? ? C  DG  9 OP1 ? ? ? 1_555 MA CA  . CA  ? ? C DG  9   C CA  112 1_555 ? ? ? ? ? ? ?               2.638 ? ? 
metalc87  metalc ? ? GA AG  . AG  ? ? ? 1_555 D  DC  4 O2  ? ? C AG  106 D DC  4   1_555 ? ? ? ? ? ? ?               2.581 ? ? 
metalc88  metalc ? ? HA AG  . AG  ? ? ? 1_555 D  DC  4 O2  ? ? C AG  107 D DC  4   1_555 ? ? ? ? ? ? ?               2.661 ? ? 
metalc89  metalc ? ? JA AG  . AG  ? ? ? 1_555 D  DA  6 OP2 ? ? C AG  109 D DA  6   1_555 ? ? ? ? ? ? ?               2.352 ? ? 
metalc90  metalc ? ? KA CA  . CA  ? ? ? 1_555 YA HOH . O   ? ? C CA  110 C HOH 219 1_555 ? ? ? ? ? ? ?               2.395 ? ? 
metalc91  metalc ? ? KA CA  . CA  ? ? ? 1_555 YA HOH . O   ? ? C CA  110 C HOH 229 1_555 ? ? ? ? ? ? ?               2.740 ? ? 
metalc92  metalc ? ? LA CA  . CA  ? ? ? 1_555 YA HOH . O   ? ? C CA  111 C HOH 222 1_555 ? ? ? ? ? ? ?               2.346 ? ? 
metalc93  metalc ? ? LA CA  . CA  ? ? ? 1_555 ZA HOH . O   ? ? C CA  111 D HOH 204 3_454 ? ? ? ? ? ? ?               3.024 ? ? 
metalc94  metalc ? ? D  DC  1 O2  ? ? ? 1_555 OA AG  . AG  ? ? D DC  1   D AG  102 1_555 ? ? ? ? ? ? ?               2.453 ? ? 
metalc95  metalc ? ? D  DC  1 N3  ? ? ? 1_555 PA AG  . AG  ? ? D DC  1   D AG  103 1_555 ? ? ? ? ? ? ?               2.274 ? ? 
metalc96  metalc ? ? D  DC  3 N3  ? ? ? 1_555 OA AG  . AG  ? ? D DC  3   D AG  102 1_555 ? ? ? ? ? ? ?               2.289 ? ? 
metalc97  metalc ? ? D  DC  4 N3  ? ? ? 1_555 SA AG  . AG  ? ? D DC  4   D AG  106 1_555 ? ? ? ? ? ? ?               2.435 ? ? 
metalc98  metalc ? ? D  DA  6 N7  ? ? ? 1_555 RA AG  . AG  ? ? D DA  6   D AG  105 1_555 ? ? ? ? ? ? ?               2.321 ? ? 
metalc99  metalc ? ? D  DA  6 OP1 ? ? ? 1_555 UA AG  . AG  ? ? D DA  6   D AG  108 1_555 ? ? ? ? ? ? ?               2.364 ? ? 
metalc100 metalc ? ? D  DG  7 O6  ? ? ? 1_555 RA AG  . AG  ? ? D DG  7   D AG  105 1_555 ? ? ? ? ? ? ?               2.286 ? ? 
metalc101 metalc ? ? D  DG  7 N7  ? ? ? 1_555 UA AG  . AG  ? ? D DG  7   D AG  108 1_555 ? ? ? ? ? ? ?               2.363 ? ? 
metalc102 metalc ? ? D  DC  8 N3  ? ? ? 1_555 TA AG  . AG  ? ? D DC  8   D AG  107 1_555 ? ? ? ? ? ? ?               2.259 ? ? 
metalc103 metalc ? ? D  DC  8 O2  ? ? ? 1_555 VA AG  . AG  ? ? D DC  8   D AG  109 1_555 ? ? ? ? ? ? ?               2.590 ? ? 
metalc104 metalc ? ? D  DG  9 N1  ? ? ? 1_555 QA AG  . AG  ? ? D DG  9   D AG  104 1_555 ? ? ? ? ? ? ?               2.229 ? ? 
metalc105 metalc ? ? D  DG  9 O6  ? ? ? 1_555 SA AG  . AG  ? ? D DG  9   D AG  106 1_555 ? ? ? ? ? ? ?               2.319 ? ? 
hydrog1   hydrog ? ? A  DC  1 O2  ? ? ? 1_555 A  DC  3 N4  ? ? A DC  1   A DC  3   1_555 ? ? ? ? ? ? 'DC-DC MISPAIR' ?     ? ? 
hydrog2   hydrog ? ? A  DC  1 N4  ? ? ? 1_555 B  DC  4 O2  ? ? A DC  1   B DC  4   1_555 ? ? ? ? ? ? 'DC-DC MISPAIR' ?     ? ? 
hydrog3   hydrog ? ? A  DA  2 N6  ? ? ? 1_555 B  DC  3 O2  ? ? A DA  2   B DC  3   1_555 ? ? ? ? ? ? 'DA-DC MISPAIR' ?     ? ? 
hydrog4   hydrog ? ? A  DC  4 N4  ? ? ? 1_555 A  DG  9 O6  ? ? A DC  4   A DG  9   1_555 ? ? ? ? ? ? 'DC-DG PAIR'    ?     ? ? 
hydrog5   hydrog ? ? A  DC  4 O2  ? ? ? 1_555 B  DC  1 N4  ? ? A DC  4   B DC  1   1_555 ? ? ? ? ? ? 'DC-DC MISPAIR' ?     ? ? 
hydrog6   hydrog ? ? A  DC  4 O2  ? ? ? 1_555 B  DG  9 N2  ? ? A DC  4   B DG  9   1_555 ? ? ? ? ? ? 'DC-DG PAIR'    ?     ? ? 
hydrog7   hydrog ? ? A  DG  9 N2  ? ? ? 1_555 B  DC  4 O2  ? ? A DG  9   B DC  4   1_555 ? ? ? ? ? ? 'DG-DC PAIR'    ?     ? ? 
hydrog8   hydrog ? ? B  DC  1 O2  ? ? ? 1_555 B  DC  3 N4  ? ? B DC  1   B DC  3   1_555 ? ? ? ? ? ? 'DC-DC MISPAIR' ?     ? ? 
hydrog9   hydrog ? ? B  DC  4 N4  ? ? ? 1_555 B  DG  9 O6  ? ? B DC  4   B DG  9   1_555 ? ? ? ? ? ? 'DC-DG PAIR'    ?     ? ? 
hydrog10  hydrog ? ? C  DC  1 O2  ? ? ? 1_555 C  DC  3 N4  ? ? C DC  1   C DC  3   1_555 ? ? ? ? ? ? 'DC-DC MISPAIR' ?     ? ? 
hydrog11  hydrog ? ? C  DC  1 N4  ? ? ? 1_555 D  DC  4 O2  ? ? C DC  1   D DC  4   1_555 ? ? ? ? ? ? 'DC-DC MISPAIR' ?     ? ? 
hydrog12  hydrog ? ? C  DA  2 N6  ? ? ? 1_555 D  DC  3 O2  ? ? C DA  2   D DC  3   1_555 ? ? ? ? ? ? 'DA-DC MISPAIR' ?     ? ? 
hydrog13  hydrog ? ? C  DC  4 N4  ? ? ? 1_555 C  DG  9 O6  ? ? C DC  4   C DG  9   1_555 ? ? ? ? ? ? 'DC-DG PAIR'    ?     ? ? 
hydrog14  hydrog ? ? C  DC  4 O2  ? ? ? 1_555 D  DC  1 N4  ? ? C DC  4   D DC  1   1_555 ? ? ? ? ? ? 'DC-DC MISPAIR' ?     ? ? 
hydrog15  hydrog ? ? C  DC  4 O2  ? ? ? 1_555 D  DG  9 N2  ? ? C DC  4   D DG  9   1_555 ? ? ? ? ? ? 'DC-DG PAIR'    ?     ? ? 
hydrog16  hydrog ? ? C  DG  9 N2  ? ? ? 1_555 D  DC  4 O2  ? ? C DG  9   D DC  4   1_555 ? ? ? ? ? ? 'DG-DC PAIR'    ?     ? ? 
hydrog17  hydrog ? ? D  DC  1 O2  ? ? ? 1_555 D  DC  3 N4  ? ? D DC  1   D DC  3   1_555 ? ? ? ? ? ? 'DC-DC MISPAIR' ?     ? ? 
hydrog18  hydrog ? ? D  DC  4 N4  ? ? ? 1_555 D  DG  9 O6  ? ? D DC  4   D DG  9   1_555 ? ? ? ? ? ? 'DC-DG PAIR'    ?     ? ? 
# 
loop_
_struct_conn_type.id 
_struct_conn_type.criteria 
_struct_conn_type.reference 
metalc ? ? 
hydrog ? ? 
# 
loop_
_struct_site.id 
_struct_site.pdbx_evidence_code 
_struct_site.pdbx_auth_asym_id 
_struct_site.pdbx_auth_comp_id 
_struct_site.pdbx_auth_seq_id 
_struct_site.pdbx_auth_ins_code 
_struct_site.pdbx_num_residues 
_struct_site.details 
AC1 Software A AG 101 ? 8  'binding site for residue AG A 101' 
AC2 Software A AG 102 ? 9  'binding site for residue AG A 102' 
AC3 Software A AG 103 ? 10 'binding site for residue AG A 103' 
AC4 Software A AG 104 ? 8  'binding site for residue AG A 104' 
AC5 Software A AG 105 ? 9  'binding site for residue AG A 105' 
AC6 Software A AG 106 ? 10 'binding site for residue AG A 106' 
AC7 Software A AG 107 ? 10 'binding site for residue AG A 107' 
AC8 Software A AG 108 ? 7  'binding site for residue AG A 108' 
AC9 Software A AG 109 ? 7  'binding site for residue AG A 109' 
AD1 Software B AG 101 ? 7  'binding site for residue AG B 101' 
AD2 Software B AG 102 ? 9  'binding site for residue AG B 102' 
AD3 Software B AG 103 ? 10 'binding site for residue AG B 103' 
AD4 Software B AG 104 ? 7  'binding site for residue AG B 104' 
AD5 Software B AG 105 ? 9  'binding site for residue AG B 105' 
AD6 Software B AG 106 ? 11 'binding site for residue AG B 106' 
AD7 Software B AG 107 ? 8  'binding site for residue AG B 107' 
AD8 Software B AG 108 ? 10 'binding site for residue AG B 108' 
AD9 Software B AG 109 ? 7  'binding site for residue AG B 109' 
AE1 Software B CA 110 ? 6  'binding site for residue CA B 110' 
AE2 Software B CA 111 ? 5  'binding site for residue CA B 111' 
AE3 Software B CA 112 ? 5  'binding site for residue CA B 112' 
AE4 Software B CA 113 ? 4  'binding site for residue CA B 113' 
AE5 Software B CA 114 ? 5  'binding site for residue CA B 114' 
AE6 Software C AG 101 ? 7  'binding site for residue AG C 101' 
AE7 Software C AG 102 ? 8  'binding site for residue AG C 102' 
AE8 Software C AG 103 ? 9  'binding site for residue AG C 103' 
AE9 Software C AG 104 ? 10 'binding site for residue AG C 104' 
AF1 Software C AG 105 ? 8  'binding site for residue AG C 105' 
AF2 Software C AG 106 ? 9  'binding site for residue AG C 106' 
AF3 Software C AG 107 ? 10 'binding site for residue AG C 107' 
AF4 Software C AG 108 ? 10 'binding site for residue AG C 108' 
AF5 Software C AG 109 ? 7  'binding site for residue AG C 109' 
AF6 Software C CA 110 ? 6  'binding site for residue CA C 110' 
AF7 Software C CA 111 ? 6  'binding site for residue CA C 111' 
AF8 Software C CA 112 ? 4  'binding site for residue CA C 112' 
AF9 Software D AG 101 ? 7  'binding site for residue AG D 101' 
AG1 Software D AG 102 ? 7  'binding site for residue AG D 102' 
AG2 Software D AG 103 ? 9  'binding site for residue AG D 103' 
AG3 Software D AG 104 ? 10 'binding site for residue AG D 104' 
AG4 Software D AG 105 ? 7  'binding site for residue AG D 105' 
AG5 Software D AG 106 ? 9  'binding site for residue AG D 106' 
AG6 Software D AG 107 ? 11 'binding site for residue AG D 107' 
AG7 Software D AG 108 ? 8  'binding site for residue AG D 108' 
AG8 Software D AG 109 ? 10 'binding site for residue AG D 109' 
# 
loop_
_struct_site_gen.id 
_struct_site_gen.site_id 
_struct_site_gen.pdbx_num_res 
_struct_site_gen.label_comp_id 
_struct_site_gen.label_asym_id 
_struct_site_gen.label_seq_id 
_struct_site_gen.pdbx_auth_ins_code 
_struct_site_gen.auth_comp_id 
_struct_site_gen.auth_asym_id 
_struct_site_gen.auth_seq_id 
_struct_site_gen.label_atom_id 
_struct_site_gen.label_alt_id 
_struct_site_gen.symmetry 
_struct_site_gen.details 
1   AC1 8  DC  A  1  ? DC  A 1   . ? 1_555 ? 
2   AC1 8  DA  A  2  ? DA  A 2   . ? 1_555 ? 
3   AC1 8  DC  A  3  ? DC  A 3   . ? 1_555 ? 
4   AC1 8  DG  A  9  ? DG  A 9   . ? 1_555 ? 
5   AC1 8  AG  F  .  ? AG  A 102 . ? 1_555 ? 
6   AC1 8  AG  I  .  ? AG  A 105 . ? 1_555 ? 
7   AC1 8  AG  N  .  ? AG  B 101 . ? 1_555 ? 
8   AC1 8  AG  O  .  ? AG  B 102 . ? 1_555 ? 
9   AC2 9  DC  A  4  ? DC  A 4   . ? 1_555 ? 
10  AC2 9  DG  A  9  ? DG  A 9   . ? 1_555 ? 
11  AC2 9  AG  E  .  ? AG  A 101 . ? 1_555 ? 
12  AC2 9  AG  G  .  ? AG  A 103 . ? 1_555 ? 
13  AC2 9  AG  I  .  ? AG  A 105 . ? 1_555 ? 
14  AC2 9  AG  J  .  ? AG  A 106 . ? 1_555 ? 
15  AC2 9  AG  O  .  ? AG  B 102 . ? 1_555 ? 
16  AC2 9  AG  P  .  ? AG  B 103 . ? 1_555 ? 
17  AC2 9  AG  R  .  ? AG  B 105 . ? 1_555 ? 
18  AC3 10 DC  A  4  ? DC  A 4   . ? 1_555 ? 
19  AC3 10 DC  A  8  ? DC  A 8   . ? 1_555 ? 
20  AC3 10 AG  F  .  ? AG  A 102 . ? 1_555 ? 
21  AC3 10 AG  H  .  ? AG  A 104 . ? 1_555 ? 
22  AC3 10 AG  J  .  ? AG  A 106 . ? 1_555 ? 
23  AC3 10 AG  K  .  ? AG  A 107 . ? 1_555 ? 
24  AC3 10 AG  M  .  ? AG  A 109 . ? 1_555 ? 
25  AC3 10 AG  P  .  ? AG  B 103 . ? 1_555 ? 
26  AC3 10 AG  S  .  ? AG  B 106 . ? 1_555 ? 
27  AC3 10 AG  U  .  ? AG  B 108 . ? 1_555 ? 
28  AC4 8  DA  A  6  ? DA  A 6   . ? 1_555 ? 
29  AC4 8  DG  A  7  ? DG  A 7   . ? 1_555 ? 
30  AC4 8  DC  A  8  ? DC  A 8   . ? 1_555 ? 
31  AC4 8  AG  G  .  ? AG  A 103 . ? 1_555 ? 
32  AC4 8  AG  K  .  ? AG  A 107 . ? 1_555 ? 
33  AC4 8  AG  L  .  ? AG  A 108 . ? 1_555 ? 
34  AC4 8  AG  Q  .  ? AG  B 104 . ? 1_555 ? 
35  AC4 8  AG  U  .  ? AG  B 108 . ? 1_555 ? 
36  AC5 9  DC  A  1  ? DC  A 1   . ? 1_555 ? 
37  AC5 9  DG  A  9  ? DG  A 9   . ? 1_555 ? 
38  AC5 9  AG  E  .  ? AG  A 101 . ? 1_555 ? 
39  AC5 9  AG  F  .  ? AG  A 102 . ? 1_555 ? 
40  AC5 9  AG  J  .  ? AG  A 106 . ? 1_555 ? 
41  AC5 9  DC  B  3  ? DC  B 3   . ? 1_555 ? 
42  AC5 9  DC  B  4  ? DC  B 4   . ? 1_555 ? 
43  AC5 9  AG  N  .  ? AG  B 101 . ? 1_555 ? 
44  AC5 9  AG  R  .  ? AG  B 105 . ? 1_555 ? 
45  AC6 10 DC  A  8  ? DC  A 8   . ? 1_555 ? 
46  AC6 10 DG  A  9  ? DG  A 9   . ? 1_555 ? 
47  AC6 10 AG  F  .  ? AG  A 102 . ? 1_555 ? 
48  AC6 10 AG  G  .  ? AG  A 103 . ? 1_555 ? 
49  AC6 10 AG  I  .  ? AG  A 105 . ? 1_555 ? 
50  AC6 10 AG  K  .  ? AG  A 107 . ? 1_555 ? 
51  AC6 10 DC  B  4  ? DC  B 4   . ? 1_555 ? 
52  AC6 10 AG  R  .  ? AG  B 105 . ? 1_555 ? 
53  AC6 10 AG  S  .  ? AG  B 106 . ? 1_555 ? 
54  AC6 10 AG  V  .  ? AG  B 109 . ? 1_555 ? 
55  AC7 10 DG  A  7  ? DG  A 7   . ? 1_555 ? 
56  AC7 10 DC  A  8  ? DC  A 8   . ? 1_555 ? 
57  AC7 10 AG  G  .  ? AG  A 103 . ? 1_555 ? 
58  AC7 10 AG  H  .  ? AG  A 104 . ? 1_555 ? 
59  AC7 10 AG  J  .  ? AG  A 106 . ? 1_555 ? 
60  AC7 10 AG  L  .  ? AG  A 108 . ? 1_555 ? 
61  AC7 10 AG  S  .  ? AG  B 106 . ? 1_555 ? 
62  AC7 10 AG  T  .  ? AG  B 107 . ? 1_555 ? 
63  AC7 10 AG  U  .  ? AG  B 108 . ? 1_555 ? 
64  AC7 10 AG  V  .  ? AG  B 109 . ? 1_555 ? 
65  AC8 7  DA  A  6  ? DA  A 6   . ? 1_555 ? 
66  AC8 7  DG  A  7  ? DG  A 7   . ? 1_555 ? 
67  AC8 7  AG  H  .  ? AG  A 104 . ? 1_555 ? 
68  AC8 7  AG  K  .  ? AG  A 107 . ? 1_555 ? 
69  AC8 7  DA  B  6  ? DA  B 6   . ? 1_555 ? 
70  AC8 7  AG  Q  .  ? AG  B 104 . ? 1_555 ? 
71  AC8 7  AG  T  .  ? AG  B 107 . ? 1_555 ? 
72  AC9 7  DC  A  4  ? DC  A 4   . ? 1_555 ? 
73  AC9 7  DA  A  6  ? DA  A 6   . ? 1_555 ? 
74  AC9 7  DC  A  8  ? DC  A 8   . ? 1_555 ? 
75  AC9 7  AG  G  .  ? AG  A 103 . ? 1_555 ? 
76  AC9 7  DG  B  9  ? DG  B 9   . ? 1_555 ? 
77  AC9 7  AG  P  .  ? AG  B 103 . ? 1_555 ? 
78  AC9 7  AG  U  .  ? AG  B 108 . ? 1_555 ? 
79  AD1 7  DA  A  2  ? DA  A 2   . ? 1_555 ? 
80  AD1 7  AG  E  .  ? AG  A 101 . ? 1_555 ? 
81  AD1 7  AG  I  .  ? AG  A 105 . ? 1_555 ? 
82  AD1 7  DC  B  1  ? DC  B 1   . ? 1_555 ? 
83  AD1 7  DC  B  3  ? DC  B 3   . ? 1_555 ? 
84  AD1 7  AG  O  .  ? AG  B 102 . ? 1_555 ? 
85  AD1 7  AG  R  .  ? AG  B 105 . ? 1_555 ? 
86  AD2 9  DC  A  3  ? DC  A 3   . ? 1_555 ? 
87  AD2 9  DC  A  4  ? DC  A 4   . ? 1_555 ? 
88  AD2 9  AG  E  .  ? AG  A 101 . ? 1_555 ? 
89  AD2 9  AG  F  .  ? AG  A 102 . ? 1_555 ? 
90  AD2 9  DC  B  1  ? DC  B 1   . ? 1_555 ? 
91  AD2 9  DG  B  9  ? DG  B 9   . ? 1_555 ? 
92  AD2 9  AG  N  .  ? AG  B 101 . ? 1_555 ? 
93  AD2 9  AG  P  .  ? AG  B 103 . ? 1_555 ? 
94  AD2 9  AG  R  .  ? AG  B 105 . ? 1_555 ? 
95  AD3 10 DC  A  4  ? DC  A 4   . ? 1_555 ? 
96  AD3 10 AG  F  .  ? AG  A 102 . ? 1_555 ? 
97  AD3 10 AG  G  .  ? AG  A 103 . ? 1_555 ? 
98  AD3 10 AG  M  .  ? AG  A 109 . ? 1_555 ? 
99  AD3 10 DC  B  8  ? DC  B 8   . ? 1_555 ? 
100 AD3 10 DG  B  9  ? DG  B 9   . ? 1_555 ? 
101 AD3 10 AG  O  .  ? AG  B 102 . ? 1_555 ? 
102 AD3 10 AG  R  .  ? AG  B 105 . ? 1_555 ? 
103 AD3 10 AG  S  .  ? AG  B 106 . ? 1_555 ? 
104 AD3 10 AG  U  .  ? AG  B 108 . ? 1_555 ? 
105 AD4 7  DA  A  6  ? DA  A 6   . ? 1_555 ? 
106 AD4 7  AG  H  .  ? AG  A 104 . ? 1_555 ? 
107 AD4 7  AG  L  .  ? AG  A 108 . ? 1_555 ? 
108 AD4 7  DA  B  6  ? DA  B 6   . ? 1_555 ? 
109 AD4 7  DG  B  7  ? DG  B 7   . ? 1_555 ? 
110 AD4 7  AG  T  .  ? AG  B 107 . ? 1_555 ? 
111 AD4 7  AG  U  .  ? AG  B 108 . ? 1_555 ? 
112 AD5 9  AG  F  .  ? AG  A 102 . ? 1_555 ? 
113 AD5 9  AG  I  .  ? AG  A 105 . ? 1_555 ? 
114 AD5 9  AG  J  .  ? AG  A 106 . ? 1_555 ? 
115 AD5 9  DC  B  4  ? DC  B 4   . ? 1_555 ? 
116 AD5 9  DG  B  9  ? DG  B 9   . ? 1_555 ? 
117 AD5 9  AG  N  .  ? AG  B 101 . ? 1_555 ? 
118 AD5 9  AG  O  .  ? AG  B 102 . ? 1_555 ? 
119 AD5 9  AG  P  .  ? AG  B 103 . ? 1_555 ? 
120 AD5 9  AG  S  .  ? AG  B 106 . ? 1_555 ? 
121 AD6 11 AG  G  .  ? AG  A 103 . ? 1_555 ? 
122 AD6 11 AG  J  .  ? AG  A 106 . ? 1_555 ? 
123 AD6 11 AG  K  .  ? AG  A 107 . ? 1_555 ? 
124 AD6 11 DC  B  4  ? DC  B 4   . ? 1_555 ? 
125 AD6 11 DC  B  8  ? DC  B 8   . ? 1_555 ? 
126 AD6 11 DG  B  9  ? DG  B 9   . ? 1_555 ? 
127 AD6 11 AG  P  .  ? AG  B 103 . ? 1_555 ? 
128 AD6 11 AG  R  .  ? AG  B 105 . ? 1_555 ? 
129 AD6 11 AG  T  .  ? AG  B 107 . ? 1_555 ? 
130 AD6 11 AG  U  .  ? AG  B 108 . ? 1_555 ? 
131 AD6 11 AG  V  .  ? AG  B 109 . ? 1_555 ? 
132 AD7 8  AG  K  .  ? AG  A 107 . ? 1_555 ? 
133 AD7 8  AG  L  .  ? AG  A 108 . ? 1_555 ? 
134 AD7 8  DA  B  6  ? DA  B 6   . ? 1_555 ? 
135 AD7 8  DG  B  7  ? DG  B 7   . ? 1_555 ? 
136 AD7 8  DC  B  8  ? DC  B 8   . ? 1_555 ? 
137 AD7 8  AG  Q  .  ? AG  B 104 . ? 1_555 ? 
138 AD7 8  AG  S  .  ? AG  B 106 . ? 1_555 ? 
139 AD7 8  AG  U  .  ? AG  B 108 . ? 1_555 ? 
140 AD8 10 AG  G  .  ? AG  A 103 . ? 1_555 ? 
141 AD8 10 AG  H  .  ? AG  A 104 . ? 1_555 ? 
142 AD8 10 AG  K  .  ? AG  A 107 . ? 1_555 ? 
143 AD8 10 AG  M  .  ? AG  A 109 . ? 1_555 ? 
144 AD8 10 DG  B  7  ? DG  B 7   . ? 1_555 ? 
145 AD8 10 DC  B  8  ? DC  B 8   . ? 1_555 ? 
146 AD8 10 AG  P  .  ? AG  B 103 . ? 1_555 ? 
147 AD8 10 AG  Q  .  ? AG  B 104 . ? 1_555 ? 
148 AD8 10 AG  S  .  ? AG  B 106 . ? 1_555 ? 
149 AD8 10 AG  T  .  ? AG  B 107 . ? 1_555 ? 
150 AD9 7  DG  A  9  ? DG  A 9   . ? 1_555 ? 
151 AD9 7  AG  J  .  ? AG  A 106 . ? 1_555 ? 
152 AD9 7  AG  K  .  ? AG  A 107 . ? 1_555 ? 
153 AD9 7  DC  B  4  ? DC  B 4   . ? 1_555 ? 
154 AD9 7  DA  B  6  ? DA  B 6   . ? 1_555 ? 
155 AD9 7  DC  B  8  ? DC  B 8   . ? 1_555 ? 
156 AD9 7  AG  S  .  ? AG  B 106 . ? 1_555 ? 
157 AE1 6  DC  B  3  ? DC  B 3   . ? 1_555 ? 
158 AE1 6  DG  B  7  ? DG  B 7   . ? 5_454 ? 
159 AE1 6  HOH XA .  ? HOH B 228 . ? 5_454 ? 
160 AE1 6  DC  C  3  ? DC  C 3   . ? 1_555 ? 
161 AE1 6  DG  C  7  ? DG  C 7   . ? 5_454 ? 
162 AE1 6  HOH YA .  ? HOH C 210 . ? 1_555 ? 
163 AE2 5  DC  B  8  ? DC  B 8   . ? 1_555 ? 
164 AE2 5  HOH XA .  ? HOH B 205 . ? 1_555 ? 
165 AE2 5  HOH XA .  ? HOH B 215 . ? 1_555 ? 
166 AE2 5  DA  C  5  ? DA  C 5   . ? 1_555 ? 
167 AE2 5  HOH YA .  ? HOH C 223 . ? 1_555 ? 
168 AE3 5  DC  B  8  ? DC  B 8   . ? 1_555 ? 
169 AE3 5  DA  C  5  ? DA  C 5   . ? 1_555 ? 
170 AE3 5  HOH YA .  ? HOH C 225 . ? 1_555 ? 
171 AE3 5  HOH YA .  ? HOH C 226 . ? 1_555 ? 
172 AE3 5  HOH YA .  ? HOH C 230 . ? 1_555 ? 
173 AE4 4  DA  B  5  ? DA  B 5   . ? 1_555 ? 
174 AE4 4  HOH XA .  ? HOH B 224 . ? 1_555 ? 
175 AE4 4  HOH XA .  ? HOH B 225 . ? 1_555 ? 
176 AE4 4  DC  C  8  ? DC  C 8   . ? 1_555 ? 
177 AE5 5  DA  B  2  ? DA  B 2   . ? 1_555 ? 
178 AE5 5  HOH XA .  ? HOH B 202 . ? 7_555 ? 
179 AE5 5  HOH XA .  ? HOH B 226 . ? 1_555 ? 
180 AE5 5  HOH YA .  ? HOH C 211 . ? 5_454 ? 
181 AE5 5  HOH YA .  ? HOH C 214 . ? 5_454 ? 
182 AE6 7  DC  C  4  ? DC  C 4   . ? 1_555 ? 
183 AE6 7  DA  C  6  ? DA  C 6   . ? 1_555 ? 
184 AE6 7  DC  C  8  ? DC  C 8   . ? 1_555 ? 
185 AE6 7  AG  EA .  ? AG  C 104 . ? 1_555 ? 
186 AE6 7  DG  D  9  ? DG  D 9   . ? 1_555 ? 
187 AE6 7  AG  QA .  ? AG  D 104 . ? 1_555 ? 
188 AE6 7  AG  VA .  ? AG  D 109 . ? 1_555 ? 
189 AE7 8  DC  C  1  ? DC  C 1   . ? 1_555 ? 
190 AE7 8  DA  C  2  ? DA  C 2   . ? 1_555 ? 
191 AE7 8  DC  C  3  ? DC  C 3   . ? 1_555 ? 
192 AE7 8  DG  C  9  ? DG  C 9   . ? 1_555 ? 
193 AE7 8  AG  DA .  ? AG  C 103 . ? 1_555 ? 
194 AE7 8  AG  GA .  ? AG  C 106 . ? 1_555 ? 
195 AE7 8  AG  OA .  ? AG  D 102 . ? 1_555 ? 
196 AE7 8  AG  PA .  ? AG  D 103 . ? 1_555 ? 
197 AE8 9  DC  C  4  ? DC  C 4   . ? 1_555 ? 
198 AE8 9  DG  C  9  ? DG  C 9   . ? 1_555 ? 
199 AE8 9  AG  CA .  ? AG  C 102 . ? 1_555 ? 
200 AE8 9  AG  EA .  ? AG  C 104 . ? 1_555 ? 
201 AE8 9  AG  GA .  ? AG  C 106 . ? 1_555 ? 
202 AE8 9  AG  HA .  ? AG  C 107 . ? 1_555 ? 
203 AE8 9  AG  PA .  ? AG  D 103 . ? 1_555 ? 
204 AE8 9  AG  QA .  ? AG  D 104 . ? 1_555 ? 
205 AE8 9  AG  SA .  ? AG  D 106 . ? 1_555 ? 
206 AE9 10 DC  C  4  ? DC  C 4   . ? 1_555 ? 
207 AE9 10 DC  C  8  ? DC  C 8   . ? 1_555 ? 
208 AE9 10 AG  BA .  ? AG  C 101 . ? 1_555 ? 
209 AE9 10 AG  DA .  ? AG  C 103 . ? 1_555 ? 
210 AE9 10 AG  FA .  ? AG  C 105 . ? 1_555 ? 
211 AE9 10 AG  HA .  ? AG  C 107 . ? 1_555 ? 
212 AE9 10 AG  IA .  ? AG  C 108 . ? 1_555 ? 
213 AE9 10 AG  QA .  ? AG  D 104 . ? 1_555 ? 
214 AE9 10 AG  TA .  ? AG  D 107 . ? 1_555 ? 
215 AE9 10 AG  VA .  ? AG  D 109 . ? 1_555 ? 
216 AF1 8  DA  C  6  ? DA  C 6   . ? 1_555 ? 
217 AF1 8  DG  C  7  ? DG  C 7   . ? 1_555 ? 
218 AF1 8  DC  C  8  ? DC  C 8   . ? 1_555 ? 
219 AF1 8  AG  EA .  ? AG  C 104 . ? 1_555 ? 
220 AF1 8  AG  IA .  ? AG  C 108 . ? 1_555 ? 
221 AF1 8  AG  JA .  ? AG  C 109 . ? 1_555 ? 
222 AF1 8  AG  RA .  ? AG  D 105 . ? 1_555 ? 
223 AF1 8  AG  VA .  ? AG  D 109 . ? 1_555 ? 
224 AF2 9  DC  C  1  ? DC  C 1   . ? 1_555 ? 
225 AF2 9  DG  C  9  ? DG  C 9   . ? 1_555 ? 
226 AF2 9  AG  CA .  ? AG  C 102 . ? 1_555 ? 
227 AF2 9  AG  DA .  ? AG  C 103 . ? 1_555 ? 
228 AF2 9  AG  HA .  ? AG  C 107 . ? 1_555 ? 
229 AF2 9  DC  D  3  ? DC  D 3   . ? 1_555 ? 
230 AF2 9  DC  D  4  ? DC  D 4   . ? 1_555 ? 
231 AF2 9  AG  OA .  ? AG  D 102 . ? 1_555 ? 
232 AF2 9  AG  SA .  ? AG  D 106 . ? 1_555 ? 
233 AF3 10 DC  C  8  ? DC  C 8   . ? 1_555 ? 
234 AF3 10 DG  C  9  ? DG  C 9   . ? 1_555 ? 
235 AF3 10 AG  DA .  ? AG  C 103 . ? 1_555 ? 
236 AF3 10 AG  EA .  ? AG  C 104 . ? 1_555 ? 
237 AF3 10 AG  GA .  ? AG  C 106 . ? 1_555 ? 
238 AF3 10 AG  IA .  ? AG  C 108 . ? 1_555 ? 
239 AF3 10 DC  D  4  ? DC  D 4   . ? 1_555 ? 
240 AF3 10 AG  NA .  ? AG  D 101 . ? 1_555 ? 
241 AF3 10 AG  SA .  ? AG  D 106 . ? 1_555 ? 
242 AF3 10 AG  TA .  ? AG  D 107 . ? 1_555 ? 
243 AF4 10 DG  C  7  ? DG  C 7   . ? 1_555 ? 
244 AF4 10 DC  C  8  ? DC  C 8   . ? 1_555 ? 
245 AF4 10 AG  EA .  ? AG  C 104 . ? 1_555 ? 
246 AF4 10 AG  FA .  ? AG  C 105 . ? 1_555 ? 
247 AF4 10 AG  HA .  ? AG  C 107 . ? 1_555 ? 
248 AF4 10 AG  JA .  ? AG  C 109 . ? 1_555 ? 
249 AF4 10 AG  NA .  ? AG  D 101 . ? 1_555 ? 
250 AF4 10 AG  TA .  ? AG  D 107 . ? 1_555 ? 
251 AF4 10 AG  UA .  ? AG  D 108 . ? 1_555 ? 
252 AF4 10 AG  VA .  ? AG  D 109 . ? 1_555 ? 
253 AF5 7  DA  C  6  ? DA  C 6   . ? 1_555 ? 
254 AF5 7  DG  C  7  ? DG  C 7   . ? 1_555 ? 
255 AF5 7  AG  FA .  ? AG  C 105 . ? 1_555 ? 
256 AF5 7  AG  IA .  ? AG  C 108 . ? 1_555 ? 
257 AF5 7  DA  D  6  ? DA  D 6   . ? 1_555 ? 
258 AF5 7  AG  RA .  ? AG  D 105 . ? 1_555 ? 
259 AF5 7  AG  UA .  ? AG  D 108 . ? 1_555 ? 
260 AF6 6  DA  B  5  ? DA  B 5   . ? 1_555 ? 
261 AF6 6  HOH XA .  ? HOH B 220 . ? 1_555 ? 
262 AF6 6  HOH XA .  ? HOH B 225 . ? 1_555 ? 
263 AF6 6  DC  C  8  ? DC  C 8   . ? 1_555 ? 
264 AF6 6  HOH YA .  ? HOH C 219 . ? 1_555 ? 
265 AF6 6  HOH YA .  ? HOH C 229 . ? 1_555 ? 
266 AF7 6  HOH XA .  ? HOH B 208 . ? 5_454 ? 
267 AF7 6  HOH XA .  ? HOH B 219 . ? 5_454 ? 
268 AF7 6  HOH XA .  ? HOH B 227 . ? 5_454 ? 
269 AF7 6  DA  C  2  ? DA  C 2   . ? 1_555 ? 
270 AF7 6  HOH YA .  ? HOH C 222 . ? 1_555 ? 
271 AF7 6  HOH ZA .  ? HOH D 204 . ? 3_454 ? 
272 AF8 4  HOH WA .  ? HOH A 201 . ? 3_444 ? 
273 AF8 4  HOH XA .  ? HOH B 201 . ? 1_555 ? 
274 AF8 4  DG  C  9  ? DG  C 9   . ? 1_555 ? 
275 AF8 4  DA  C  10 ? DA  C 10  . ? 1_555 ? 
276 AF9 7  DG  C  9  ? DG  C 9   . ? 1_555 ? 
277 AF9 7  AG  HA .  ? AG  C 107 . ? 1_555 ? 
278 AF9 7  AG  IA .  ? AG  C 108 . ? 1_555 ? 
279 AF9 7  DC  D  4  ? DC  D 4   . ? 1_555 ? 
280 AF9 7  DA  D  6  ? DA  D 6   . ? 1_555 ? 
281 AF9 7  DC  D  8  ? DC  D 8   . ? 1_555 ? 
282 AF9 7  AG  TA .  ? AG  D 107 . ? 1_555 ? 
283 AG1 7  DA  C  2  ? DA  C 2   . ? 1_555 ? 
284 AG1 7  AG  CA .  ? AG  C 102 . ? 1_555 ? 
285 AG1 7  AG  GA .  ? AG  C 106 . ? 1_555 ? 
286 AG1 7  DC  D  1  ? DC  D 1   . ? 1_555 ? 
287 AG1 7  DC  D  3  ? DC  D 3   . ? 1_555 ? 
288 AG1 7  AG  PA .  ? AG  D 103 . ? 1_555 ? 
289 AG1 7  AG  SA .  ? AG  D 106 . ? 1_555 ? 
290 AG2 9  DC  C  3  ? DC  C 3   . ? 1_555 ? 
291 AG2 9  DC  C  4  ? DC  C 4   . ? 1_555 ? 
292 AG2 9  AG  CA .  ? AG  C 102 . ? 1_555 ? 
293 AG2 9  AG  DA .  ? AG  C 103 . ? 1_555 ? 
294 AG2 9  DC  D  1  ? DC  D 1   . ? 1_555 ? 
295 AG2 9  DG  D  9  ? DG  D 9   . ? 1_555 ? 
296 AG2 9  AG  OA .  ? AG  D 102 . ? 1_555 ? 
297 AG2 9  AG  QA .  ? AG  D 104 . ? 1_555 ? 
298 AG2 9  AG  SA .  ? AG  D 106 . ? 1_555 ? 
299 AG3 10 DC  C  4  ? DC  C 4   . ? 1_555 ? 
300 AG3 10 AG  BA .  ? AG  C 101 . ? 1_555 ? 
301 AG3 10 AG  DA .  ? AG  C 103 . ? 1_555 ? 
302 AG3 10 AG  EA .  ? AG  C 104 . ? 1_555 ? 
303 AG3 10 DC  D  8  ? DC  D 8   . ? 1_555 ? 
304 AG3 10 DG  D  9  ? DG  D 9   . ? 1_555 ? 
305 AG3 10 AG  PA .  ? AG  D 103 . ? 1_555 ? 
306 AG3 10 AG  SA .  ? AG  D 106 . ? 1_555 ? 
307 AG3 10 AG  TA .  ? AG  D 107 . ? 1_555 ? 
308 AG3 10 AG  VA .  ? AG  D 109 . ? 1_555 ? 
309 AG4 7  DA  C  6  ? DA  C 6   . ? 1_555 ? 
310 AG4 7  AG  FA .  ? AG  C 105 . ? 1_555 ? 
311 AG4 7  AG  JA .  ? AG  C 109 . ? 1_555 ? 
312 AG4 7  DA  D  6  ? DA  D 6   . ? 1_555 ? 
313 AG4 7  DG  D  7  ? DG  D 7   . ? 1_555 ? 
314 AG4 7  AG  UA .  ? AG  D 108 . ? 1_555 ? 
315 AG4 7  AG  VA .  ? AG  D 109 . ? 1_555 ? 
316 AG5 9  AG  DA .  ? AG  C 103 . ? 1_555 ? 
317 AG5 9  AG  GA .  ? AG  C 106 . ? 1_555 ? 
318 AG5 9  AG  HA .  ? AG  C 107 . ? 1_555 ? 
319 AG5 9  DC  D  4  ? DC  D 4   . ? 1_555 ? 
320 AG5 9  DG  D  9  ? DG  D 9   . ? 1_555 ? 
321 AG5 9  AG  OA .  ? AG  D 102 . ? 1_555 ? 
322 AG5 9  AG  PA .  ? AG  D 103 . ? 1_555 ? 
323 AG5 9  AG  QA .  ? AG  D 104 . ? 1_555 ? 
324 AG5 9  AG  TA .  ? AG  D 107 . ? 1_555 ? 
325 AG6 11 AG  EA .  ? AG  C 104 . ? 1_555 ? 
326 AG6 11 AG  HA .  ? AG  C 107 . ? 1_555 ? 
327 AG6 11 AG  IA .  ? AG  C 108 . ? 1_555 ? 
328 AG6 11 DC  D  4  ? DC  D 4   . ? 1_555 ? 
329 AG6 11 DC  D  8  ? DC  D 8   . ? 1_555 ? 
330 AG6 11 DG  D  9  ? DG  D 9   . ? 1_555 ? 
331 AG6 11 AG  NA .  ? AG  D 101 . ? 1_555 ? 
332 AG6 11 AG  QA .  ? AG  D 104 . ? 1_555 ? 
333 AG6 11 AG  SA .  ? AG  D 106 . ? 1_555 ? 
334 AG6 11 AG  UA .  ? AG  D 108 . ? 1_555 ? 
335 AG6 11 AG  VA .  ? AG  D 109 . ? 1_555 ? 
336 AG7 8  AG  IA .  ? AG  C 108 . ? 1_555 ? 
337 AG7 8  AG  JA .  ? AG  C 109 . ? 1_555 ? 
338 AG7 8  DA  D  6  ? DA  D 6   . ? 1_555 ? 
339 AG7 8  DG  D  7  ? DG  D 7   . ? 1_555 ? 
340 AG7 8  DC  D  8  ? DC  D 8   . ? 1_555 ? 
341 AG7 8  AG  RA .  ? AG  D 105 . ? 1_555 ? 
342 AG7 8  AG  TA .  ? AG  D 107 . ? 1_555 ? 
343 AG7 8  AG  VA .  ? AG  D 109 . ? 1_555 ? 
344 AG8 10 AG  BA .  ? AG  C 101 . ? 1_555 ? 
345 AG8 10 AG  EA .  ? AG  C 104 . ? 1_555 ? 
346 AG8 10 AG  FA .  ? AG  C 105 . ? 1_555 ? 
347 AG8 10 AG  IA .  ? AG  C 108 . ? 1_555 ? 
348 AG8 10 DG  D  7  ? DG  D 7   . ? 1_555 ? 
349 AG8 10 DC  D  8  ? DC  D 8   . ? 1_555 ? 
350 AG8 10 AG  QA .  ? AG  D 104 . ? 1_555 ? 
351 AG8 10 AG  RA .  ? AG  D 105 . ? 1_555 ? 
352 AG8 10 AG  TA .  ? AG  D 107 . ? 1_555 ? 
353 AG8 10 AG  UA .  ? AG  D 108 . ? 1_555 ? 
# 
_atom_sites.entry_id                    7BSE 
_atom_sites.Cartn_transf_matrix[1][1]   ? 
_atom_sites.Cartn_transf_matrix[1][2]   ? 
_atom_sites.Cartn_transf_matrix[1][3]   ? 
_atom_sites.Cartn_transf_matrix[2][1]   ? 
_atom_sites.Cartn_transf_matrix[2][2]   ? 
_atom_sites.Cartn_transf_matrix[2][3]   ? 
_atom_sites.Cartn_transf_matrix[3][1]   ? 
_atom_sites.Cartn_transf_matrix[3][2]   ? 
_atom_sites.Cartn_transf_matrix[3][3]   ? 
_atom_sites.Cartn_transf_vector[1]      ? 
_atom_sites.Cartn_transf_vector[2]      ? 
_atom_sites.Cartn_transf_vector[3]      ? 
_atom_sites.fract_transf_matrix[1][1]   0.00715609 
_atom_sites.fract_transf_matrix[1][2]   0.02067777 
_atom_sites.fract_transf_matrix[1][3]   0.00271639 
_atom_sites.fract_transf_matrix[2][1]   -0.00219988 
_atom_sites.fract_transf_matrix[2][2]   -0.00210742 
_atom_sites.fract_transf_matrix[2][3]   0.02183753 
_atom_sites.fract_transf_matrix[3][1]   0.01137080 
_atom_sites.fract_transf_matrix[3][2]   -0.00403450 
_atom_sites.fract_transf_matrix[3][3]   0.00075613 
_atom_sites.fract_transf_vector[1]      -0.250601 
_atom_sites.fract_transf_vector[2]      -0.365128 
_atom_sites.fract_transf_vector[3]      -0.126621 
_atom_sites.solution_primary            ? 
_atom_sites.solution_secondary          ? 
_atom_sites.solution_hydrogens          ? 
_atom_sites.special_details             ? 
# 
loop_
_atom_type.symbol 
AG 
C  
CA 
N  
O  
P  
# 
loop_
_atom_site.group_PDB 
_atom_site.id 
_atom_site.type_symbol 
_atom_site.label_atom_id 
_atom_site.label_alt_id 
_atom_site.label_comp_id 
_atom_site.label_asym_id 
_atom_site.label_entity_id 
_atom_site.label_seq_id 
_atom_site.pdbx_PDB_ins_code 
_atom_site.Cartn_x 
_atom_site.Cartn_y 
_atom_site.Cartn_z 
_atom_site.occupancy 
_atom_site.B_iso_or_equiv 
_atom_site.pdbx_formal_charge 
_atom_site.auth_seq_id 
_atom_site.auth_comp_id 
_atom_site.auth_asym_id 
_atom_site.auth_atom_id 
_atom_site.pdbx_PDB_model_num 
ATOM   1   O  "O5'" . DC  A  1 1  ? -3.966  14.677  8.543   1.00 26.56 ? 1   DC  A "O5'" 1 
ATOM   2   C  "C5'" . DC  A  1 1  ? -3.454  14.401  9.843   1.00 24.10 ? 1   DC  A "C5'" 1 
ATOM   3   C  "C4'" . DC  A  1 1  ? -1.958  14.138  9.793   1.00 20.35 ? 1   DC  A "C4'" 1 
ATOM   4   O  "O4'" . DC  A  1 1  ? -1.705  12.945  9.011   1.00 18.37 ? 1   DC  A "O4'" 1 
ATOM   5   C  "C3'" . DC  A  1 1  ? -1.122  15.240  9.144   1.00 18.31 ? 1   DC  A "C3'" 1 
ATOM   6   O  "O3'" . DC  A  1 1  ? 0.162   15.278  9.752   1.00 18.50 ? 1   DC  A "O3'" 1 
ATOM   7   C  "C2'" . DC  A  1 1  ? -1.020  14.752  7.703   1.00 15.44 ? 1   DC  A "C2'" 1 
ATOM   8   C  "C1'" . DC  A  1 1  ? -0.847  13.261  7.936   1.00 14.91 ? 1   DC  A "C1'" 1 
ATOM   9   N  N1    . DC  A  1 1  ? -1.230  12.381  6.794   1.00 10.94 ? 1   DC  A N1    1 
ATOM   10  C  C2    . DC  A  1 1  ? -0.229  11.753  6.055   1.00 11.72 ? 1   DC  A C2    1 
ATOM   11  O  O2    . DC  A  1 1  ? 0.950   11.995  6.333   1.00 12.51 ? 1   DC  A O2    1 
ATOM   12  N  N3    . DC  A  1 1  ? -0.584  10.914  5.050   1.00 11.18 ? 1   DC  A N3    1 
ATOM   13  C  C4    . DC  A  1 1  ? -1.880  10.702  4.784   1.00 11.23 ? 1   DC  A C4    1 
ATOM   14  N  N4    . DC  A  1 1  ? -2.188  9.866   3.788   1.00 12.28 ? 1   DC  A N4    1 
ATOM   15  C  C5    . DC  A  1 1  ? -2.916  11.327  5.542   1.00 14.17 ? 1   DC  A C5    1 
ATOM   16  C  C6    . DC  A  1 1  ? -2.548  12.138  6.534   1.00 15.34 ? 1   DC  A C6    1 
ATOM   17  P  P     . DA  A  1 2  ? 0.681   16.616  10.474  1.00 21.41 ? 2   DA  A P     1 
ATOM   18  O  OP1   . DA  A  1 2  ? -0.272  16.955  11.555  1.00 20.28 ? 2   DA  A OP1   1 
ATOM   19  O  OP2   . DA  A  1 2  ? 1.004   17.620  9.439   1.00 22.74 ? 2   DA  A OP2   1 
ATOM   20  O  "O5'" . DA  A  1 2  ? 2.041   16.169  11.181  1.00 19.82 ? 2   DA  A "O5'" 1 
ATOM   21  C  "C5'" . DA  A  1 2  ? 3.149   15.739  10.423  1.00 15.47 ? 2   DA  A "C5'" 1 
ATOM   22  C  "C4'" . DA  A  1 2  ? 4.184   15.126  11.341  1.00 16.57 ? 2   DA  A "C4'" 1 
ATOM   23  O  "O4'" . DA  A  1 2  ? 3.608   13.920  11.908  1.00 13.06 ? 2   DA  A "O4'" 1 
ATOM   24  C  "C3'" . DA  A  1 2  ? 5.457   14.668  10.654  1.00 15.60 ? 2   DA  A "C3'" 1 
ATOM   25  O  "O3'" . DA  A  1 2  ? 6.520   14.621  11.557  1.00 19.31 ? 2   DA  A "O3'" 1 
ATOM   26  C  "C2'" . DA  A  1 2  ? 5.088   13.284  10.174  1.00 12.98 ? 2   DA  A "C2'" 1 
ATOM   27  C  "C1'" . DA  A  1 2  ? 4.150   12.780  11.266  1.00 14.79 ? 2   DA  A "C1'" 1 
ATOM   28  N  N9    . DA  A  1 2  ? 3.037   12.051  10.686  1.00 10.63 ? 2   DA  A N9    1 
ATOM   29  C  C8    . DA  A  1 2  ? 1.704   12.303  10.855  1.00 12.79 ? 2   DA  A C8    1 
ATOM   30  N  N7    . DA  A  1 2  ? 0.922   11.513  10.155  1.00 13.55 ? 2   DA  A N7    1 
ATOM   31  C  C5    . DA  A  1 2  ? 1.812   10.719  9.435   1.00 11.20 ? 2   DA  A C5    1 
ATOM   32  C  C6    . DA  A  1 2  ? 1.622   9.688   8.487   1.00 12.46 ? 2   DA  A C6    1 
ATOM   33  N  N6    . DA  A  1 2  ? 0.415   9.258   8.105   1.00 14.14 ? 2   DA  A N6    1 
ATOM   34  N  N1    . DA  A  1 2  ? 2.726   9.104   7.963   1.00 12.44 ? 2   DA  A N1    1 
ATOM   35  C  C2    . DA  A  1 2  ? 3.933   9.532   8.354   1.00 11.15 ? 2   DA  A C2    1 
ATOM   36  N  N3    . DA  A  1 2  ? 4.234   10.492  9.232   1.00 13.72 ? 2   DA  A N3    1 
ATOM   37  C  C4    . DA  A  1 2  ? 3.118   11.056  9.732   1.00 12.19 ? 2   DA  A C4    1 
ATOM   38  P  P     . DC  A  1 3  ? 7.598   15.804  11.585  1.00 19.85 ? 3   DC  A P     1 
ATOM   39  O  OP1   . DC  A  1 3  ? 8.401   15.619  12.823  1.00 22.07 ? 3   DC  A OP1   1 
ATOM   40  O  OP2   . DC  A  1 3  ? 6.909   17.091  11.366  1.00 18.66 ? 3   DC  A OP2   1 
ATOM   41  O  "O5'" . DC  A  1 3  ? 8.516   15.513  10.304  1.00 14.60 ? 3   DC  A "O5'" 1 
ATOM   42  C  "C5'" . DC  A  1 3  ? 9.410   14.404  10.306  1.00 15.65 ? 3   DC  A "C5'" 1 
ATOM   43  C  "C4'" . DC  A  1 3  ? 9.413   13.712  8.964   1.00 15.67 ? 3   DC  A "C4'" 1 
ATOM   44  O  "O4'" . DC  A  1 3  ? 8.121   13.143  8.735   1.00 17.46 ? 3   DC  A "O4'" 1 
ATOM   45  C  "C3'" . DC  A  1 3  ? 9.656   14.627  7.775   1.00 13.93 ? 3   DC  A "C3'" 1 
ATOM   46  O  "O3'" . DC  A  1 3  ? 11.052  14.695  7.524   1.00 16.14 ? 3   DC  A "O3'" 1 
ATOM   47  C  "C2'" . DC  A  1 3  ? 8.921   13.925  6.629   1.00 13.62 ? 3   DC  A "C2'" 1 
ATOM   48  C  "C1'" . DC  A  1 3  ? 7.895   13.045  7.342   1.00 13.21 ? 3   DC  A "C1'" 1 
ATOM   49  N  N1    . DC  A  1 3  ? 6.499   13.428  7.084   1.00 13.26 ? 3   DC  A N1    1 
ATOM   50  C  C2    . DC  A  1 3  ? 5.589   12.444  6.703   1.00 12.53 ? 3   DC  A C2    1 
ATOM   51  O  O2    . DC  A  1 3  ? 5.996   11.283  6.542   1.00 9.01  ? 3   DC  A O2    1 
ATOM   52  N  N3    . DC  A  1 3  ? 4.298   12.797  6.492   1.00 10.85 ? 3   DC  A N3    1 
ATOM   53  C  C4    . DC  A  1 3  ? 3.917   14.061  6.654   1.00 12.00 ? 3   DC  A C4    1 
ATOM   54  N  N4    . DC  A  1 3  ? 2.639   14.361  6.425   1.00 10.65 ? 3   DC  A N4    1 
ATOM   55  C  C5    . DC  A  1 3  ? 4.834   15.080  7.053   1.00 12.31 ? 3   DC  A C5    1 
ATOM   56  C  C6    . DC  A  1 3  ? 6.103   14.723  7.252   1.00 12.10 ? 3   DC  A C6    1 
ATOM   57  P  P     . DC  A  1 4  ? 11.648  15.636  6.364   1.00 16.64 ? 4   DC  A P     1 
ATOM   58  O  OP1   . DC  A  1 4  ? 13.111  15.668  6.587   1.00 20.15 ? 4   DC  A OP1   1 
ATOM   59  O  OP2   . DC  A  1 4  ? 10.858  16.876  6.292   1.00 17.47 ? 4   DC  A OP2   1 
ATOM   60  O  "O5'" . DC  A  1 4  ? 11.360  14.843  4.994   1.00 14.09 ? 4   DC  A "O5'" 1 
ATOM   61  C  "C5'" . DC  A  1 4  ? 12.008  13.619  4.721   1.00 13.08 ? 4   DC  A "C5'" 1 
ATOM   62  C  "C4'" . DC  A  1 4  ? 11.304  12.906  3.586   1.00 12.92 ? 4   DC  A "C4'" 1 
ATOM   63  O  "O4'" . DC  A  1 4  ? 10.007  12.442  4.026   1.00 12.87 ? 4   DC  A "O4'" 1 
ATOM   64  C  "C3'" . DC  A  1 4  ? 10.973  13.776  2.394   1.00 13.28 ? 4   DC  A "C3'" 1 
ATOM   65  O  "O3'" . DC  A  1 4  ? 12.132  13.985  1.602   1.00 10.92 ? 4   DC  A "O3'" 1 
ATOM   66  C  "C2'" . DC  A  1 4  ? 9.928   12.912  1.693   1.00 8.98  ? 4   DC  A "C2'" 1 
ATOM   67  C  "C1'" . DC  A  1 4  ? 9.179   12.282  2.888   1.00 10.84 ? 4   DC  A "C1'" 1 
ATOM   68  N  N1    . DC  A  1 4  ? 7.847   12.902  3.125   1.00 8.97  ? 4   DC  A N1    1 
ATOM   69  C  C2    . DC  A  1 4  ? 6.709   12.089  3.223   1.00 9.64  ? 4   DC  A C2    1 
ATOM   70  O  O2    . DC  A  1 4  ? 6.837   10.849  3.200   1.00 8.82  ? 4   DC  A O2    1 
ATOM   71  N  N3    . DC  A  1 4  ? 5.500   12.680  3.387   1.00 9.72  ? 4   DC  A N3    1 
ATOM   72  C  C4    . DC  A  1 4  ? 5.402   14.012  3.428   1.00 9.31  ? 4   DC  A C4    1 
ATOM   73  N  N4    . DC  A  1 4  ? 4.185   14.551  3.589   1.00 13.44 ? 4   DC  A N4    1 
ATOM   74  C  C5    . DC  A  1 4  ? 6.546   14.850  3.324   1.00 7.60  ? 4   DC  A C5    1 
ATOM   75  C  C6    . DC  A  1 4  ? 7.731   14.261  3.160   1.00 9.57  ? 4   DC  A C6    1 
ATOM   76  P  P     . DA  A  1 5  ? 12.128  15.057  0.403   1.00 13.17 ? 5   DA  A P     1 
ATOM   77  O  OP1   . DA  A  1 5  ? 13.540  15.278  0.018   1.00 15.19 ? 5   DA  A OP1   1 
ATOM   78  O  OP2   . DA  A  1 5  ? 11.270  16.197  0.770   1.00 14.71 ? 5   DA  A OP2   1 
ATOM   79  O  "O5'" . DA  A  1 5  ? 11.369  14.276  -0.760  1.00 12.63 ? 5   DA  A "O5'" 1 
ATOM   80  C  "C5'" . DA  A  1 5  ? 11.042  14.902  -1.965  1.00 13.85 ? 5   DA  A "C5'" 1 
ATOM   81  C  "C4'" . DA  A  1 5  ? 10.795  13.852  -3.032  1.00 12.82 ? 5   DA  A "C4'" 1 
ATOM   82  O  "O4'" . DA  A  1 5  ? 12.055  13.205  -3.325  1.00 10.48 ? 5   DA  A "O4'" 1 
ATOM   83  C  "C3'" . DA  A  1 5  ? 9.836   12.719  -2.637  1.00 9.96  ? 5   DA  A "C3'" 1 
ATOM   84  O  "O3'" . DA  A  1 5  ? 9.176   12.226  -3.787  1.00 11.24 ? 5   DA  A "O3'" 1 
ATOM   85  C  "C2'" . DA  A  1 5  ? 10.786  11.662  -2.101  1.00 9.83  ? 5   DA  A "C2'" 1 
ATOM   86  C  "C1'" . DA  A  1 5  ? 11.957  11.823  -3.058  1.00 11.84 ? 5   DA  A "C1'" 1 
ATOM   87  N  N9    . DA  A  1 5  ? 13.216  11.397  -2.473  1.00 13.77 ? 5   DA  A N9    1 
ATOM   88  C  C8    . DA  A  1 5  ? 13.822  11.916  -1.367  1.00 13.56 ? 5   DA  A C8    1 
ATOM   89  N  N7    . DA  A  1 5  ? 14.952  11.327  -1.058  1.00 13.49 ? 5   DA  A N7    1 
ATOM   90  C  C5    . DA  A  1 5  ? 15.100  10.360  -2.034  1.00 13.42 ? 5   DA  A C5    1 
ATOM   91  C  C6    . DA  A  1 5  ? 16.092  9.389   -2.262  1.00 11.98 ? 5   DA  A C6    1 
ATOM   92  N  N6    . DA  A  1 5  ? 17.174  9.254   -1.491  1.00 14.45 ? 5   DA  A N6    1 
ATOM   93  N  N1    . DA  A  1 5  ? 15.939  8.575   -3.323  1.00 12.02 ? 5   DA  A N1    1 
ATOM   94  C  C2    . DA  A  1 5  ? 14.856  8.719   -4.098  1.00 13.54 ? 5   DA  A C2    1 
ATOM   95  N  N3    . DA  A  1 5  ? 13.855  9.591   -3.979  1.00 12.47 ? 5   DA  A N3    1 
ATOM   96  C  C4    . DA  A  1 5  ? 14.039  10.384  -2.915  1.00 10.93 ? 5   DA  A C4    1 
ATOM   97  P  P     . DA  A  1 6  ? 7.711   12.742  -4.196  1.00 8.44  ? 6   DA  A P     1 
ATOM   98  O  OP1   . DA  A  1 6  ? 6.941   13.098  -2.984  1.00 8.26  ? 6   DA  A OP1   1 
ATOM   99  O  OP2   . DA  A  1 6  ? 7.219   11.759  -5.189  1.00 9.16  ? 6   DA  A OP2   1 
ATOM   100 O  "O5'" . DA  A  1 6  ? 7.990   14.098  -4.992  1.00 10.10 ? 6   DA  A "O5'" 1 
ATOM   101 C  "C5'" . DA  A  1 6  ? 8.635   14.060  -6.271  1.00 12.45 ? 6   DA  A "C5'" 1 
ATOM   102 C  "C4'" . DA  A  1 6  ? 7.872   14.913  -7.258  1.00 10.94 ? 6   DA  A "C4'" 1 
ATOM   103 O  "O4'" . DA  A  1 6  ? 6.760   14.161  -7.799  1.00 10.31 ? 6   DA  A "O4'" 1 
ATOM   104 C  "C3'" . DA  A  1 6  ? 7.287   16.175  -6.666  1.00 14.23 ? 6   DA  A "C3'" 1 
ATOM   105 O  "O3'" . DA  A  1 6  ? 7.552   17.279  -7.521  1.00 15.19 ? 6   DA  A "O3'" 1 
ATOM   106 C  "C2'" . DA  A  1 6  ? 5.793   15.880  -6.541  1.00 10.10 ? 6   DA  A "C2'" 1 
ATOM   107 C  "C1'" . DA  A  1 6  ? 5.561   14.878  -7.657  1.00 10.69 ? 6   DA  A "C1'" 1 
ATOM   108 N  N9    . DA  A  1 6  ? 4.516   13.918  -7.352  1.00 10.11 ? 6   DA  A N9    1 
ATOM   109 C  C8    . DA  A  1 6  ? 4.653   12.745  -6.664  1.00 9.94  ? 6   DA  A C8    1 
ATOM   110 N  N7    . DA  A  1 6  ? 3.538   12.071  -6.545  1.00 7.37  ? 6   DA  A N7    1 
ATOM   111 C  C5    . DA  A  1 6  ? 2.606   12.855  -7.212  1.00 9.67  ? 6   DA  A C5    1 
ATOM   112 C  C6    . DA  A  1 6  ? 1.229   12.699  -7.455  1.00 9.41  ? 6   DA  A C6    1 
ATOM   113 N  N6    . DA  A  1 6  ? 0.516   11.650  -7.046  1.00 9.41  ? 6   DA  A N6    1 
ATOM   114 N  N1    . DA  A  1 6  ? 0.608   13.671  -8.151  1.00 10.78 ? 6   DA  A N1    1 
ATOM   115 C  C2    . DA  A  1 6  ? 1.319   14.724  -8.569  1.00 10.91 ? 6   DA  A C2    1 
ATOM   116 N  N3    . DA  A  1 6  ? 2.611   14.973  -8.413  1.00 11.22 ? 6   DA  A N3    1 
ATOM   117 C  C4    . DA  A  1 6  ? 3.201   13.994  -7.716  1.00 10.68 ? 6   DA  A C4    1 
ATOM   118 P  P     . DG  A  1 7  ? 7.818   18.700  -6.851  1.00 15.59 ? 7   DG  A P     1 
ATOM   119 O  OP1   . DG  A  1 7  ? 7.897   19.718  -7.932  1.00 20.14 ? 7   DG  A OP1   1 
ATOM   120 O  OP2   . DG  A  1 7  ? 8.910   18.530  -5.869  1.00 14.59 ? 7   DG  A OP2   1 
ATOM   121 O  "O5'" . DG  A  1 7  ? 6.451   18.855  -6.085  1.00 20.44 ? 7   DG  A "O5'" 1 
ATOM   122 C  "C5'" . DG  A  1 7  ? 6.254   19.795  -5.194  1.00 20.74 ? 7   DG  A "C5'" 1 
ATOM   123 C  "C4'" . DG  A  1 7  ? 4.861   19.647  -4.656  1.00 17.99 ? 7   DG  A "C4'" 1 
ATOM   124 O  "O4'" . DG  A  1 7  ? 4.301   18.314  -4.983  1.00 15.47 ? 7   DG  A "O4'" 1 
ATOM   125 C  "C3'" . DG  A  1 7  ? 4.796   19.759  -3.152  1.00 16.53 ? 7   DG  A "C3'" 1 
ATOM   126 O  "O3'" . DG  A  1 7  ? 3.653   20.485  -2.832  1.00 18.87 ? 7   DG  A "O3'" 1 
ATOM   127 C  "C2'" . DG  A  1 7  ? 4.671   18.300  -2.727  1.00 13.23 ? 7   DG  A "C2'" 1 
ATOM   128 C  "C1'" . DG  A  1 7  ? 3.730   17.814  -3.802  1.00 13.18 ? 7   DG  A "C1'" 1 
ATOM   129 N  N9    . DG  A  1 7  ? 3.490   16.355  -3.806  1.00 10.56 ? 7   DG  A N9    1 
ATOM   130 C  C8    . DG  A  1 7  ? 4.312   15.354  -3.332  1.00 8.44  ? 7   DG  A C8    1 
ATOM   131 N  N7    . DG  A  1 7  ? 3.769   14.160  -3.409  1.00 9.33  ? 7   DG  A N7    1 
ATOM   132 C  C5    . DG  A  1 7  ? 2.514   14.389  -3.955  1.00 10.10 ? 7   DG  A C5    1 
ATOM   133 C  C6    . DG  A  1 7  ? 1.479   13.483  -4.271  1.00 10.11 ? 7   DG  A C6    1 
ATOM   134 O  O6    . DG  A  1 7  ? 1.457   12.258  -4.114  1.00 9.77  ? 7   DG  A O6    1 
ATOM   135 N  N1    . DG  A  1 7  ? 0.368   14.132  -4.803  1.00 11.16 ? 7   DG  A N1    1 
ATOM   136 C  C2    . DG  A  1 7  ? 0.279   15.488  -5.011  1.00 11.30 ? 7   DG  A C2    1 
ATOM   137 N  N2    . DG  A  1 7  ? -0.871  15.934  -5.544  1.00 14.91 ? 7   DG  A N2    1 
ATOM   138 N  N3    . DG  A  1 7  ? 1.242   16.348  -4.718  1.00 13.00 ? 7   DG  A N3    1 
ATOM   139 C  C4    . DG  A  1 7  ? 2.330   15.730  -4.198  1.00 8.79  ? 7   DG  A C4    1 
ATOM   140 P  P     . DC  A  1 8  ? 3.223   20.693  -1.308  1.00 18.72 ? 8   DC  A P     1 
ATOM   141 O  OP1   . DC  A  1 8  ? 2.379   21.911  -1.246  1.00 20.14 ? 8   DC  A OP1   1 
ATOM   142 O  OP2   . DC  A  1 8  ? 4.466   20.601  -0.514  1.00 17.77 ? 8   DC  A OP2   1 
ATOM   143 O  "O5'" . DC  A  1 8  ? 2.358   19.386  -0.971  1.00 14.86 ? 8   DC  A "O5'" 1 
ATOM   144 C  "C5'" . DC  A  1 8  ? 1.106   19.172  -1.630  1.00 13.79 ? 8   DC  A "C5'" 1 
ATOM   145 C  "C4'" . DC  A  1 8  ? 0.476   17.868  -1.187  1.00 13.93 ? 8   DC  A "C4'" 1 
ATOM   146 O  "O4'" . DC  A  1 8  ? 1.317   16.774  -1.598  1.00 10.49 ? 8   DC  A "O4'" 1 
ATOM   147 C  "C3'" . DC  A  1 8  ? 0.338   17.713  0.310   1.00 15.20 ? 8   DC  A "C3'" 1 
ATOM   148 O  "O3'" . DC  A  1 8  ? -0.908  18.244  0.681   1.00 17.92 ? 8   DC  A "O3'" 1 
ATOM   149 C  "C2'" . DC  A  1 8  ? 0.372   16.192  0.508   1.00 10.29 ? 8   DC  A "C2'" 1 
ATOM   150 C  "C1'" . DC  A  1 8  ? 1.167   15.694  -0.704  1.00 10.67 ? 8   DC  A "C1'" 1 
ATOM   151 N  N1    . DC  A  1 8  ? 2.532   15.225  -0.385  1.00 9.89  ? 8   DC  A N1    1 
ATOM   152 C  C2    . DC  A  1 8  ? 2.859   13.873  -0.541  1.00 7.16  ? 8   DC  A C2    1 
ATOM   153 O  O2    . DC  A  1 8  ? 1.980   13.073  -0.868  1.00 9.27  ? 8   DC  A O2    1 
ATOM   154 N  N3    . DC  A  1 8  ? 4.135   13.482  -0.296  1.00 7.49  ? 8   DC  A N3    1 
ATOM   155 C  C4    . DC  A  1 8  ? 5.054   14.383  0.061   1.00 8.00  ? 8   DC  A C4    1 
ATOM   156 N  N4    . DC  A  1 8  ? 6.294   13.953  0.286   1.00 7.74  ? 8   DC  A N4    1 
ATOM   157 C  C5    . DC  A  1 8  ? 4.744   15.769  0.190   1.00 10.17 ? 8   DC  A C5    1 
ATOM   158 C  C6    . DC  A  1 8  ? 3.487   16.140  -0.044  1.00 9.11  ? 8   DC  A C6    1 
ATOM   159 P  P     . DG  A  1 9  ? -1.100  19.064  2.045   1.00 16.95 ? 9   DG  A P     1 
ATOM   160 O  OP1   . DG  A  1 9  ? -1.614  20.390  1.646   1.00 22.31 ? 9   DG  A OP1   1 
ATOM   161 O  OP2   . DG  A  1 9  ? 0.112   18.991  2.889   1.00 16.56 ? 9   DG  A OP2   1 
ATOM   162 O  "O5'" . DG  A  1 9  ? -2.286  18.300  2.744   1.00 18.37 ? 9   DG  A "O5'" 1 
ATOM   163 C  "C5'" . DG  A  1 9  ? -3.490  18.116  2.040   1.00 18.34 ? 9   DG  A "C5'" 1 
ATOM   164 C  "C4'" . DG  A  1 9  ? -4.307  17.063  2.716   1.00 18.36 ? 9   DG  A "C4'" 1 
ATOM   165 O  "O4'" . DG  A  1 9  ? -3.662  15.781  2.531   1.00 18.10 ? 9   DG  A "O4'" 1 
ATOM   166 C  "C3'" . DG  A  1 9  ? -4.392  17.326  4.206   1.00 21.16 ? 9   DG  A "C3'" 1 
ATOM   167 O  "O3'" . DG  A  1 9  ? -5.726  17.542  4.599   1.00 28.40 ? 9   DG  A "O3'" 1 
ATOM   168 C  "C2'" . DG  A  1 9  ? -3.722  16.129  4.887   1.00 18.96 ? 9   DG  A "C2'" 1 
ATOM   169 C  "C1'" . DG  A  1 9  ? -3.387  15.154  3.755   1.00 18.31 ? 9   DG  A "C1'" 1 
ATOM   170 N  N9    . DG  A  1 9  ? -1.959  14.809  3.751   1.00 15.06 ? 9   DG  A N9    1 
ATOM   171 C  C8    . DG  A  1 9  ? -0.968  15.449  4.456   1.00 15.86 ? 9   DG  A C8    1 
ATOM   172 N  N7    . DG  A  1 9  ? 0.221   14.944  4.270   1.00 14.31 ? 9   DG  A N7    1 
ATOM   173 C  C5    . DG  A  1 9  ? 0.014   13.899  3.389   1.00 9.79  ? 9   DG  A C5    1 
ATOM   174 C  C6    . DG  A  1 9  ? 0.943   12.997  2.842   1.00 9.69  ? 9   DG  A C6    1 
ATOM   175 O  O6    . DG  A  1 9  ? 2.163   12.949  3.052   1.00 9.99  ? 9   DG  A O6    1 
ATOM   176 N  N1    . DG  A  1 9  ? 0.334   12.081  1.990   1.00 8.49  ? 9   DG  A N1    1 
ATOM   177 C  C2    . DG  A  1 9  ? -1.015  12.056  1.703   1.00 11.01 ? 9   DG  A C2    1 
ATOM   178 N  N2    . DG  A  1 9  ? -1.427  11.108  0.851   1.00 13.15 ? 9   DG  A N2    1 
ATOM   179 N  N3    . DG  A  1 9  ? -1.899  12.903  2.217   1.00 11.26 ? 9   DG  A N3    1 
ATOM   180 C  C4    . DG  A  1 9  ? -1.320  13.794  3.050   1.00 14.04 ? 9   DG  A C4    1 
ATOM   181 P  P     . DA  A  1 10 ? -6.187  19.072  4.818   1.00 33.68 ? 10  DA  A P     1 
ATOM   182 O  OP1   . DA  A  1 10 ? -5.002  19.793  5.339   1.00 26.83 ? 10  DA  A OP1   1 
ATOM   183 O  OP2   . DA  A  1 10 ? -7.465  19.076  5.568   1.00 34.12 ? 10  DA  A OP2   1 
ATOM   184 O  "O5'" . DA  A  1 10 ? -6.431  19.631  3.330   1.00 30.47 ? 10  DA  A "O5'" 1 
ATOM   185 C  "C5'" . DA  A  1 10 ? -7.377  18.997  2.468   1.00 25.38 ? 10  DA  A "C5'" 1 
ATOM   186 C  "C4'" . DA  A  1 10 ? -7.443  19.683  1.106   1.00 25.45 ? 10  DA  A "C4'" 1 
ATOM   187 O  "O4'" . DA  A  1 10 ? -6.304  19.301  0.287   1.00 22.17 ? 10  DA  A "O4'" 1 
ATOM   188 C  "C3'" . DA  A  1 10 ? -8.685  19.365  0.292   1.00 21.46 ? 10  DA  A "C3'" 1 
ATOM   189 O  "O3'" . DA  A  1 10 ? -9.146  20.543  -0.389  1.00 22.09 ? 10  DA  A "O3'" 1 
ATOM   190 C  "C2'" . DA  A  1 10 ? -8.230  18.251  -0.665  1.00 22.78 ? 10  DA  A "C2'" 1 
ATOM   191 C  "C1'" . DA  A  1 10 ? -6.720  18.471  -0.794  1.00 23.65 ? 10  DA  A "C1'" 1 
ATOM   192 N  N9    . DA  A  1 10 ? -5.917  17.237  -0.708  1.00 18.94 ? 10  DA  A N9    1 
ATOM   193 C  C8    . DA  A  1 10 ? -6.241  16.081  -0.049  1.00 17.63 ? 10  DA  A C8    1 
ATOM   194 N  N7    . DA  A  1 10 ? -5.313  15.151  -0.120  1.00 19.68 ? 10  DA  A N7    1 
ATOM   195 C  C5    . DA  A  1 10 ? -4.329  15.721  -0.915  1.00 15.78 ? 10  DA  A C5    1 
ATOM   196 C  C6    . DA  A  1 10 ? -3.084  15.241  -1.384  1.00 18.75 ? 10  DA  A C6    1 
ATOM   197 N  N6    . DA  A  1 10 ? -2.609  14.020  -1.100  1.00 19.51 ? 10  DA  A N6    1 
ATOM   198 N  N1    . DA  A  1 10 ? -2.346  16.068  -2.164  1.00 20.11 ? 10  DA  A N1    1 
ATOM   199 C  C2    . DA  A  1 10 ? -2.822  17.292  -2.437  1.00 18.77 ? 10  DA  A C2    1 
ATOM   200 N  N3    . DA  A  1 10 ? -3.973  17.851  -2.053  1.00 21.55 ? 10  DA  A N3    1 
ATOM   201 C  C4    . DA  A  1 10 ? -4.687  17.005  -1.290  1.00 20.22 ? 10  DA  A C4    1 
ATOM   202 O  "O5'" . DC  B  1 1  ? 9.217   3.831   9.232   1.00 23.20 ? 1   DC  B "O5'" 1 
ATOM   203 C  "C5'" . DC  B  1 1  ? 8.357   3.853   10.375  1.00 20.48 ? 1   DC  B "C5'" 1 
ATOM   204 C  "C4'" . DC  B  1 1  ? 6.919   4.147   9.976   1.00 15.54 ? 1   DC  B "C4'" 1 
ATOM   205 O  "O4'" . DC  B  1 1  ? 6.816   5.487   9.427   1.00 17.43 ? 1   DC  B "O4'" 1 
ATOM   206 C  "C3'" . DC  B  1 1  ? 6.334   3.231   8.910   1.00 14.03 ? 1   DC  B "C3'" 1 
ATOM   207 O  "O3'" . DC  B  1 1  ? 4.949   3.101   9.126   1.00 17.99 ? 1   DC  B "O3'" 1 
ATOM   208 C  "C2'" . DC  B  1 1  ? 6.603   4.012   7.631   1.00 13.04 ? 1   DC  B "C2'" 1 
ATOM   209 C  "C1'" . DC  B  1 1  ? 6.292   5.412   8.113   1.00 13.07 ? 1   DC  B "C1'" 1 
ATOM   210 N  N1    . DC  B  1 1  ? 6.928   6.480   7.323   1.00 10.56 ? 1   DC  B N1    1 
ATOM   211 C  C2    . DC  B  1 1  ? 6.159   7.243   6.447   1.00 11.20 ? 1   DC  B C2    1 
ATOM   212 O  O2    . DC  B  1 1  ? 4.960   6.972   6.319   1.00 9.13  ? 1   DC  B O2    1 
ATOM   213 N  N3    . DC  B  1 1  ? 6.761   8.252   5.756   1.00 12.33 ? 1   DC  B N3    1 
ATOM   214 C  C4    . DC  B  1 1  ? 8.061   8.503   5.933   1.00 12.57 ? 1   DC  B C4    1 
ATOM   215 N  N4    . DC  B  1 1  ? 8.613   9.510   5.234   1.00 12.23 ? 1   DC  B N4    1 
ATOM   216 C  C5    . DC  B  1 1  ? 8.853   7.741   6.835   1.00 13.79 ? 1   DC  B C5    1 
ATOM   217 C  C6    . DC  B  1 1  ? 8.252   6.759   7.509   1.00 11.57 ? 1   DC  B C6    1 
ATOM   218 P  P     . DA  B  1 2  ? 4.266   1.660   9.283   1.00 17.28 ? 2   DA  B P     1 
ATOM   219 O  OP1   . DA  B  1 2  ? 4.953   0.949   10.379  1.00 17.94 ? 2   DA  B OP1   1 
ATOM   220 O  OP2   . DA  B  1 2  ? 4.169   1.023   7.951   1.00 19.11 ? 2   DA  B OP2   1 
ATOM   221 O  "O5'" . DA  B  1 2  ? 2.787   2.034   9.737   1.00 16.18 ? 2   DA  B "O5'" 1 
ATOM   222 C  "C5'" . DA  B  1 2  ? 1.956   2.806   8.885   1.00 12.81 ? 2   DA  B "C5'" 1 
ATOM   223 C  "C4'" . DA  B  1 2  ? 0.733   3.236   9.654   1.00 11.75 ? 2   DA  B "C4'" 1 
ATOM   224 O  "O4'" . DA  B  1 2  ? 1.116   4.123   10.727  1.00 12.52 ? 2   DA  B "O4'" 1 
ATOM   225 C  "C3'" . DA  B  1 2  ? -0.306  4.010   8.864   1.00 12.28 ? 2   DA  B "C3'" 1 
ATOM   226 O  "O3'" . DA  B  1 2  ? -1.567  3.895   9.529   1.00 13.90 ? 2   DA  B "O3'" 1 
ATOM   227 C  "C2'" . DA  B  1 2  ? 0.234   5.441   8.966   1.00 11.67 ? 2   DA  B "C2'" 1 
ATOM   228 C  "C1'" . DA  B  1 2  ? 0.722   5.446   10.414  1.00 10.20 ? 2   DA  B "C1'" 1 
ATOM   229 N  N9    . DA  B  1 2  ? 1.812   6.343   10.775  1.00 13.36 ? 2   DA  B N9    1 
ATOM   230 C  C8    . DA  B  1 2  ? 3.152   6.115   10.652  1.00 13.18 ? 2   DA  B C8    1 
ATOM   231 N  N7    . DA  B  1 2  ? 3.898   7.062   11.174  1.00 12.32 ? 2   DA  B N7    1 
ATOM   232 C  C5    . DA  B  1 2  ? 2.981   7.935   11.737  1.00 12.14 ? 2   DA  B C5    1 
ATOM   233 C  C6    . DA  B  1 2  ? 3.127   9.130   12.462  1.00 11.71 ? 2   DA  B C6    1 
ATOM   234 N  N6    . DA  B  1 2  ? 4.308   9.692   12.735  1.00 14.99 ? 2   DA  B N6    1 
ATOM   235 N  N1    . DA  B  1 2  ? 2.002   9.751   12.873  1.00 13.01 ? 2   DA  B N1    1 
ATOM   236 C  C2    . DA  B  1 2  ? 0.821   9.204   12.590  1.00 11.66 ? 2   DA  B C2    1 
ATOM   237 N  N3    . DA  B  1 2  ? 0.559   8.083   11.932  1.00 11.54 ? 2   DA  B N3    1 
ATOM   238 C  C4    . DA  B  1 2  ? 1.694   7.492   11.527  1.00 12.71 ? 2   DA  B C4    1 
ATOM   239 P  P     . DC  B  1 3  ? -2.600  2.727   9.126   1.00 15.08 ? 3   DC  B P     1 
ATOM   240 O  OP1   . DC  B  1 3  ? -3.665  2.731   10.167  1.00 16.06 ? 3   DC  B OP1   1 
ATOM   241 O  OP2   . DC  B  1 3  ? -1.817  1.506   8.857   1.00 15.66 ? 3   DC  B OP2   1 
ATOM   242 O  "O5'" . DC  B  1 3  ? -3.221  3.204   7.738   1.00 11.94 ? 3   DC  B "O5'" 1 
ATOM   243 C  "C5'" . DC  B  1 3  ? -4.107  4.298   7.700   1.00 12.26 ? 3   DC  B "C5'" 1 
ATOM   244 C  "C4'" . DC  B  1 3  ? -3.801  5.163   6.503   1.00 13.33 ? 3   DC  B "C4'" 1 
ATOM   245 O  "O4'" . DC  B  1 3  ? -2.484  5.712   6.665   1.00 13.70 ? 3   DC  B "O4'" 1 
ATOM   246 C  "C3'" . DC  B  1 3  ? -3.745  4.419   5.182   1.00 15.07 ? 3   DC  B "C3'" 1 
ATOM   247 O  "O3'" . DC  B  1 3  ? -5.051  4.390   4.595   1.00 17.98 ? 3   DC  B "O3'" 1 
ATOM   248 C  "C2'" . DC  B  1 3  ? -2.769  5.264   4.349   1.00 10.41 ? 3   DC  B "C2'" 1 
ATOM   249 C  "C1'" . DC  B  1 3  ? -1.936  6.011   5.395   1.00 12.74 ? 3   DC  B "C1'" 1 
ATOM   250 N  N1    . DC  B  1 3  ? -0.511  5.625   5.424   1.00 11.55 ? 3   DC  B N1    1 
ATOM   251 C  C2    . DC  B  1 3  ? 0.463   6.628   5.508   1.00 10.32 ? 3   DC  B C2    1 
ATOM   252 O  O2    . DC  B  1 3  ? 0.100   7.806   5.524   1.00 11.06 ? 3   DC  B O2    1 
ATOM   253 N  N3    . DC  B  1 3  ? 1.772   6.271   5.565   1.00 8.90  ? 3   DC  B N3    1 
ATOM   254 C  C4    . DC  B  1 3  ? 2.111   4.972   5.546   1.00 9.13  ? 3   DC  B C4    1 
ATOM   255 N  N4    . DC  B  1 3  ? 3.409   4.659   5.595   1.00 10.23 ? 3   DC  B N4    1 
ATOM   256 C  C5    . DC  B  1 3  ? 1.128   3.941   5.461   1.00 10.53 ? 3   DC  B C5    1 
ATOM   257 C  C6    . DC  B  1 3  ? -0.157  4.305   5.402   1.00 11.15 ? 3   DC  B C6    1 
ATOM   258 P  P     . DC  B  1 4  ? -5.328  3.653   3.189   1.00 18.53 ? 4   DC  B P     1 
ATOM   259 O  OP1   . DC  B  1 4  ? -6.800  3.620   3.029   1.00 22.90 ? 4   DC  B OP1   1 
ATOM   260 O  OP2   . DC  B  1 4  ? -4.564  2.397   3.100   1.00 16.61 ? 4   DC  B OP2   1 
ATOM   261 O  "O5'" . DC  B  1 4  ? -4.720  4.668   2.107   1.00 14.47 ? 4   DC  B "O5'" 1 
ATOM   262 C  "C5'" . DC  B  1 4  ? -5.296  5.950   1.925   1.00 13.18 ? 4   DC  B "C5'" 1 
ATOM   263 C  "C4'" . DC  B  1 4  ? -4.354  6.857   1.150   1.00 11.85 ? 4   DC  B "C4'" 1 
ATOM   264 O  "O4'" . DC  B  1 4  ? -3.205  7.188   1.973   1.00 11.82 ? 4   DC  B "O4'" 1 
ATOM   265 C  "C3'" . DC  B  1 4  ? -3.726  6.223   -0.067  1.00 13.41 ? 4   DC  B "C3'" 1 
ATOM   266 O  "O3'" . DC  B  1 4  ? -4.647  6.175   -1.150  1.00 14.48 ? 4   DC  B "O3'" 1 
ATOM   267 C  "C2'" . DC  B  1 4  ? -2.569  7.191   -0.321  1.00 10.74 ? 4   DC  B "C2'" 1 
ATOM   268 C  "C1'" . DC  B  1 4  ? -2.129  7.539   1.118   1.00 11.66 ? 4   DC  B "C1'" 1 
ATOM   269 N  N1    . DC  B  1 4  ? -0.883  6.823   1.529   1.00 9.41  ? 4   DC  B N1    1 
ATOM   270 C  C2    . DC  B  1 4  ? 0.198   7.548   2.033   1.00 9.24  ? 4   DC  B C2    1 
ATOM   271 O  O2    . DC  B  1 4  ? 0.086   8.768   2.182   1.00 10.72 ? 4   DC  B O2    1 
ATOM   272 N  N3    . DC  B  1 4  ? 1.341   6.888   2.358   1.00 8.35  ? 4   DC  B N3    1 
ATOM   273 C  C4    . DC  B  1 4  ? 1.421   5.566   2.187   1.00 9.01  ? 4   DC  B C4    1 
ATOM   274 N  N4    . DC  B  1 4  ? 2.566   4.960   2.516   1.00 9.72  ? 4   DC  B N4    1 
ATOM   275 C  C5    . DC  B  1 4  ? 0.327   4.807   1.687   1.00 9.09  ? 4   DC  B C5    1 
ATOM   276 C  C6    . DC  B  1 4  ? -0.790  5.469   1.363   1.00 9.22  ? 4   DC  B C6    1 
ATOM   277 P  P     . DA  B  1 5  ? -4.306  5.271   -2.437  1.00 13.25 ? 5   DA  B P     1 
ATOM   278 O  OP1   . DA  B  1 5  ? -5.541  5.171   -3.247  1.00 17.54 ? 5   DA  B OP1   1 
ATOM   279 O  OP2   . DA  B  1 5  ? -3.608  4.049   -1.987  1.00 15.87 ? 5   DA  B OP2   1 
ATOM   280 O  "O5'" . DA  B  1 5  ? -3.252  6.169   -3.230  1.00 14.83 ? 5   DA  B "O5'" 1 
ATOM   281 C  "C5'" . DA  B  1 5  ? -2.609  5.688   -4.404  1.00 12.38 ? 5   DA  B "C5'" 1 
ATOM   282 C  "C4'" . DA  B  1 5  ? -2.111  6.866   -5.222  1.00 10.40 ? 5   DA  B "C4'" 1 
ATOM   283 O  "O4'" . DA  B  1 5  ? -3.261  7.569   -5.758  1.00 12.88 ? 5   DA  B "O4'" 1 
ATOM   284 C  "C3'" . DA  B  1 5  ? -1.326  7.918   -4.426  1.00 11.34 ? 5   DA  B "C3'" 1 
ATOM   285 O  "O3'" . DA  B  1 5  ? -0.414  8.594   -5.272  1.00 11.46 ? 5   DA  B "O3'" 1 
ATOM   286 C  "C2'" . DA  B  1 5  ? -2.427  8.881   -4.004  1.00 10.29 ? 5   DA  B "C2'" 1 
ATOM   287 C  "C1'" . DA  B  1 5  ? -3.269  8.897   -5.276  1.00 10.83 ? 5   DA  B "C1'" 1 
ATOM   288 N  N9    . DA  B  1 5  ? -4.650  9.322   -5.062  1.00 12.20 ? 5   DA  B N9    1 
ATOM   289 C  C8    . DA  B  1 5  ? -5.603  8.689   -4.309  1.00 15.27 ? 5   DA  B C8    1 
ATOM   290 N  N7    . DA  B  1 5  ? -6.761  9.315   -4.285  1.00 15.54 ? 5   DA  B N7    1 
ATOM   291 C  C5    . DA  B  1 5  ? -6.541  10.448  -5.059  1.00 11.56 ? 5   DA  B C5    1 
ATOM   292 C  C6    . DA  B  1 5  ? -7.374  11.526  -5.426  1.00 14.92 ? 5   DA  B C6    1 
ATOM   293 N  N6    . DA  B  1 5  ? -8.651  11.640  -5.036  1.00 12.02 ? 5   DA  B N6    1 
ATOM   294 N  N1    . DA  B  1 5  ? -6.843  12.487  -6.207  1.00 11.55 ? 5   DA  B N1    1 
ATOM   295 C  C2    . DA  B  1 5  ? -5.566  12.371  -6.598  1.00 13.97 ? 5   DA  B C2    1 
ATOM   296 N  N3    . DA  B  1 5  ? -4.692  11.408  -6.320  1.00 11.97 ? 5   DA  B N3    1 
ATOM   297 C  C4    . DA  B  1 5  ? -5.245  10.468  -5.543  1.00 12.24 ? 5   DA  B C4    1 
ATOM   298 P  P     . DA  B  1 6  ? 1.125   8.143   -5.391  1.00 8.81  ? 6   DA  B P     1 
ATOM   299 O  OP1   . DA  B  1 6  ? 1.601   7.565   -4.108  1.00 8.07  ? 6   DA  B OP1   1 
ATOM   300 O  OP2   . DA  B  1 6  ? 1.823   9.321   -5.929  1.00 7.53  ? 6   DA  B OP2   1 
ATOM   301 O  "O5'" . DA  B  1 6  ? 1.098   6.970   -6.481  1.00 10.11 ? 6   DA  B "O5'" 1 
ATOM   302 C  "C5'" . DA  B  1 6  ? 0.801   7.254   -7.829  1.00 9.01  ? 6   DA  B "C5'" 1 
ATOM   303 C  "C4'" . DA  B  1 6  ? 1.828   6.594   -8.709  1.00 9.25  ? 6   DA  B "C4'" 1 
ATOM   304 O  "O4'" . DA  B  1 6  ? 3.024   7.410   -8.761  1.00 10.09 ? 6   DA  B "O4'" 1 
ATOM   305 C  "C3'" . DA  B  1 6  ? 2.283   5.206   -8.263  1.00 10.32 ? 6   DA  B "C3'" 1 
ATOM   306 O  "O3'" . DA  B  1 6  ? 2.346   4.353   -9.406  1.00 12.33 ? 6   DA  B "O3'" 1 
ATOM   307 C  "C2'" . DA  B  1 6  ? 3.663   5.438   -7.650  1.00 8.11  ? 6   DA  B "C2'" 1 
ATOM   308 C  "C1'" . DA  B  1 6  ? 4.158   6.632   -8.440  1.00 8.86  ? 6   DA  B "C1'" 1 
ATOM   309 N  N9    . DA  B  1 6  ? 5.091   7.466   -7.721  1.00 7.58  ? 6   DA  B N9    1 
ATOM   310 C  C8    . DA  B  1 6  ? 4.789   8.495   -6.874  1.00 8.66  ? 6   DA  B C8    1 
ATOM   311 N  N7    . DA  B  1 6  ? 5.847   9.095   -6.381  1.00 8.38  ? 6   DA  B N7    1 
ATOM   312 C  C5    . DA  B  1 6  ? 6.908   8.421   -6.974  1.00 7.65  ? 6   DA  B C5    1 
ATOM   313 C  C6    . DA  B  1 6  ? 8.296   8.577   -6.874  1.00 10.47 ? 6   DA  B C6    1 
ATOM   314 N  N6    . DA  B  1 6  ? 8.875   9.509   -6.108  1.00 10.11 ? 6   DA  B N6    1 
ATOM   315 N  N1    . DA  B  1 6  ? 9.074   7.732   -7.580  1.00 10.20 ? 6   DA  B N1    1 
ATOM   316 C  C2    . DA  B  1 6  ? 8.492   6.808   -8.348  1.00 14.38 ? 6   DA  B C2    1 
ATOM   317 N  N3    . DA  B  1 6  ? 7.198   6.573   -8.533  1.00 9.61  ? 6   DA  B N3    1 
ATOM   318 C  C4    . DA  B  1 6  ? 6.452   7.420   -7.801  1.00 10.37 ? 6   DA  B C4    1 
ATOM   319 P  P     . DG  B  1 7  ? 2.109   2.770   -9.273  1.00 11.65 ? 7   DG  B P     1 
ATOM   320 O  OP1   . DG  B  1 7  ? 2.359   2.195   -10.607 1.00 11.72 ? 7   DG  B OP1   1 
ATOM   321 O  OP2   . DG  B  1 7  ? 0.828   2.511   -8.588  1.00 11.67 ? 7   DG  B OP2   1 
ATOM   322 O  "O5'" . DG  B  1 7  ? 3.299   2.340   -8.323  1.00 12.13 ? 7   DG  B "O5'" 1 
ATOM   323 C  "C5'" . DG  B  1 7  ? 3.058   1.710   -7.100  1.00 11.73 ? 7   DG  B "C5'" 1 
ATOM   324 C  "C4'" . DG  B  1 7  ? 4.367   1.607   -6.362  1.00 12.83 ? 7   DG  B "C4'" 1 
ATOM   325 O  "O4'" . DG  B  1 7  ? 4.968   2.932   -6.277  1.00 9.73  ? 7   DG  B "O4'" 1 
ATOM   326 C  "C3'" . DG  B  1 7  ? 4.288   1.103   -4.926  1.00 11.29 ? 7   DG  B "C3'" 1 
ATOM   327 O  "O3'" . DG  B  1 7  ? 5.493   0.404   -4.642  1.00 15.93 ? 7   DG  B "O3'" 1 
ATOM   328 C  "C2'" . DG  B  1 7  ? 4.239   2.407   -4.157  1.00 9.41  ? 7   DG  B "C2'" 1 
ATOM   329 C  "C1'" . DG  B  1 7  ? 5.310   3.134   -4.936  1.00 10.91 ? 7   DG  B "C1'" 1 
ATOM   330 N  N9    . DG  B  1 7  ? 5.442   4.541   -4.597  1.00 9.32  ? 7   DG  B N9    1 
ATOM   331 C  C8    . DG  B  1 7  ? 4.464   5.404   -4.160  1.00 8.35  ? 7   DG  B C8    1 
ATOM   332 N  N7    . DG  B  1 7  ? 4.933   6.593   -3.848  1.00 8.06  ? 7   DG  B N7    1 
ATOM   333 C  C5    . DG  B  1 7  ? 6.315   6.473   -4.033  1.00 8.48  ? 7   DG  B C5    1 
ATOM   334 C  C6    . DG  B  1 7  ? 7.373   7.412   -3.847  1.00 8.31  ? 7   DG  B C6    1 
ATOM   335 O  O6    . DG  B  1 7  ? 7.319   8.577   -3.433  1.00 7.69  ? 7   DG  B O6    1 
ATOM   336 N  N1    . DG  B  1 7  ? 8.613   6.859   -4.163  1.00 9.29  ? 7   DG  B N1    1 
ATOM   337 C  C2    . DG  B  1 7  ? 8.809   5.573   -4.601  1.00 11.22 ? 7   DG  B C2    1 
ATOM   338 N  N2    . DG  B  1 7  ? 10.074  5.220   -4.863  1.00 14.86 ? 7   DG  B N2    1 
ATOM   339 N  N3    . DG  B  1 7  ? 7.836   4.697   -4.786  1.00 12.73 ? 7   DG  B N3    1 
ATOM   340 C  C4    . DG  B  1 7  ? 6.626   5.214   -4.492  1.00 8.58  ? 7   DG  B C4    1 
ATOM   341 P  P     . DC  B  1 8  ? 5.782   -0.181  -3.177  1.00 13.79 ? 8   DC  B P     1 
ATOM   342 O  OP1   . DC  B  1 8  ? 6.901   -1.129  -3.347  1.00 18.35 ? 8   DC  B OP1   1 
ATOM   343 O  OP2   . DC  B  1 8  ? 4.491   -0.647  -2.641  1.00 16.47 ? 8   DC  B OP2   1 
ATOM   344 O  "O5'" . DC  B  1 8  ? 6.333   1.050   -2.308  1.00 11.60 ? 8   DC  B "O5'" 1 
ATOM   345 C  "C5'" . DC  B  1 8  ? 7.612   1.573   -2.557  1.00 11.84 ? 8   DC  B "C5'" 1 
ATOM   346 C  "C4'" . DC  B  1 8  ? 7.907   2.714   -1.613  1.00 10.94 ? 8   DC  B "C4'" 1 
ATOM   347 O  "O4'" . DC  B  1 8  ? 7.093   3.847   -1.959  1.00 11.16 ? 8   DC  B "O4'" 1 
ATOM   348 C  "C3'" . DC  B  1 8  ? 7.591   2.426   -0.158  1.00 12.98 ? 8   DC  B "C3'" 1 
ATOM   349 O  "O3'" . DC  B  1 8  ? 8.739   1.822   0.455   1.00 17.31 ? 8   DC  B "O3'" 1 
ATOM   350 C  "C2'" . DC  B  1 8  ? 7.319   3.828   0.410   1.00 10.34 ? 8   DC  B "C2'" 1 
ATOM   351 C  "C1'" . DC  B  1 8  ? 6.867   4.644   -0.818  1.00 10.15 ? 8   DC  B "C1'" 1 
ATOM   352 N  N1    . DC  B  1 8  ? 5.428   5.018   -0.836  1.00 10.20 ? 8   DC  B N1    1 
ATOM   353 C  C2    . DC  B  1 8  ? 5.053   6.365   -0.836  1.00 7.11  ? 8   DC  B C2    1 
ATOM   354 O  O2    . DC  B  1 8  ? 5.925   7.247   -0.783  1.00 7.71  ? 8   DC  B O2    1 
ATOM   355 N  N3    . DC  B  1 8  ? 3.732   6.674   -0.888  1.00 8.59  ? 8   DC  B N3    1 
ATOM   356 C  C4    . DC  B  1 8  ? 2.815   5.697   -0.954  1.00 9.36  ? 8   DC  B C4    1 
ATOM   357 N  N4    . DC  B  1 8  ? 1.526   6.048   -1.021  1.00 9.12  ? 8   DC  B N4    1 
ATOM   358 C  C5    . DC  B  1 8  ? 3.185   4.323   -0.962  1.00 10.18 ? 8   DC  B C5    1 
ATOM   359 C  C6    . DC  B  1 8  ? 4.486   4.036   -0.910  1.00 8.96  ? 8   DC  B C6    1 
ATOM   360 P  P     . DG  B  1 9  ? 8.595   0.669   1.570   1.00 15.30 ? 9   DG  B P     1 
ATOM   361 O  OP1   . DG  B  1 9  ? 9.229   -0.551  1.018   1.00 18.81 ? 9   DG  B OP1   1 
ATOM   362 O  OP2   . DG  B  1 9  ? 7.205   0.598   2.066   1.00 16.43 ? 9   DG  B OP2   1 
ATOM   363 O  "O5'" . DG  B  1 9  ? 9.466   1.252   2.776   1.00 14.30 ? 9   DG  B "O5'" 1 
ATOM   364 C  "C5'" . DG  B  1 9  ? 10.814  1.615   2.539   1.00 16.60 ? 9   DG  B "C5'" 1 
ATOM   365 C  "C4'" . DG  B  1 9  ? 11.264  2.674   3.526   1.00 16.26 ? 9   DG  B "C4'" 1 
ATOM   366 O  "O4'" . DG  B  1 9  ? 10.460  3.855   3.326   1.00 13.65 ? 9   DG  B "O4'" 1 
ATOM   367 C  "C3'" . DG  B  1 9  ? 11.176  2.382   5.025   1.00 16.19 ? 9   DG  B "C3'" 1 
ATOM   368 O  "O3'" . DG  B  1 9  ? 12.194  3.135   5.665   1.00 20.57 ? 9   DG  B "O3'" 1 
ATOM   369 C  "C2'" . DG  B  1 9  ? 9.830   2.942   5.424   1.00 15.77 ? 9   DG  B "C2'" 1 
ATOM   370 C  "C1'" . DG  B  1 9  ? 9.711   4.141   4.494   1.00 14.55 ? 9   DG  B "C1'" 1 
ATOM   371 N  N9    . DG  B  1 9  ? 8.345   4.486   4.147   1.00 12.35 ? 9   DG  B N9    1 
ATOM   372 C  C8    . DG  B  1 9  ? 7.213   3.736   4.356   1.00 13.33 ? 9   DG  B C8    1 
ATOM   373 N  N7    . DG  B  1 9  ? 6.123   4.326   3.950   1.00 13.31 ? 9   DG  B N7    1 
ATOM   374 C  C5    . DG  B  1 9  ? 6.566   5.539   3.434   1.00 10.77 ? 9   DG  B C5    1 
ATOM   375 C  C6    . DG  B  1 9  ? 5.839   6.594   2.846   1.00 11.07 ? 9   DG  B C6    1 
ATOM   376 O  O6    . DG  B  1 9  ? 4.619   6.665   2.668   1.00 10.93 ? 9   DG  B O6    1 
ATOM   377 N  N1    . DG  B  1 9  ? 6.670   7.643   2.455   1.00 9.39  ? 9   DG  B N1    1 
ATOM   378 C  C2    . DG  B  1 9  ? 8.046   7.651   2.604   1.00 11.02 ? 9   DG  B C2    1 
ATOM   379 N  N2    . DG  B  1 9  ? 8.698   8.730   2.147   1.00 9.43  ? 9   DG  B N2    1 
ATOM   380 N  N3    . DG  B  1 9  ? 8.731   6.667   3.157   1.00 11.61 ? 9   DG  B N3    1 
ATOM   381 C  C4    . DG  B  1 9  ? 7.928   5.651   3.553   1.00 10.07 ? 9   DG  B C4    1 
ATOM   382 P  P     . DA  B  1 10 ? 13.535  2.461   6.234   1.00 21.19 ? 10  DA  B P     1 
ATOM   383 O  OP1   . DA  B  1 10 ? 13.154  1.184   6.891   1.00 22.33 ? 10  DA  B OP1   1 
ATOM   384 O  OP2   . DA  B  1 10 ? 14.237  3.532   6.984   1.00 29.93 ? 10  DA  B OP2   1 
ATOM   385 O  "O5'" . DA  B  1 10 ? 14.414  2.174   4.924   1.00 23.01 ? 10  DA  B "O5'" 1 
ATOM   386 C  "C5'" . DA  B  1 10 ? 14.473  0.851   4.400   1.00 21.80 ? 10  DA  B "C5'" 1 
ATOM   387 C  "C4'" . DA  B  1 10 ? 15.356  0.772   3.164   1.00 20.54 ? 10  DA  B "C4'" 1 
ATOM   388 O  "O4'" . DA  B  1 10 ? 14.661  1.304   2.018   1.00 20.20 ? 10  DA  B "O4'" 1 
ATOM   389 C  "C3'" . DA  B  1 10 ? 16.687  1.507   3.244   1.00 19.33 ? 10  DA  B "C3'" 1 
ATOM   390 O  "O3'" . DA  B  1 10 ? 17.706  0.725   2.625   1.00 21.25 ? 10  DA  B "O3'" 1 
ATOM   391 C  "C2'" . DA  B  1 10 ? 16.441  2.812   2.485   1.00 16.94 ? 10  DA  B "C2'" 1 
ATOM   392 C  "C1'" . DA  B  1 10 ? 15.291  2.480   1.534   1.00 17.66 ? 10  DA  B "C1'" 1 
ATOM   393 N  N9    . DA  B  1 10 ? 14.275  3.519   1.476   1.00 16.00 ? 10  DA  B N9    1 
ATOM   394 C  C8    . DA  B  1 10 ? 14.066  4.518   2.381   1.00 15.39 ? 10  DA  B C8    1 
ATOM   395 N  N7    . DA  B  1 10 ? 13.036  5.282   2.095   1.00 14.80 ? 10  DA  B N7    1 
ATOM   396 C  C5    . DA  B  1 10 ? 12.522  4.724   0.939   1.00 13.92 ? 10  DA  B C5    1 
ATOM   397 C  C6    . DA  B  1 10 ? 11.420  5.066   0.131   1.00 12.50 ? 10  DA  B C6    1 
ATOM   398 N  N6    . DA  B  1 10 ? 10.617  6.106   0.388   1.00 15.72 ? 10  DA  B N6    1 
ATOM   399 N  N1    . DA  B  1 10 ? 11.173  4.296   -0.955  1.00 16.64 ? 10  DA  B N1    1 
ATOM   400 C  C2    . DA  B  1 10 ? 11.985  3.259   -1.203  1.00 16.55 ? 10  DA  B C2    1 
ATOM   401 N  N3    . DA  B  1 10 ? 13.049  2.843   -0.515  1.00 15.98 ? 10  DA  B N3    1 
ATOM   402 C  C4    . DA  B  1 10 ? 13.262  3.625   0.553   1.00 14.78 ? 10  DA  B C4    1 
ATOM   403 O  "O5'" . DC  C  1 1  ? -11.313 -4.976  5.798   1.00 25.52 ? 1   DC  C "O5'" 1 
ATOM   404 C  "C5'" . DC  C  1 1  ? -10.810 -5.307  7.094   1.00 18.42 ? 1   DC  C "C5'" 1 
ATOM   405 C  "C4'" . DC  C  1 1  ? -9.322  -5.627  7.050   1.00 16.28 ? 1   DC  C "C4'" 1 
ATOM   406 O  "O4'" . DC  C  1 1  ? -9.098  -6.827  6.263   1.00 15.28 ? 1   DC  C "O4'" 1 
ATOM   407 C  "C3'" . DC  C  1 1  ? -8.437  -4.552  6.422   1.00 13.87 ? 1   DC  C "C3'" 1 
ATOM   408 O  "O3'" . DC  C  1 1  ? -7.163  -4.561  7.056   1.00 14.41 ? 1   DC  C "O3'" 1 
ATOM   409 C  "C2'" . DC  C  1 1  ? -8.328  -5.038  4.974   1.00 13.51 ? 1   DC  C "C2'" 1 
ATOM   410 C  "C1'" . DC  C  1 1  ? -8.205  -6.533  5.208   1.00 12.75 ? 1   DC  C "C1'" 1 
ATOM   411 N  N1    . DC  C  1 1  ? -8.568  -7.405  4.054   1.00 12.25 ? 1   DC  C N1    1 
ATOM   412 C  C2    . DC  C  1 1  ? -7.557  -8.044  3.330   1.00 10.25 ? 1   DC  C C2    1 
ATOM   413 O  O2    . DC  C  1 1  ? -6.381  -7.820  3.628   1.00 9.28  ? 1   DC  C O2    1 
ATOM   414 N  N3    . DC  C  1 1  ? -7.896  -8.882  2.315   1.00 9.71  ? 1   DC  C N3    1 
ATOM   415 C  C4    . DC  C  1 1  ? -9.181  -9.078  2.019   1.00 8.87  ? 1   DC  C C4    1 
ATOM   416 N  N4    . DC  C  1 1  ? -9.471  -9.906  1.008   1.00 10.76 ? 1   DC  C N4    1 
ATOM   417 C  C5    . DC  C  1 1  ? -10.226 -8.444  2.755   1.00 11.99 ? 1   DC  C C5    1 
ATOM   418 C  C6    . DC  C  1 1  ? -9.878  -7.634  3.762   1.00 11.90 ? 1   DC  C C6    1 
ATOM   419 P  P     . DA  C  1 2  ? -6.625  -3.257  7.816   1.00 14.00 ? 2   DA  C P     1 
ATOM   420 O  OP1   . DA  C  1 2  ? -7.607  -2.901  8.850   1.00 15.83 ? 2   DA  C OP1   1 
ATOM   421 O  OP2   . DA  C  1 2  ? -6.197  -2.251  6.825   1.00 16.55 ? 2   DA  C OP2   1 
ATOM   422 O  "O5'" . DA  C  1 2  ? -5.309  -3.748  8.551   1.00 14.47 ? 2   DA  C "O5'" 1 
ATOM   423 C  "C5'" . DA  C  1 2  ? -4.195  -4.183  7.816   1.00 12.64 ? 2   DA  C "C5'" 1 
ATOM   424 C  "C4'" . DA  C  1 2  ? -3.188  -4.800  8.758   1.00 12.75 ? 2   DA  C "C4'" 1 
ATOM   425 O  "O4'" . DA  C  1 2  ? -3.792  -5.997  9.311   1.00 9.88  ? 2   DA  C "O4'" 1 
ATOM   426 C  "C3'" . DA  C  1 2  ? -1.907  -5.268  8.094   1.00 13.57 ? 2   DA  C "C3'" 1 
ATOM   427 O  "O3'" . DA  C  1 2  ? -0.832  -5.298  9.006   1.00 13.82 ? 2   DA  C "O3'" 1 
ATOM   428 C  "C2'" . DA  C  1 2  ? -2.270  -6.657  7.617   1.00 11.00 ? 2   DA  C "C2'" 1 
ATOM   429 C  "C1'" . DA  C  1 2  ? -3.245  -7.150  8.688   1.00 10.90 ? 2   DA  C "C1'" 1 
ATOM   430 N  N9    . DA  C  1 2  ? -4.360  -7.872  8.076   1.00 12.06 ? 2   DA  C N9    1 
ATOM   431 C  C8    . DA  C  1 2  ? -5.697  -7.654  8.277   1.00 12.38 ? 2   DA  C C8    1 
ATOM   432 N  N7    . DA  C  1 2  ? -6.475  -8.426  7.554   1.00 12.55 ? 2   DA  C N7    1 
ATOM   433 C  C5    . DA  C  1 2  ? -5.587  -9.178  6.792   1.00 10.43 ? 2   DA  C C5    1 
ATOM   434 C  C6    . DA  C  1 2  ? -5.778  -10.181 5.816   1.00 11.22 ? 2   DA  C C6    1 
ATOM   435 N  N6    . DA  C  1 2  ? -6.979  -10.603 5.427   1.00 13.44 ? 2   DA  C N6    1 
ATOM   436 N  N1    . DA  C  1 2  ? -4.680  -10.728 5.255   1.00 11.26 ? 2   DA  C N1    1 
ATOM   437 C  C2    . DA  C  1 2  ? -3.475  -10.305 5.648   1.00 9.46  ? 2   DA  C C2    1 
ATOM   438 N  N3    . DA  C  1 2  ? -3.172  -9.380  6.556   1.00 14.24 ? 2   DA  C N3    1 
ATOM   439 C  C4    . DA  C  1 2  ? -4.282  -8.847  7.094   1.00 12.51 ? 2   DA  C C4    1 
ATOM   440 P  P     . DC  C  1 3  ? 0.244   -4.107  9.003   1.00 16.02 ? 3   DC  C P     1 
ATOM   441 O  OP1   . DC  C  1 3  ? 1.134   -4.311  10.168  1.00 16.17 ? 3   DC  C OP1   1 
ATOM   442 O  OP2   . DC  C  1 3  ? -0.429  -2.811  8.778   1.00 17.02 ? 3   DC  C OP2   1 
ATOM   443 O  "O5'" . DC  C  1 3  ? 1.119   -4.407  7.722   1.00 15.25 ? 3   DC  C "O5'" 1 
ATOM   444 C  "C5'" . DC  C  1 3  ? 1.978   -5.513  7.720   1.00 16.19 ? 3   DC  C "C5'" 1 
ATOM   445 C  "C4'" . DC  C  1 3  ? 1.974   -6.185  6.369   1.00 15.59 ? 3   DC  C "C4'" 1 
ATOM   446 O  "O4'" . DC  C  1 3  ? 0.685   -6.777  6.119   1.00 18.07 ? 3   DC  C "O4'" 1 
ATOM   447 C  "C3'" . DC  C  1 3  ? 2.198   -5.236  5.211   1.00 17.11 ? 3   DC  C "C3'" 1 
ATOM   448 O  "O3'" . DC  C  1 3  ? 3.597   -5.097  4.988   1.00 19.90 ? 3   DC  C "O3'" 1 
ATOM   449 C  "C2'" . DC  C  1 3  ? 1.513   -5.951  4.049   1.00 15.39 ? 3   DC  C "C2'" 1 
ATOM   450 C  "C1'" . DC  C  1 3  ? 0.484   -6.862  4.723   1.00 15.10 ? 3   DC  C "C1'" 1 
ATOM   451 N  N1    . DC  C  1 3  ? -0.902  -6.469  4.451   1.00 11.81 ? 3   DC  C N1    1 
ATOM   452 C  C2    . DC  C  1 3  ? -1.830  -7.441  4.058   1.00 10.54 ? 3   DC  C C2    1 
ATOM   453 O  O2    . DC  C  1 3  ? -1.443  -8.604  3.890   1.00 13.36 ? 3   DC  C O2    1 
ATOM   454 N  N3    . DC  C  1 3  ? -3.112  -7.067  3.833   1.00 8.66  ? 3   DC  C N3    1 
ATOM   455 C  C4    . DC  C  1 3  ? -3.471  -5.785  3.998   1.00 9.41  ? 3   DC  C C4    1 
ATOM   456 N  N4    . DC  C  1 3  ? -4.742  -5.453  3.769   1.00 11.15 ? 3   DC  C N4    1 
ATOM   457 C  C5    . DC  C  1 3  ? -2.540  -4.790  4.418   1.00 11.33 ? 3   DC  C C5    1 
ATOM   458 C  C6    . DC  C  1 3  ? -1.281  -5.171  4.633   1.00 10.59 ? 3   DC  C C6    1 
ATOM   459 P  P     . DC  C  1 4  ? 4.176   -4.124  3.841   1.00 21.97 ? 4   DC  C P     1 
ATOM   460 O  OP1   . DC  C  1 4  ? 5.639   -4.007  4.048   1.00 25.61 ? 4   DC  C OP1   1 
ATOM   461 O  OP2   . DC  C  1 4  ? 3.332   -2.911  3.758   1.00 22.07 ? 4   DC  C OP2   1 
ATOM   462 O  "O5'" . DC  C  1 4  ? 3.928   -4.957  2.500   1.00 20.66 ? 4   DC  C "O5'" 1 
ATOM   463 C  "C5'" . DC  C  1 4  ? 4.597   -6.197  2.297   1.00 15.84 ? 4   DC  C "C5'" 1 
ATOM   464 C  "C4'" . DC  C  1 4  ? 3.945   -6.966  1.162   1.00 14.38 ? 4   DC  C "C4'" 1 
ATOM   465 O  "O4'" . DC  C  1 4  ? 2.631   -7.443  1.564   1.00 10.82 ? 4   DC  C "O4'" 1 
ATOM   466 C  "C3'" . DC  C  1 4  ? 3.654   -6.140  -0.065  1.00 14.92 ? 4   DC  C "C3'" 1 
ATOM   467 O  "O3'" . DC  C  1 4  ? 4.851   -5.925  -0.817  1.00 13.48 ? 4   DC  C "O3'" 1 
ATOM   468 C  "C2'" . DC  C  1 4  ? 2.646   -7.043  -0.780  1.00 10.80 ? 4   DC  C "C2'" 1 
ATOM   469 C  "C1'" . DC  C  1 4  ? 1.851   -7.640  0.405   1.00 11.26 ? 4   DC  C "C1'" 1 
ATOM   470 N  N1    . DC  C  1 4  ? 0.512   -7.004  0.586   1.00 10.57 ? 4   DC  C N1    1 
ATOM   471 C  C2    . DC  C  1 4  ? -0.645  -7.805  0.652   1.00 9.30  ? 4   DC  C C2    1 
ATOM   472 O  O2    . DC  C  1 4  ? -0.539  -9.039  0.622   1.00 9.86  ? 4   DC  C O2    1 
ATOM   473 N  N3    . DC  C  1 4  ? -1.848  -7.191  0.774   1.00 9.54  ? 4   DC  C N3    1 
ATOM   474 C  C4    . DC  C  1 4  ? -1.918  -5.851  0.832   1.00 10.41 ? 4   DC  C C4    1 
ATOM   475 N  N4    . DC  C  1 4  ? -3.124  -5.289  0.935   1.00 10.07 ? 4   DC  C N4    1 
ATOM   476 C  C5    . DC  C  1 4  ? -0.757  -5.030  0.765   1.00 10.03 ? 4   DC  C C5    1 
ATOM   477 C  C6    . DC  C  1 4  ? 0.422   -5.640  0.644   1.00 11.56 ? 4   DC  C C6    1 
ATOM   478 P  P     . DA  C  1 5  ? 4.868   -4.845  -2.006  1.00 14.81 ? 5   DA  C P     1 
ATOM   479 O  OP1   . DA  C  1 5  ? 6.294   -4.649  -2.360  1.00 17.75 ? 5   DA  C OP1   1 
ATOM   480 O  OP2   . DA  C  1 5  ? 4.033   -3.673  -1.665  1.00 16.23 ? 5   DA  C OP2   1 
ATOM   481 O  "O5'" . DA  C  1 5  ? 4.168   -5.655  -3.187  1.00 14.60 ? 5   DA  C "O5'" 1 
ATOM   482 C  "C5'" . DA  C  1 5  ? 3.887   -5.049  -4.432  1.00 12.97 ? 5   DA  C "C5'" 1 
ATOM   483 C  "C4'" . DA  C  1 5  ? 3.694   -6.120  -5.497  1.00 12.91 ? 5   DA  C "C4'" 1 
ATOM   484 O  "O4'" . DA  C  1 5  ? 4.970   -6.760  -5.765  1.00 12.06 ? 5   DA  C "O4'" 1 
ATOM   485 C  "C3'" . DA  C  1 5  ? 2.743   -7.262  -5.102  1.00 10.62 ? 5   DA  C "C3'" 1 
ATOM   486 O  "O3'" . DA  C  1 5  ? 2.129   -7.788  -6.243  1.00 10.32 ? 5   DA  C "O3'" 1 
ATOM   487 C  "C2'" . DA  C  1 5  ? 3.698   -8.295  -4.541  1.00 10.04 ? 5   DA  C "C2'" 1 
ATOM   488 C  "C1'" . DA  C  1 5  ? 4.867   -8.137  -5.495  1.00 13.50 ? 5   DA  C "C1'" 1 
ATOM   489 N  N9    . DA  C  1 5  ? 6.125   -8.611  -4.937  1.00 13.18 ? 5   DA  C N9    1 
ATOM   490 C  C8    . DA  C  1 5  ? 6.783   -8.131  -3.836  1.00 15.24 ? 5   DA  C C8    1 
ATOM   491 N  N7    . DA  C  1 5  ? 7.894   -8.782  -3.567  1.00 13.80 ? 5   DA  C N7    1 
ATOM   492 C  C5    . DA  C  1 5  ? 7.955   -9.750  -4.561  1.00 13.46 ? 5   DA  C C5    1 
ATOM   493 C  C6    . DA  C  1 5  ? 8.892   -10.763 -4.850  1.00 14.63 ? 5   DA  C C6    1 
ATOM   494 N  N6    . DA  C  1 5  ? 9.988   -10.976 -4.122  1.00 15.95 ? 5   DA  C N6    1 
ATOM   495 N  N1    . DA  C  1 5  ? 8.650   -11.558 -5.915  1.00 13.63 ? 5   DA  C N1    1 
ATOM   496 C  C2    . DA  C  1 5  ? 7.553   -11.344 -6.649  1.00 15.63 ? 5   DA  C C2    1 
ATOM   497 N  N3    . DA  C  1 5  ? 6.608   -10.424 -6.480  1.00 16.23 ? 5   DA  C N3    1 
ATOM   498 C  C4    . DA  C  1 5  ? 6.873   -9.653  -5.409  1.00 14.24 ? 5   DA  C C4    1 
ATOM   499 P  P     . DA  C  1 6  ? 0.684   -7.277  -6.712  1.00 8.57  ? 6   DA  C P     1 
ATOM   500 O  OP1   . DA  C  1 6  ? -0.141  -6.869  -5.553  1.00 7.67  ? 6   DA  C OP1   1 
ATOM   501 O  OP2   . DA  C  1 6  ? 0.218   -8.313  -7.669  1.00 7.78  ? 6   DA  C OP2   1 
ATOM   502 O  "O5'" . DA  C  1 6  ? 1.014   -5.945  -7.535  1.00 9.42  ? 6   DA  C "O5'" 1 
ATOM   503 C  "C5'" . DA  C  1 6  ? 1.711   -6.014  -8.774  1.00 10.53 ? 6   DA  C "C5'" 1 
ATOM   504 C  "C4'" . DA  C  1 6  ? 0.993   -5.167  -9.796  1.00 8.43  ? 6   DA  C "C4'" 1 
ATOM   505 O  "O4'" . DA  C  1 6  ? -0.111  -5.905  -10.342 1.00 9.49  ? 6   DA  C "O4'" 1 
ATOM   506 C  "C3'" . DA  C  1 6  ? 0.416   -3.859  -9.274  1.00 9.14  ? 6   DA  C "C3'" 1 
ATOM   507 O  "O3'" . DA  C  1 6  ? 0.664   -2.838  -10.230 1.00 11.44 ? 6   DA  C "O3'" 1 
ATOM   508 C  "C2'" . DA  C  1 6  ? -1.074  -4.145  -9.119  1.00 7.20  ? 6   DA  C "C2'" 1 
ATOM   509 C  "C1'" . DA  C  1 6  ? -1.301  -5.164  -10.215 1.00 7.68  ? 6   DA  C "C1'" 1 
ATOM   510 N  N9    . DA  C  1 6  ? -2.383  -6.098  -9.954  1.00 9.36  ? 6   DA  C N9    1 
ATOM   511 C  C8    . DA  C  1 6  ? -2.309  -7.298  -9.297  1.00 9.91  ? 6   DA  C C8    1 
ATOM   512 N  N7    . DA  C  1 6  ? -3.462  -7.928  -9.217  1.00 8.02  ? 6   DA  C N7    1 
ATOM   513 C  C5    . DA  C  1 6  ? -4.342  -7.091  -9.888  1.00 7.73  ? 6   DA  C C5    1 
ATOM   514 C  C6    . DA  C  1 6  ? -5.716  -7.179  -10.152 1.00 9.61  ? 6   DA  C C6    1 
ATOM   515 N  N6    . DA  C  1 6  ? -6.467  -8.215  -9.785  1.00 7.65  ? 6   DA  C N6    1 
ATOM   516 N  N1    . DA  C  1 6  ? -6.291  -6.162  -10.818 1.00 10.21 ? 6   DA  C N1    1 
ATOM   517 C  C2    . DA  C  1 6  ? -5.536  -5.130  -11.196 1.00 10.48 ? 6   DA  C C2    1 
ATOM   518 N  N3    . DA  C  1 6  ? -4.233  -4.932  -11.005 1.00 12.47 ? 6   DA  C N3    1 
ATOM   519 C  C4    . DA  C  1 6  ? -3.694  -5.955  -10.332 1.00 8.88  ? 6   DA  C C4    1 
ATOM   520 P  P     . DG  C  1 7  ? 0.887   -1.317  -9.778  1.00 9.80  ? 7   DG  C P     1 
ATOM   521 O  OP1   . DG  C  1 7  ? 1.021   -0.549  -11.040 1.00 10.52 ? 7   DG  C OP1   1 
ATOM   522 O  OP2   . DG  C  1 7  ? 1.950   -1.253  -8.750  1.00 14.02 ? 7   DG  C OP2   1 
ATOM   523 O  "O5'" . DG  C  1 7  ? -0.498  -0.972  -9.098  1.00 9.90  ? 7   DG  C "O5'" 1 
ATOM   524 C  "C5'" . DG  C  1 7  ? -0.576  -0.552  -7.764  1.00 12.24 ? 7   DG  C "C5'" 1 
ATOM   525 C  "C4'" . DG  C  1 7  ? -2.027  -0.492  -7.395  1.00 11.25 ? 7   DG  C "C4'" 1 
ATOM   526 O  "O4'" . DG  C  1 7  ? -2.619  -1.791  -7.687  1.00 10.14 ? 7   DG  C "O4'" 1 
ATOM   527 C  "C3'" . DG  C  1 7  ? -2.343  -0.221  -5.918  1.00 13.08 ? 7   DG  C "C3'" 1 
ATOM   528 O  "O3'" . DG  C  1 7  ? -3.567  0.521   -5.844  1.00 14.22 ? 7   DG  C "O3'" 1 
ATOM   529 C  "C2'" . DG  C  1 7  ? -2.534  -1.628  -5.387  1.00 10.43 ? 7   DG  C "C2'" 1 
ATOM   530 C  "C1'" . DG  C  1 7  ? -3.333  -2.177  -6.550  1.00 9.50  ? 7   DG  C "C1'" 1 
ATOM   531 N  N9    . DG  C  1 7  ? -3.567  -3.617  -6.511  1.00 7.83  ? 7   DG  C N9    1 
ATOM   532 C  C8    . DG  C  1 7  ? -2.762  -4.608  -5.973  1.00 8.25  ? 7   DG  C C8    1 
ATOM   533 N  N7    . DG  C  1 7  ? -3.312  -5.796  -6.029  1.00 8.92  ? 7   DG  C N7    1 
ATOM   534 C  C5    . DG  C  1 7  ? -4.568  -5.561  -6.597  1.00 8.16  ? 7   DG  C C5    1 
ATOM   535 C  C6    . DG  C  1 7  ? -5.628  -6.458  -6.905  1.00 9.92  ? 7   DG  C C6    1 
ATOM   536 O  O6    . DG  C  1 7  ? -5.688  -7.674  -6.710  1.00 8.67  ? 7   DG  C O6    1 
ATOM   537 N  N1    . DG  C  1 7  ? -6.725  -5.792  -7.454  1.00 9.29  ? 7   DG  C N1    1 
ATOM   538 C  C2    . DG  C  1 7  ? -6.781  -4.445  -7.700  1.00 11.52 ? 7   DG  C C2    1 
ATOM   539 N  N2    . DG  C  1 7  ? -7.919  -3.986  -8.254  1.00 12.05 ? 7   DG  C N2    1 
ATOM   540 N  N3    . DG  C  1 7  ? -5.795  -3.608  -7.434  1.00 8.80  ? 7   DG  C N3    1 
ATOM   541 C  C4    . DG  C  1 7  ? -4.731  -4.231  -6.877  1.00 8.61  ? 7   DG  C C4    1 
ATOM   542 P  P     . DC  C  1 8  ? -4.252  0.885   -4.435  1.00 13.29 ? 8   DC  C P     1 
ATOM   543 O  OP1   . DC  C  1 8  ? -5.224  1.948   -4.762  1.00 18.78 ? 8   DC  C OP1   1 
ATOM   544 O  OP2   . DC  C  1 8  ? -3.200  1.088   -3.428  1.00 13.46 ? 8   DC  C OP2   1 
ATOM   545 O  "O5'" . DC  C  1 8  ? -5.070  -0.422  -3.992  1.00 14.13 ? 8   DC  C "O5'" 1 
ATOM   546 C  "C5'" . DC  C  1 8  ? -6.254  -0.805  -4.668  1.00 14.77 ? 8   DC  C "C5'" 1 
ATOM   547 C  "C4'" . DC  C  1 8  ? -6.820  -2.089  -4.077  1.00 11.47 ? 8   DC  C "C4'" 1 
ATOM   548 O  "O4'" . DC  C  1 8  ? -5.952  -3.190  -4.384  1.00 11.19 ? 8   DC  C "O4'" 1 
ATOM   549 C  "C3'" . DC  C  1 8  ? -6.934  -2.112  -2.570  1.00 14.80 ? 8   DC  C "C3'" 1 
ATOM   550 O  "O3'" . DC  C  1 8  ? -8.164  -1.584  -2.199  1.00 16.69 ? 8   DC  C "O3'" 1 
ATOM   551 C  "C2'" . DC  C  1 8  ? -6.861  -3.607  -2.228  1.00 12.88 ? 8   DC  C "C2'" 1 
ATOM   552 C  "C1'" . DC  C  1 8  ? -6.080  -4.202  -3.400  1.00 11.98 ? 8   DC  C "C1'" 1 
ATOM   553 N  N1    . DC  C  1 8  ? -4.716  -4.649  -3.061  1.00 9.48  ? 8   DC  C N1    1 
ATOM   554 C  C2    . DC  C  1 8  ? -4.378  -5.994  -3.219  1.00 8.10  ? 8   DC  C C2    1 
ATOM   555 O  O2    . DC  C  1 8  ? -5.228  -6.787  -3.634  1.00 8.38  ? 8   DC  C O2    1 
ATOM   556 N  N3    . DC  C  1 8  ? -3.110  -6.378  -2.952  1.00 8.17  ? 8   DC  C N3    1 
ATOM   557 C  C4    . DC  C  1 8  ? -2.210  -5.488  -2.520  1.00 8.95  ? 8   DC  C C4    1 
ATOM   558 N  N4    . DC  C  1 8  ? -0.968  -5.927  -2.275  1.00 7.97  ? 8   DC  C N4    1 
ATOM   559 C  C5    . DC  C  1 8  ? -2.540  -4.110  -2.341  1.00 9.81  ? 8   DC  C C5    1 
ATOM   560 C  C6    . DC  C  1 8  ? -3.788  -3.739  -2.628  1.00 10.01 ? 8   DC  C C6    1 
ATOM   561 P  P     . DG  C  1 9  ? -8.321  -0.775  -0.824  1.00 15.23 ? 9   DG  C P     1 
ATOM   562 O  OP1   . DG  C  1 9  ? -8.889  0.553   -1.147  1.00 18.80 ? 9   DG  C OP1   1 
ATOM   563 O  OP2   . DG  C  1 9  ? -7.102  -0.879  0.008   1.00 14.34 ? 9   DG  C OP2   1 
ATOM   564 O  "O5'" . DG  C  1 9  ? -9.496  -1.569  -0.123  1.00 16.90 ? 9   DG  C "O5'" 1 
ATOM   565 C  "C5'" . DG  C  1 9  ? -10.726 -1.751  -0.828  1.00 18.20 ? 9   DG  C "C5'" 1 
ATOM   566 C  "C4'" . DG  C  1 9  ? -11.561 -2.811  -0.160  1.00 18.32 ? 9   DG  C "C4'" 1 
ATOM   567 O  "O4'" . DG  C  1 9  ? -10.899 -4.083  -0.316  1.00 17.90 ? 9   DG  C "O4'" 1 
ATOM   568 C  "C3'" . DG  C  1 9  ? -11.711 -2.560  1.334   1.00 20.60 ? 9   DG  C "C3'" 1 
ATOM   569 O  "O3'" . DG  C  1 9  ? -13.048 -2.558  1.739   1.00 26.48 ? 9   DG  C "O3'" 1 
ATOM   570 C  "C2'" . DG  C  1 9  ? -10.914 -3.656  2.025   1.00 21.66 ? 9   DG  C "C2'" 1 
ATOM   571 C  "C1'" . DG  C  1 9  ? -10.602 -4.664  0.931   1.00 16.08 ? 9   DG  C "C1'" 1 
ATOM   572 N  N9    . DG  C  1 9  ? -9.184  -5.001  0.947   1.00 14.63 ? 9   DG  C N9    1 
ATOM   573 C  C8    . DG  C  1 9  ? -8.201  -4.352  1.647   1.00 10.84 ? 9   DG  C C8    1 
ATOM   574 N  N7    . DG  C  1 9  ? -7.015  -4.865  1.488   1.00 12.20 ? 9   DG  C N7    1 
ATOM   575 C  C5    . DG  C  1 9  ? -7.225  -5.928  0.621   1.00 9.38  ? 9   DG  C C5    1 
ATOM   576 C  C6    . DG  C  1 9  ? -6.309  -6.857  0.092   1.00 9.60  ? 9   DG  C C6    1 
ATOM   577 O  O6    . DG  C  1 9  ? -5.086  -6.931  0.296   1.00 10.00 ? 9   DG  C O6    1 
ATOM   578 N  N1    . DG  C  1 9  ? -6.940  -7.775  -0.739  1.00 9.45  ? 9   DG  C N1    1 
ATOM   579 C  C2    . DG  C  1 9  ? -8.291  -7.773  -1.035  1.00 10.10 ? 9   DG  C C2    1 
ATOM   580 N  N2    . DG  C  1 9  ? -8.725  -8.727  -1.866  1.00 9.93  ? 9   DG  C N2    1 
ATOM   581 N  N3    . DG  C  1 9  ? -9.157  -6.915  -0.535  1.00 11.50 ? 9   DG  C N3    1 
ATOM   582 C  C4    . DG  C  1 9  ? -8.559  -6.022  0.278   1.00 10.35 ? 9   DG  C C4    1 
ATOM   583 P  P     . DA  C  1 10 ? -13.734 -1.124  1.974   1.00 43.83 ? 10  DA  C P     1 
ATOM   584 O  OP1   . DA  C  1 10 ? -12.663 -0.183  2.393   1.00 34.55 ? 10  DA  C OP1   1 
ATOM   585 O  OP2   . DA  C  1 10 ? -14.935 -1.328  2.813   1.00 37.83 ? 10  DA  C OP2   1 
ATOM   586 O  "O5'" . DA  C  1 10 ? -14.165 -0.676  0.504   1.00 30.84 ? 10  DA  C "O5'" 1 
ATOM   587 C  "C5'" . DA  C  1 10 ? -15.113 -1.455  -0.169  1.00 24.88 ? 10  DA  C "C5'" 1 
ATOM   588 C  "C4'" . DA  C  1 10 ? -15.402 -0.927  -1.552  1.00 22.80 ? 10  DA  C "C4'" 1 
ATOM   589 O  "O4'" . DA  C  1 10 ? -14.275 -1.176  -2.421  1.00 23.67 ? 10  DA  C "O4'" 1 
ATOM   590 C  "C3'" . DA  C  1 10 ? -16.611 -1.566  -2.215  1.00 22.03 ? 10  DA  C "C3'" 1 
ATOM   591 O  "O3'" . DA  C  1 10 ? -17.348 -0.591  -2.946  1.00 26.78 ? 10  DA  C "O3'" 1 
ATOM   592 C  "C2'" . DA  C  1 10 ? -16.016 -2.638  -3.120  1.00 20.42 ? 10  DA  C "C2'" 1 
ATOM   593 C  "C1'" . DA  C  1 10 ? -14.602 -2.143  -3.400  1.00 21.58 ? 10  DA  C "C1'" 1 
ATOM   594 N  N9    . DA  C  1 10 ? -13.591 -3.192  -3.327  1.00 20.83 ? 10  DA  C N9    1 
ATOM   595 C  C8    . DA  C  1 10 ? -13.669 -4.369  -2.630  1.00 20.55 ? 10  DA  C C8    1 
ATOM   596 N  N7    . DA  C  1 10 ? -12.599 -5.121  -2.740  1.00 18.99 ? 10  DA  C N7    1 
ATOM   597 C  C5    . DA  C  1 10 ? -11.767 -4.393  -3.574  1.00 17.11 ? 10  DA  C C5    1 
ATOM   598 C  C6    . DA  C  1 10 ? -10.477 -4.645  -4.085  1.00 16.85 ? 10  DA  C C6    1 
ATOM   599 N  N6    . DA  C  1 10 ? -9.777  -5.751  -3.807  1.00 18.61 ? 10  DA  C N6    1 
ATOM   600 N  N1    . DA  C  1 10 ? -9.931  -3.710  -4.890  1.00 17.81 ? 10  DA  C N1    1 
ATOM   601 C  C2    . DA  C  1 10 ? -10.634 -2.605  -5.167  1.00 18.11 ? 10  DA  C C2    1 
ATOM   602 N  N3    . DA  C  1 10 ? -11.850 -2.258  -4.749  1.00 21.04 ? 10  DA  C N3    1 
ATOM   603 C  C4    . DA  C  1 10 ? -12.366 -3.204  -3.949  1.00 20.40 ? 10  DA  C C4    1 
ATOM   604 O  "O5'" . DC  D  1 1  ? 1.667   -16.119 6.714   1.00 27.03 ? 1   DC  D "O5'" 1 
ATOM   605 C  "C5'" . DC  D  1 1  ? 0.770   -16.122 7.820   1.00 21.71 ? 1   DC  D "C5'" 1 
ATOM   606 C  "C4'" . DC  D  1 1  ? -0.656  -15.820 7.378   1.00 17.71 ? 1   DC  D "C4'" 1 
ATOM   607 O  "O4'" . DC  D  1 1  ? -0.726  -14.485 6.824   1.00 17.28 ? 1   DC  D "O4'" 1 
ATOM   608 C  "C3'" . DC  D  1 1  ? -1.237  -16.726 6.300   1.00 17.16 ? 1   DC  D "C3'" 1 
ATOM   609 O  "O3'" . DC  D  1 1  ? -2.627  -16.808 6.504   1.00 19.22 ? 1   DC  D "O3'" 1 
ATOM   610 C  "C2'" . DC  D  1 1  ? -0.927  -15.956 5.024   1.00 15.17 ? 1   DC  D "C2'" 1 
ATOM   611 C  "C1'" . DC  D  1 1  ? -1.227  -14.551 5.499   1.00 15.56 ? 1   DC  D "C1'" 1 
ATOM   612 N  N1    . DC  D  1 1  ? -0.577  -13.479 4.720   1.00 12.57 ? 1   DC  D N1    1 
ATOM   613 C  C2    . DC  D  1 1  ? -1.349  -12.686 3.876   1.00 10.08 ? 1   DC  D C2    1 
ATOM   614 O  O2    . DC  D  1 1  ? -2.561  -12.931 3.779   1.00 8.45  ? 1   DC  D O2    1 
ATOM   615 N  N3    . DC  D  1 1  ? -0.750  -11.672 3.197   1.00 11.32 ? 1   DC  D N3    1 
ATOM   616 C  C4    . DC  D  1 1  ? 0.567   -11.462 3.341   1.00 13.45 ? 1   DC  D C4    1 
ATOM   617 N  N4    . DC  D  1 1  ? 1.128   -10.464 2.653   1.00 12.86 ? 1   DC  D N4    1 
ATOM   618 C  C5    . DC  D  1 1  ? 1.364   -12.266 4.206   1.00 13.46 ? 1   DC  D C5    1 
ATOM   619 C  C6    . DC  D  1 1  ? 0.756   -13.247 4.873   1.00 13.25 ? 1   DC  D C6    1 
ATOM   620 P  P     . DA  D  1 2  ? -3.347  -18.227 6.678   1.00 26.56 ? 2   DA  D P     1 
ATOM   621 O  OP1   . DA  D  1 2  ? -2.702  -18.970 7.789   1.00 25.10 ? 2   DA  D OP1   1 
ATOM   622 O  OP2   . DA  D  1 2  ? -3.453  -18.829 5.331   1.00 27.41 ? 2   DA  D OP2   1 
ATOM   623 O  "O5'" . DA  D  1 2  ? -4.807  -17.831 7.133   1.00 25.74 ? 2   DA  D "O5'" 1 
ATOM   624 C  "C5'" . DA  D  1 2  ? -5.572  -17.084 6.288   1.00 17.79 ? 2   DA  D "C5'" 1 
ATOM   625 C  "C4'" . DA  D  1 2  ? -6.827  -16.624 6.984   1.00 15.72 ? 2   DA  D "C4'" 1 
ATOM   626 O  "O4'" . DA  D  1 2  ? -6.517  -15.735 8.081   1.00 16.56 ? 2   DA  D "O4'" 1 
ATOM   627 C  "C3'" . DA  D  1 2  ? -7.758  -15.844 6.107   1.00 16.10 ? 2   DA  D "C3'" 1 
ATOM   628 O  "O3'" . DA  D  1 2  ? -9.028  -15.902 6.699   1.00 20.43 ? 2   DA  D "O3'" 1 
ATOM   629 C  "C2'" . DA  D  1 2  ? -7.145  -14.443 6.206   1.00 13.61 ? 2   DA  D "C2'" 1 
ATOM   630 C  "C1'" . DA  D  1 2  ? -6.799  -14.400 7.692   1.00 14.99 ? 2   DA  D "C1'" 1 
ATOM   631 N  N9    . DA  D  1 2  ? -5.672  -13.579 8.100   1.00 13.85 ? 2   DA  D N9    1 
ATOM   632 C  C8    . DA  D  1 2  ? -4.345  -13.867 7.947   1.00 10.24 ? 2   DA  D C8    1 
ATOM   633 N  N7    . DA  D  1 2  ? -3.545  -12.987 8.509   1.00 14.87 ? 2   DA  D N7    1 
ATOM   634 C  C5    . DA  D  1 2  ? -4.410  -12.078 9.105   1.00 13.85 ? 2   DA  D C5    1 
ATOM   635 C  C6    . DA  D  1 2  ? -4.194  -10.904 9.865   1.00 11.73 ? 2   DA  D C6    1 
ATOM   636 N  N6    . DA  D  1 2  ? -2.978  -10.433 10.171  1.00 10.78 ? 2   DA  D N6    1 
ATOM   637 N  N1    . DA  D  1 2  ? -5.286  -10.230 10.299  1.00 10.75 ? 2   DA  D N1    1 
ATOM   638 C  C2    . DA  D  1 2  ? -6.502  -10.706 10.002  1.00 11.88 ? 2   DA  D C2    1 
ATOM   639 N  N3    . DA  D  1 2  ? -6.828  -11.789 9.301   1.00 13.24 ? 2   DA  D N3    1 
ATOM   640 C  C4    . DA  D  1 2  ? -5.726  -12.440 8.879   1.00 15.66 ? 2   DA  D C4    1 
ATOM   641 P  P     . DC  D  1 3  ? -10.073 -17.038 6.262   1.00 17.86 ? 3   DC  D P     1 
ATOM   642 O  OP1   . DC  D  1 3  ? -11.106 -17.045 7.319   1.00 25.02 ? 3   DC  D OP1   1 
ATOM   643 O  OP2   . DC  D  1 3  ? -9.342  -18.279 5.924   1.00 20.19 ? 3   DC  D OP2   1 
ATOM   644 O  "O5'" . DC  D  1 3  ? -10.699 -16.517 4.888   1.00 15.08 ? 3   DC  D "O5'" 1 
ATOM   645 C  "C5'" . DC  D  1 3  ? -11.605 -15.433 4.888   1.00 15.80 ? 3   DC  D "C5'" 1 
ATOM   646 C  "C4'" . DC  D  1 3  ? -11.300 -14.520 3.729   1.00 14.66 ? 3   DC  D "C4'" 1 
ATOM   647 O  "O4'" . DC  D  1 3  ? -9.999  -13.972 3.943   1.00 15.78 ? 3   DC  D "O4'" 1 
ATOM   648 C  "C3'" . DC  D  1 3  ? -11.216 -15.220 2.385   1.00 13.59 ? 3   DC  D "C3'" 1 
ATOM   649 O  "O3'" . DC  D  1 3  ? -12.496 -15.224 1.762   1.00 14.15 ? 3   DC  D "O3'" 1 
ATOM   650 C  "C2'" . DC  D  1 3  ? -10.221 -14.352 1.610   1.00 11.82 ? 3   DC  D "C2'" 1 
ATOM   651 C  "C1'" . DC  D  1 3  ? -9.420  -13.646 2.703   1.00 12.32 ? 3   DC  D "C1'" 1 
ATOM   652 N  N1    . DC  D  1 3  ? -8.026  -14.076 2.758   1.00 11.03 ? 3   DC  D N1    1 
ATOM   653 C  C2    . DC  D  1 3  ? -7.017  -13.113 2.880   1.00 10.86 ? 3   DC  D C2    1 
ATOM   654 O  O2    . DC  D  1 3  ? -7.328  -11.918 2.900   1.00 12.21 ? 3   DC  D O2    1 
ATOM   655 N  N3    . DC  D  1 3  ? -5.734  -13.520 2.956   1.00 9.66  ? 3   DC  D N3    1 
ATOM   656 C  C4    . DC  D  1 3  ? -5.442  -14.824 2.922   1.00 10.60 ? 3   DC  D C4    1 
ATOM   657 N  N4    . DC  D  1 3  ? -4.162  -15.179 2.997   1.00 11.63 ? 3   DC  D N4    1 
ATOM   658 C  C5    . DC  D  1 3  ? -6.455  -15.823 2.799   1.00 12.43 ? 3   DC  D C5    1 
ATOM   659 C  C6    . DC  D  1 3  ? -7.723  -15.408 2.731   1.00 12.88 ? 3   DC  D C6    1 
ATOM   660 P  P     . DC  D  1 4  ? -12.735 -15.993 0.374   1.00 16.75 ? 4   DC  D P     1 
ATOM   661 O  OP1   . DC  D  1 4  ? -14.201 -15.960 0.141   1.00 19.58 ? 4   DC  D OP1   1 
ATOM   662 O  OP2   . DC  D  1 4  ? -11.996 -17.269 0.403   1.00 17.50 ? 4   DC  D OP2   1 
ATOM   663 O  "O5'" . DC  D  1 4  ? -12.068 -15.052 -0.735  1.00 12.52 ? 4   DC  D "O5'" 1 
ATOM   664 C  "C5'" . DC  D  1 4  ? -12.622 -13.795 -1.007  1.00 14.75 ? 4   DC  D "C5'" 1 
ATOM   665 C  "C4'" . DC  D  1 4  ? -11.647 -12.949 -1.785  1.00 12.98 ? 4   DC  D "C4'" 1 
ATOM   666 O  "O4'" . DC  D  1 4  ? -10.526 -12.609 -0.935  1.00 11.17 ? 4   DC  D "O4'" 1 
ATOM   667 C  "C3'" . DC  D  1 4  ? -10.990 -13.630 -2.964  1.00 11.58 ? 4   DC  D "C3'" 1 
ATOM   668 O  "O3'" . DC  D  1 4  ? -11.888 -13.679 -4.089  1.00 11.81 ? 4   DC  D "O3'" 1 
ATOM   669 C  "C2'" . DC  D  1 4  ? -9.806  -12.691 -3.194  1.00 13.30 ? 4   DC  D "C2'" 1 
ATOM   670 C  "C1'" . DC  D  1 4  ? -9.417  -12.300 -1.750  1.00 10.60 ? 4   DC  D "C1'" 1 
ATOM   671 N  N1    . DC  D  1 4  ? -8.199  -13.020 -1.260  1.00 9.65  ? 4   DC  D N1    1 
ATOM   672 C  C2    . DC  D  1 4  ? -7.140  -12.288 -0.724  1.00 8.18  ? 4   DC  D C2    1 
ATOM   673 O  O2    . DC  D  1 4  ? -7.265  -11.061 -0.585  1.00 7.97  ? 4   DC  D O2    1 
ATOM   674 N  N3    . DC  D  1 4  ? -6.010  -12.951 -0.343  1.00 8.95  ? 4   DC  D N3    1 
ATOM   675 C  C4    . DC  D  1 4  ? -5.935  -14.293 -0.493  1.00 9.13  ? 4   DC  D C4    1 
ATOM   676 N  N4    . DC  D  1 4  ? -4.809  -14.918 -0.109  1.00 11.65 ? 4   DC  D N4    1 
ATOM   677 C  C5    . DC  D  1 4  ? -7.010  -15.044 -1.043  1.00 9.71  ? 4   DC  D C5    1 
ATOM   678 C  C6    . DC  D  1 4  ? -8.104  -14.372 -1.417  1.00 10.69 ? 4   DC  D C6    1 
ATOM   679 P  P     . DA  D  1 5  ? -11.532 -14.565 -5.382  1.00 12.21 ? 5   DA  D P     1 
ATOM   680 O  OP1   . DA  D  1 5  ? -12.749 -14.645 -6.230  1.00 15.40 ? 5   DA  D OP1   1 
ATOM   681 O  OP2   . DA  D  1 5  ? -10.855 -15.813 -4.961  1.00 15.94 ? 5   DA  D OP2   1 
ATOM   682 O  "O5'" . DA  D  1 5  ? -10.458 -13.662 -6.130  1.00 12.62 ? 5   DA  D "O5'" 1 
ATOM   683 C  "C5'" . DA  D  1 5  ? -9.778  -14.118 -7.292  1.00 12.23 ? 5   DA  D "C5'" 1 
ATOM   684 C  "C4'" . DA  D  1 5  ? -9.216  -12.931 -8.052  1.00 11.02 ? 5   DA  D "C4'" 1 
ATOM   685 O  "O4'" . DA  D  1 5  ? -10.321 -12.174 -8.604  1.00 11.83 ? 5   DA  D "O4'" 1 
ATOM   686 C  "C3'" . DA  D  1 5  ? -8.420  -11.927 -7.210  1.00 11.20 ? 5   DA  D "C3'" 1 
ATOM   687 O  "O3'" . DA  D  1 5  ? -7.472  -11.263 -8.025  1.00 9.07  ? 5   DA  D "O3'" 1 
ATOM   688 C  "C2'" . DA  D  1 5  ? -9.503  -10.942 -6.795  1.00 11.18 ? 5   DA  D "C2'" 1 
ATOM   689 C  "C1'" . DA  D  1 5  ? -10.312 -10.870 -8.087  1.00 13.70 ? 5   DA  D "C1'" 1 
ATOM   690 N  N9    . DA  D  1 5  ? -11.692 -10.475 -7.872  1.00 12.83 ? 5   DA  D N9    1 
ATOM   691 C  C8    . DA  D  1 5  ? -12.627 -11.132 -7.121  1.00 14.57 ? 5   DA  D C8    1 
ATOM   692 N  N7    . DA  D  1 5  ? -13.798 -10.543 -7.106  1.00 16.59 ? 5   DA  D N7    1 
ATOM   693 C  C5    . DA  D  1 5  ? -13.617 -9.433  -7.910  1.00 14.97 ? 5   DA  D C5    1 
ATOM   694 C  C6    . DA  D  1 5  ? -14.485 -8.397  -8.306  1.00 13.89 ? 5   DA  D C6    1 
ATOM   695 N  N6    . DA  D  1 5  ? -15.758 -8.324  -7.914  1.00 15.76 ? 5   DA  D N6    1 
ATOM   696 N  N1    . DA  D  1 5  ? -13.993 -7.442  -9.114  1.00 15.16 ? 5   DA  D N1    1 
ATOM   697 C  C2    . DA  D  1 5  ? -12.716 -7.521  -9.505  1.00 14.29 ? 5   DA  D C2    1 
ATOM   698 N  N3    . DA  D  1 5  ? -11.808 -8.447  -9.204  1.00 13.22 ? 5   DA  D N3    1 
ATOM   699 C  C4    . DA  D  1 5  ? -12.328 -9.381  -8.396  1.00 13.14 ? 5   DA  D C4    1 
ATOM   700 P  P     . DA  D  1 6  ? -5.934  -11.717 -8.106  1.00 8.18  ? 6   DA  D P     1 
ATOM   701 O  OP1   . DA  D  1 6  ? -5.506  -12.275 -6.810  1.00 6.57  ? 6   DA  D OP1   1 
ATOM   702 O  OP2   . DA  D  1 6  ? -5.214  -10.544 -8.671  1.00 7.86  ? 6   DA  D OP2   1 
ATOM   703 O  "O5'" . DA  D  1 6  ? -5.919  -12.891 -9.168  1.00 9.17  ? 6   DA  D "O5'" 1 
ATOM   704 C  "C5'" . DA  D  1 6  ? -6.185  -12.611 -10.550 1.00 10.77 ? 6   DA  D "C5'" 1 
ATOM   705 C  "C4'" . DA  D  1 6  ? -5.177  -13.335 -11.383 1.00 10.85 ? 6   DA  D "C4'" 1 
ATOM   706 O  "O4'" . DA  D  1 6  ? -3.976  -12.537 -11.448 1.00 11.39 ? 6   DA  D "O4'" 1 
ATOM   707 C  "C3'" . DA  D  1 6  ? -4.817  -14.622 -10.682 1.00 14.50 ? 6   DA  D "C3'" 1 
ATOM   708 O  "O3'" . DA  D  1 6  ? -5.228  -15.726 -11.407 1.00 14.33 ? 6   DA  D "O3'" 1 
ATOM   709 C  "C2'" . DA  D  1 6  ? -3.311  -14.562 -10.433 1.00 14.75 ? 6   DA  D "C2'" 1 
ATOM   710 C  "C1'" . DA  D  1 6  ? -2.855  -13.338 -11.207 1.00 13.79 ? 6   DA  D "C1'" 1 
ATOM   711 N  N9    . DA  D  1 6  ? -1.937  -12.515 -10.454 1.00 9.93  ? 6   DA  D N9    1 
ATOM   712 C  C8    . DA  D  1 6  ? -2.262  -11.507 -9.592  1.00 10.02 ? 6   DA  D C8    1 
ATOM   713 N  N7    . DA  D  1 6  ? -1.224  -10.932 -9.040  1.00 8.33  ? 6   DA  D N7    1 
ATOM   714 C  C5    . DA  D  1 6  ? -0.147  -11.601 -9.598  1.00 8.95  ? 6   DA  D C5    1 
ATOM   715 C  C6    . DA  D  1 6  ? 1.244   -11.469 -9.422  1.00 12.32 ? 6   DA  D C6    1 
ATOM   716 N  N6    . DA  D  1 6  ? 1.805   -10.570 -8.618  1.00 10.83 ? 6   DA  D N6    1 
ATOM   717 N  N1    . DA  D  1 6  ? 2.037   -12.304 -10.111 1.00 12.81 ? 6   DA  D N1    1 
ATOM   718 C  C2    . DA  D  1 6  ? 1.473   -13.204 -10.922 1.00 11.23 ? 6   DA  D C2    1 
ATOM   719 N  N3    . DA  D  1 6  ? 0.185   -13.424 -11.162 1.00 11.76 ? 6   DA  D N3    1 
ATOM   720 C  C4    . DA  D  1 6  ? -0.576  -12.587 -10.458 1.00 10.38 ? 6   DA  D C4    1 
ATOM   721 P  P     . DG  D  1 7  ? -5.992  -16.867 -10.570 1.00 21.98 ? 7   DG  D P     1 
ATOM   722 O  OP1   . DG  D  1 7  ? -6.396  -17.962 -11.471 1.00 22.39 ? 7   DG  D OP1   1 
ATOM   723 O  OP2   . DG  D  1 7  ? -6.987  -16.185 -9.698  1.00 18.80 ? 7   DG  D OP2   1 
ATOM   724 O  "O5'" . DG  D  1 7  ? -4.860  -17.357 -9.574  1.00 15.83 ? 7   DG  D "O5'" 1 
ATOM   725 C  "C5'" . DG  D  1 7  ? -3.897  -18.241 -10.045 1.00 14.67 ? 7   DG  D "C5'" 1 
ATOM   726 C  "C4'" . DG  D  1 7  ? -2.765  -18.345 -9.060  1.00 15.04 ? 7   DG  D "C4'" 1 
ATOM   727 O  "O4'" . DG  D  1 7  ? -2.171  -17.020 -8.914  1.00 11.59 ? 7   DG  D "O4'" 1 
ATOM   728 C  "C3'" . DG  D  1 7  ? -3.150  -18.782 -7.633  1.00 14.42 ? 7   DG  D "C3'" 1 
ATOM   729 O  "O3'" . DG  D  1 7  ? -2.111  -19.618 -7.128  1.00 18.03 ? 7   DG  D "O3'" 1 
ATOM   730 C  "C2'" . DG  D  1 7  ? -3.193  -17.453 -6.893  1.00 11.14 ? 7   DG  D "C2'" 1 
ATOM   731 C  "C1'" . DG  D  1 7  ? -1.999  -16.792 -7.546  1.00 12.07 ? 7   DG  D "C1'" 1 
ATOM   732 N  N9    . DG  D  1 7  ? -1.820  -15.382 -7.225  1.00 11.04 ? 7   DG  D N9    1 
ATOM   733 C  C8    . DG  D  1 7  ? -2.778  -14.454 -6.887  1.00 7.83  ? 7   DG  D C8    1 
ATOM   734 N  N7    . DG  D  1 7  ? -2.270  -13.289 -6.567  1.00 7.21  ? 7   DG  D N7    1 
ATOM   735 C  C5    . DG  D  1 7  ? -0.895  -13.473 -6.691  1.00 8.09  ? 7   DG  D C5    1 
ATOM   736 C  C6    . DG  D  1 7  ? 0.177   -12.574 -6.468  1.00 10.23 ? 7   DG  D C6    1 
ATOM   737 O  O6    . DG  D  1 7  ? 0.128   -11.398 -6.100  1.00 12.08 ? 7   DG  D O6    1 
ATOM   738 N  N1    . DG  D  1 7  ? 1.414   -13.175 -6.710  1.00 9.50  ? 7   DG  D N1    1 
ATOM   739 C  C2    . DG  D  1 7  ? 1.589   -14.478 -7.102  1.00 13.57 ? 7   DG  D C2    1 
ATOM   740 N  N2    . DG  D  1 7  ? 2.860   -14.881 -7.290  1.00 14.30 ? 7   DG  D N2    1 
ATOM   741 N  N3    . DG  D  1 7  ? 0.597   -15.327 -7.308  1.00 13.95 ? 7   DG  D N3    1 
ATOM   742 C  C4    . DG  D  1 7  ? -0.613  -14.757 -7.082  1.00 10.18 ? 7   DG  D C4    1 
ATOM   743 P  P     . DC  D  1 8  ? -2.082  -20.146 -5.606  1.00 16.64 ? 8   DC  D P     1 
ATOM   744 O  OP1   . DC  D  1 8  ? -1.182  -21.326 -5.553  1.00 16.11 ? 8   DC  D OP1   1 
ATOM   745 O  OP2   . DC  D  1 8  ? -3.475  -20.263 -5.121  1.00 16.58 ? 8   DC  D OP2   1 
ATOM   746 O  "O5'" . DC  D  1 8  ? -1.404  -18.944 -4.793  1.00 15.80 ? 8   DC  D "O5'" 1 
ATOM   747 C  "C5'" . DC  D  1 8  ? -0.050  -18.605 -5.027  1.00 13.65 ? 8   DC  D "C5'" 1 
ATOM   748 C  "C4'" . DC  D  1 8  ? 0.350   -17.425 -4.171  1.00 13.10 ? 8   DC  D "C4'" 1 
ATOM   749 O  "O4'" . DC  D  1 8  ? -0.376  -16.258 -4.597  1.00 11.74 ? 8   DC  D "O4'" 1 
ATOM   750 C  "C3'" . DC  D  1 8  ? 0.024   -17.578 -2.704  1.00 11.63 ? 8   DC  D "C3'" 1 
ATOM   751 O  "O3'" . DC  D  1 8  ? 1.135   -18.175 -2.077  1.00 15.93 ? 8   DC  D "O3'" 1 
ATOM   752 C  "C2'" . DC  D  1 8  ? -0.164  -16.133 -2.235  1.00 10.20 ? 8   DC  D "C2'" 1 
ATOM   753 C  "C1'" . DC  D  1 8  ? -0.555  -15.379 -3.509  1.00 9.93  ? 8   DC  D "C1'" 1 
ATOM   754 N  N1    . DC  D  1 8  ? -1.967  -14.929 -3.541  1.00 11.45 ? 8   DC  D N1    1 
ATOM   755 C  C2    . DC  D  1 8  ? -2.263  -13.559 -3.561  1.00 8.94  ? 8   DC  D C2    1 
ATOM   756 O  O2    . DC  D  1 8  ? -1.341  -12.730 -3.517  1.00 10.02 ? 8   DC  D O2    1 
ATOM   757 N  N3    . DC  D  1 8  ? -3.563  -13.179 -3.629  1.00 8.43  ? 8   DC  D N3    1 
ATOM   758 C  C4    . DC  D  1 8  ? -4.530  -14.106 -3.682  1.00 9.67  ? 8   DC  D C4    1 
ATOM   759 N  N4    . DC  D  1 8  ? -5.802  -13.687 -3.746  1.00 9.19  ? 8   DC  D N4    1 
ATOM   760 C  C5    . DC  D  1 8  ? -4.237  -15.496 -3.673  1.00 9.47  ? 8   DC  D C5    1 
ATOM   761 C  C6    . DC  D  1 8  ? -2.955  -15.856 -3.616  1.00 10.42 ? 8   DC  D C6    1 
ATOM   762 P  P     . DG  D  1 9  ? 0.953   -19.228 -0.884  1.00 14.92 ? 9   DG  D P     1 
ATOM   763 O  OP1   . DG  D  1 9  ? 1.580   -20.489 -1.348  1.00 22.84 ? 9   DG  D OP1   1 
ATOM   764 O  OP2   . DG  D  1 9  ? -0.441  -19.251 -0.386  1.00 15.60 ? 9   DG  D OP2   1 
ATOM   765 O  "O5'" . DG  D  1 9  ? 1.865   -18.609 0.260   1.00 21.25 ? 9   DG  D "O5'" 1 
ATOM   766 C  "C5'" . DG  D  1 9  ? 3.230   -18.310 -0.018  1.00 19.06 ? 9   DG  D "C5'" 1 
ATOM   767 C  "C4'" . DG  D  1 9  ? 3.748   -17.319 0.992   1.00 20.82 ? 9   DG  D "C4'" 1 
ATOM   768 O  "O4'" . DG  D  1 9  ? 3.060   -16.063 0.817   1.00 18.76 ? 9   DG  D "O4'" 1 
ATOM   769 C  "C3'" . DG  D  1 9  ? 3.569   -17.732 2.441   1.00 19.84 ? 9   DG  D "C3'" 1 
ATOM   770 O  "O3'" . DG  D  1 9  ? 4.751   -17.465 3.165   1.00 26.30 ? 9   DG  D "O3'" 1 
ATOM   771 C  "C2'" . DG  D  1 9  ? 2.409   -16.888 2.948   1.00 19.67 ? 9   DG  D "C2'" 1 
ATOM   772 C  "C1'" . DG  D  1 9  ? 2.355   -15.713 1.976   1.00 18.93 ? 9   DG  D "C1'" 1 
ATOM   773 N  N9    . DG  D  1 9  ? 0.996   -15.360 1.599   1.00 14.49 ? 9   DG  D N9    1 
ATOM   774 C  C8    . DG  D  1 9  ? -0.140  -16.101 1.808   1.00 16.92 ? 9   DG  D C8    1 
ATOM   775 N  N7    . DG  D  1 9  ? -1.221  -15.519 1.380   1.00 13.07 ? 9   DG  D N7    1 
ATOM   776 C  C5    . DG  D  1 9  ? -0.773  -14.322 0.855   1.00 10.88 ? 9   DG  D C5    1 
ATOM   777 C  C6    . DG  D  1 9  ? -1.495  -13.270 0.257   1.00 11.83 ? 9   DG  D C6    1 
ATOM   778 O  O6    . DG  D  1 9  ? -2.707  -13.200 0.065   1.00 12.33 ? 9   DG  D O6    1 
ATOM   779 N  N1    . DG  D  1 9  ? -0.661  -12.239 -0.152  1.00 9.90  ? 9   DG  D N1    1 
ATOM   780 C  C2    . DG  D  1 9  ? 0.709   -12.223 0.010   1.00 11.94 ? 9   DG  D C2    1 
ATOM   781 N  N2    . DG  D  1 9  ? 1.358   -11.144 -0.451  1.00 11.25 ? 9   DG  D N2    1 
ATOM   782 N  N3    . DG  D  1 9  ? 1.395   -13.199 0.587   1.00 13.58 ? 9   DG  D N3    1 
ATOM   783 C  C4    . DG  D  1 9  ? 0.591   -14.210 0.981   1.00 12.35 ? 9   DG  D C4    1 
ATOM   784 P  P     . DA  D  1 10 ? 5.787   -18.649 3.467   1.00 38.12 ? 10  DA  D P     1 
ATOM   785 O  OP1   . DA  D  1 10 ? 4.975   -19.888 3.562   1.00 30.45 ? 10  DA  D OP1   1 
ATOM   786 O  OP2   . DA  D  1 10 ? 6.661   -18.235 4.589   1.00 36.74 ? 10  DA  D OP2   1 
ATOM   787 O  "O5'" . DA  D  1 10 ? 6.647   -18.747 2.125   1.00 27.66 ? 10  DA  D "O5'" 1 
ATOM   788 C  "C5'" . DA  D  1 10 ? 6.571   -19.917 1.365   1.00 26.14 ? 10  DA  D "C5'" 1 
ATOM   789 C  "C4'" . DA  D  1 10 ? 7.444   -19.849 0.130   1.00 24.21 ? 10  DA  D "C4'" 1 
ATOM   790 O  "O4'" . DA  D  1 10 ? 6.784   -19.082 -0.901  1.00 25.74 ? 10  DA  D "O4'" 1 
ATOM   791 C  "C3'" . DA  D  1 10 ? 8.826   -19.229 0.325   1.00 24.56 ? 10  DA  D "C3'" 1 
ATOM   792 O  "O3'" . DA  D  1 10 ? 9.794   -19.994 -0.394  1.00 21.67 ? 10  DA  D "O3'" 1 
ATOM   793 C  "C2'" . DA  D  1 10 ? 8.694   -17.813 -0.250  1.00 20.49 ? 10  DA  D "C2'" 1 
ATOM   794 C  "C1'" . DA  D  1 10 ? 7.519   -17.915 -1.230  1.00 20.46 ? 10  DA  D "C1'" 1 
ATOM   795 N  N9    . DA  D  1 10 ? 6.620   -16.760 -1.203  1.00 19.93 ? 10  DA  D N9    1 
ATOM   796 C  C8    . DA  D  1 10 ? 6.546   -15.791 -0.244  1.00 20.42 ? 10  DA  D C8    1 
ATOM   797 N  N7    . DA  D  1 10 ? 5.615   -14.890 -0.471  1.00 18.45 ? 10  DA  D N7    1 
ATOM   798 C  C5    . DA  D  1 10 ? 4.993   -15.335 -1.625  1.00 18.85 ? 10  DA  D C5    1 
ATOM   799 C  C6    . DA  D  1 10 ? 3.907   -14.832 -2.382  1.00 16.22 ? 10  DA  D C6    1 
ATOM   800 N  N6    . DA  D  1 10 ? 3.235   -13.719 -2.062  1.00 19.14 ? 10  DA  D N6    1 
ATOM   801 N  N1    . DA  D  1 10 ? 3.543   -15.521 -3.487  1.00 19.81 ? 10  DA  D N1    1 
ATOM   802 C  C2    . DA  D  1 10 ? 4.221   -16.635 -3.805  1.00 17.60 ? 10  DA  D C2    1 
ATOM   803 N  N3    . DA  D  1 10 ? 5.251   -17.203 -3.172  1.00 19.36 ? 10  DA  D N3    1 
ATOM   804 C  C4    . DA  D  1 10 ? 5.592   -16.496 -2.083  1.00 18.01 ? 10  DA  D C4    1 
HETATM 805 AG AG    . AG  E  2 .  ? 3.088   11.024  5.745   1.00 10.44 ? 101 AG  A AG    1 
HETATM 806 AG AG    . AG  F  2 .  ? 3.683   11.142  3.024   1.00 8.93  ? 102 AG  A AG    1 
HETATM 807 AG AG    . AG  G  2 .  ? 4.284   11.338  0.223   1.00 8.41  ? 103 AG  A AG    1 
HETATM 808 AG AG    . AG  H  2 .  ? 4.796   12.112  -2.777  1.00 8.02  ? 104 AG  A AG    1 
HETATM 809 AG AG    . AG  I  2 .  ? 1.257   9.857   4.168   1.00 9.47  ? 105 AG  A AG    1 
HETATM 810 AG AG    . AG  J  2 .  ? 1.763   10.521  1.119   1.00 8.87  ? 106 AG  A AG    1 
HETATM 811 AG AG    . AG  K  2 .  ? 2.591   10.718  -1.984  1.00 8.43  ? 107 AG  A AG    1 
HETATM 812 AG AG    . AG  L  2 .  ? 3.143   10.823  -4.679  1.00 8.08  ? 108 AG  A AG    1 
HETATM 813 AG AG    . AG  M  2 .  ? 7.180   10.836  -0.090  0.33 9.18  ? 109 AG  A AG    1 
HETATM 814 AG AG    . AG  N  2 .  ? 2.951   8.236   5.663   1.00 10.49 ? 101 AG  B AG    1 
HETATM 815 AG AG    . AG  O  2 .  ? 5.182   9.516   4.670   1.00 9.92  ? 102 AG  B AG    1 
HETATM 816 AG AG    . AG  P  2 .  ? 5.517   9.339   1.556   1.00 8.64  ? 103 AG  B AG    1 
HETATM 817 AG AG    . AG  Q  2 .  ? 5.716   10.032  -4.370  1.00 8.11  ? 104 AG  B AG    1 
HETATM 818 AG AG    . AG  R  2 .  ? 3.159   8.440   2.830   1.00 9.01  ? 105 AG  B AG    1 
HETATM 819 AG AG    . AG  S  2 .  ? 3.350   8.716   -0.068  1.00 8.49  ? 106 AG  B AG    1 
HETATM 820 AG AG    . AG  T  2 .  ? 3.655   8.462   -3.261  1.00 7.76  ? 107 AG  B AG    1 
HETATM 821 AG AG    . AG  U  2 .  ? 5.563   9.633   -1.662  1.00 8.20  ? 108 AG  B AG    1 
HETATM 822 AG AG    . AG  V  2 .  ? 0.641   9.282   -1.082  0.33 9.82  ? 109 AG  B AG    1 
HETATM 823 CA CA    . CA  W  3 .  ? -1.466  -0.727  9.943   1.00 15.08 ? 110 CA  B CA    1 
HETATM 824 CA CA    . CA  X  3 .  ? 4.022   -1.500  -0.576  1.00 21.01 ? 111 CA  B CA    1 
HETATM 825 CA CA    . CA  Y  3 .  ? 7.957   -3.028  -2.703  1.00 18.41 ? 112 CA  B CA    1 
HETATM 826 CA CA    . CA  Z  3 .  ? -6.844  3.575   -4.342  1.00 21.79 ? 113 CA  B CA    1 
HETATM 827 CA CA    . CA  AA 3 .  ? 4.682   0.163   12.552  1.00 15.94 ? 114 CA  B CA    1 
HETATM 828 AG AG    . AG  BA 2 .  ? -0.063  -9.026  -2.655  0.34 10.14 ? 101 AG  C AG    1 
HETATM 829 AG AG    . AG  CA 2 .  ? -4.297  -8.805  3.066   1.00 10.48 ? 102 AG  C AG    1 
HETATM 830 AG AG    . AG  DA 2 .  ? -3.632  -8.714  0.368   1.00 8.88  ? 103 AG  C AG    1 
HETATM 831 AG AG    . AG  EA 2 .  ? -2.961  -8.527  -2.406  1.00 8.31  ? 104 AG  C AG    1 
HETATM 832 AG AG    . AG  FA 2 .  ? -2.313  -7.781  -5.417  1.00 8.12  ? 105 AG  C AG    1 
HETATM 833 AG AG    . AG  GA 2 .  ? -6.120  -9.953  1.445   1.00 9.38  ? 106 AG  C AG    1 
HETATM 834 AG AG    . AG  HA 2 .  ? -5.521  -9.319  -1.585  1.00 8.75  ? 107 AG  C AG    1 
HETATM 835 AG AG    . AG  IA 2 .  ? -4.591  -9.120  -4.660  1.00 8.49  ? 108 AG  C AG    1 
HETATM 836 AG AG    . AG  JA 2 .  ? -3.957  -9.073  -7.333  1.00 8.03  ? 109 AG  C AG    1 
HETATM 837 CA CA    . CA  KA 3 .  ? -3.499  1.766   -1.254  1.00 18.03 ? 110 CA  C CA    1 
HETATM 838 CA CA    . CA  LA 3 .  ? -7.718  -2.396  11.118  1.00 19.39 ? 111 CA  C CA    1 
HETATM 839 CA CA    . CA  MA 3 .  ? -10.350 1.803   0.659   1.00 38.23 ? 112 CA  C CA    1 
HETATM 840 AG AG    . AG  NA 2 .  ? -6.609  -10.536 -3.810  0.34 9.90  ? 101 AG  D AG    1 
HETATM 841 AG AG    . AG  OA 2 .  ? -4.475  -11.609 2.998   1.00 10.18 ? 102 AG  D AG    1 
HETATM 842 AG AG    . AG  PA 2 .  ? -2.222  -10.365 2.059   1.00 9.76  ? 103 AG  D AG    1 
HETATM 843 AG AG    . AG  QA 2 .  ? -1.795  -10.542 -1.048  1.00 8.91  ? 104 AG  D AG    1 
HETATM 844 AG AG    . AG  RA 2 .  ? -1.392  -9.922  -6.957  1.00 8.24  ? 105 AG  D AG    1 
HETATM 845 AG AG    . AG  SA 2 .  ? -4.188  -11.419 0.171   1.00 8.92  ? 106 AG  D AG    1 
HETATM 846 AG AG    . AG  TA 2 .  ? -3.915  -11.141 -2.723  1.00 8.47  ? 107 AG  D AG    1 
HETATM 847 AG AG    . AG  UA 2 .  ? -3.517  -11.406 -5.873  1.00 8.12  ? 108 AG  D AG    1 
HETATM 848 AG AG    . AG  VA 2 .  ? -1.643  -10.264 -4.248  1.00 8.50  ? 109 AG  D AG    1 
HETATM 849 O  O     . HOH WA 4 .  ? 14.882  15.353  8.011   1.00 29.24 ? 201 HOH A O     1 
HETATM 850 O  O     . HOH WA 4 .  ? 1.901   17.093  7.293   1.00 20.50 ? 202 HOH A O     1 
HETATM 851 O  O     . HOH WA 4 .  ? -4.523  13.043  0.775   1.00 22.50 ? 203 HOH A O     1 
HETATM 852 O  O     . HOH WA 4 .  ? 9.378   17.362  -3.546  1.00 18.31 ? 204 HOH A O     1 
HETATM 853 O  O     . HOH WA 4 .  ? 0.065   15.980  13.999  1.00 20.42 ? 205 HOH A O     1 
HETATM 854 O  O     . HOH WA 4 .  ? 17.205  6.237   -3.564  1.00 15.06 ? 206 HOH A O     1 
HETATM 855 O  O     . HOH WA 4 .  ? 1.920   17.072  4.076   1.00 20.18 ? 207 HOH A O     1 
HETATM 856 O  O     . HOH WA 4 .  ? -0.965  12.160  -2.453  1.00 15.95 ? 208 HOH A O     1 
HETATM 857 O  O     . HOH WA 4 .  ? -4.977  9.803   3.224   1.00 22.79 ? 209 HOH A O     1 
HETATM 858 O  O     . HOH WA 4 .  ? 7.450   15.828  -2.350  1.00 12.98 ? 210 HOH A O     1 
HETATM 859 O  O     . HOH WA 4 .  ? 11.893  9.805   -6.073  1.00 14.46 ? 211 HOH A O     1 
HETATM 860 O  O     . HOH WA 4 .  ? -2.126  13.947  -9.060  1.00 22.19 ? 212 HOH A O     1 
HETATM 861 O  O     . HOH WA 4 .  ? 8.391   16.105  0.340   1.00 13.22 ? 213 HOH A O     1 
HETATM 862 O  O     . HOH WA 4 .  ? 4.402   17.502  3.657   1.00 23.15 ? 214 HOH A O     1 
HETATM 863 O  O     . HOH WA 4 .  ? 7.001   10.331  10.334  1.00 23.42 ? 215 HOH A O     1 
HETATM 864 O  O     . HOH WA 4 .  ? 1.570   18.469  -6.976  1.00 24.60 ? 216 HOH A O     1 
HETATM 865 O  O     . HOH WA 4 .  ? -10.825 21.011  6.396   1.00 24.37 ? 217 HOH A O     1 
HETATM 866 O  O     . HOH XA 4 .  ? -8.039  3.047   0.934   1.00 27.76 ? 201 HOH B O     1 
HETATM 867 O  O     . HOH XA 4 .  ? 15.062  -0.007  8.055   1.00 21.06 ? 202 HOH B O     1 
HETATM 868 O  O     . HOH XA 4 .  ? -1.293  2.719   -10.116 1.00 16.12 ? 203 HOH B O     1 
HETATM 869 O  O     . HOH XA 4 .  ? -0.381  3.271   -6.373  1.00 17.73 ? 204 HOH B O     1 
HETATM 870 O  O     . HOH XA 4 .  ? 4.822   0.321   0.935   1.00 25.04 ? 205 HOH B O     1 
HETATM 871 O  O     . HOH XA 4 .  ? -1.138  1.305   6.295   1.00 18.39 ? 206 HOH B O     1 
HETATM 872 O  O     . HOH XA 4 .  ? 4.129   1.958   5.411   1.00 21.10 ? 207 HOH B O     1 
HETATM 873 O  O     . HOH XA 4 .  ? 6.614   4.152   -9.613  1.00 18.65 ? 208 HOH B O     1 
HETATM 874 O  O     . HOH XA 4 .  ? -2.389  11.333  -7.792  1.00 16.40 ? 209 HOH B O     1 
HETATM 875 O  O     . HOH XA 4 .  ? -4.191  0.764   12.014  1.00 17.47 ? 210 HOH B O     1 
HETATM 876 O  O     . HOH XA 4 .  ? 11.422  7.015   3.756   1.00 18.76 ? 211 HOH B O     1 
HETATM 877 O  O     . HOH XA 4 .  ? 6.562   7.890   11.474  1.00 17.75 ? 212 HOH B O     1 
HETATM 878 O  O     . HOH XA 4 .  ? 11.267  7.707   -3.732  1.00 14.24 ? 213 HOH B O     1 
HETATM 879 O  O     . HOH XA 4 .  ? -6.083  1.643   9.203   1.00 19.94 ? 214 HOH B O     1 
HETATM 880 O  O     . HOH XA 4 .  ? 2.829   0.668   -0.772  1.00 26.35 ? 215 HOH B O     1 
HETATM 881 O  O     . HOH XA 4 .  ? -10.114 9.281   -4.492  1.00 20.83 ? 216 HOH B O     1 
HETATM 882 O  O     . HOH XA 4 .  ? 1.207   4.724   -4.288  1.00 10.69 ? 217 HOH B O     1 
HETATM 883 O  O     . HOH XA 4 .  ? -2.191  7.668   11.136  1.00 20.07 ? 218 HOH B O     1 
HETATM 884 O  O     . HOH XA 4 .  ? 5.548   1.574   -10.053 1.00 13.82 ? 219 HOH B O     1 
HETATM 885 O  O     . HOH XA 4 .  ? -2.547  2.569   0.888   1.00 16.03 ? 220 HOH B O     1 
HETATM 886 O  O     . HOH XA 4 .  ? -10.694 13.165  -6.619  1.00 13.81 ? 221 HOH B O     1 
HETATM 887 O  O     . HOH XA 4 .  ? -0.607  3.990   -1.750  1.00 18.84 ? 222 HOH B O     1 
HETATM 888 O  O     . HOH XA 4 .  ? 10.901  10.586  6.890   1.00 24.25 ? 223 HOH B O     1 
HETATM 889 O  O     . HOH XA 4 .  ? -6.100  5.257   -6.218  1.00 26.25 ? 224 HOH B O     1 
HETATM 890 O  O     . HOH XA 4 .  ? -6.046  2.229   -1.668  1.00 21.21 ? 225 HOH B O     1 
HETATM 891 O  O     . HOH XA 4 .  ? 7.061   0.694   12.599  1.00 27.04 ? 226 HOH B O     1 
HETATM 892 O  O     . HOH XA 4 .  ? 8.281   2.832   -7.191  1.00 21.58 ? 227 HOH B O     1 
HETATM 893 O  O     . HOH XA 4 .  ? 4.373   1.199   -12.717 1.00 21.86 ? 228 HOH B O     1 
HETATM 894 O  O     . HOH XA 4 .  ? 8.767   -0.105  -5.660  1.00 23.35 ? 229 HOH B O     1 
HETATM 895 O  O     . HOH YA 4 .  ? -17.357 0.506   -4.964  1.00 21.57 ? 201 HOH C O     1 
HETATM 896 O  O     . HOH YA 4 .  ? 9.862   -13.902 -6.201  1.00 17.15 ? 202 HOH C O     1 
HETATM 897 O  O     . HOH YA 4 .  ? -11.821 -7.325  -1.467  1.00 22.22 ? 203 HOH C O     1 
HETATM 898 O  O     . HOH YA 4 .  ? -8.716  -5.346  -11.603 1.00 21.21 ? 204 HOH C O     1 
HETATM 899 O  O     . HOH YA 4 .  ? -5.389  -2.741  4.301   1.00 17.42 ? 205 HOH C O     1 
HETATM 900 O  O     . HOH YA 4 .  ? -9.228  -6.506  -8.164  1.00 13.93 ? 206 HOH C O     1 
HETATM 901 O  O     . HOH YA 4 .  ? 4.754   -10.307 -8.438  1.00 19.07 ? 207 HOH C O     1 
HETATM 902 O  O     . HOH YA 4 .  ? 2.491   -2.412  -6.368  1.00 17.66 ? 208 HOH C O     1 
HETATM 903 O  O     . HOH YA 4 .  ? -5.071  0.217   6.993   1.00 21.70 ? 209 HOH C O     1 
HETATM 904 O  O     . HOH YA 4 .  ? 1.067   -0.720  9.706   1.00 17.35 ? 210 HOH C O     1 
HETATM 905 O  O     . HOH YA 4 .  ? -3.335  -2.326  -11.372 1.00 16.82 ? 211 HOH C O     1 
HETATM 906 O  O     . HOH YA 4 .  ? -0.570  -2.208  6.034   1.00 19.30 ? 212 HOH C O     1 
HETATM 907 O  O     . HOH YA 4 .  ? -9.133  -9.184  8.082   1.00 24.14 ? 213 HOH C O     1 
HETATM 908 O  O     . HOH YA 4 .  ? -2.241  0.267   -10.965 1.00 15.79 ? 214 HOH C O     1 
HETATM 909 O  O     . HOH YA 4 .  ? -8.088  -7.719  -4.984  1.00 16.05 ? 215 HOH C O     1 
HETATM 910 O  O     . HOH YA 4 .  ? 7.567   -6.766  -0.599  1.00 20.15 ? 216 HOH C O     1 
HETATM 911 O  O     . HOH YA 4 .  ? -0.646  2.322   -4.028  1.00 23.15 ? 217 HOH C O     1 
HETATM 912 O  O     . HOH YA 4 .  ? 0.375   -4.058  -5.026  1.00 12.20 ? 218 HOH C O     1 
HETATM 913 O  O     . HOH YA 4 .  ? -3.127  -0.591  -1.036  1.00 19.82 ? 219 HOH C O     1 
HETATM 914 O  O     . HOH YA 4 .  ? 3.761   -3.064  9.715   1.00 22.01 ? 220 HOH C O     1 
HETATM 915 O  O     . HOH YA 4 .  ? 1.145   -3.761  -2.282  1.00 14.56 ? 221 HOH C O     1 
HETATM 916 O  O     . HOH YA 4 .  ? -7.746  -0.248  10.178  1.00 20.29 ? 222 HOH C O     1 
HETATM 917 O  O     . HOH YA 4 .  ? 2.370   -2.498  0.963   1.00 22.20 ? 223 HOH C O     1 
HETATM 918 O  O     . HOH YA 4 .  ? 12.478  -12.163 -5.278  1.00 16.26 ? 224 HOH C O     1 
HETATM 919 O  O     . HOH YA 4 .  ? 6.984   -2.539  -0.352  1.00 24.90 ? 225 HOH C O     1 
HETATM 920 O  O     . HOH YA 4 .  ? 9.250   -5.034  -2.025  1.00 24.08 ? 226 HOH C O     1 
HETATM 921 O  O     . HOH YA 4 .  ? -12.455 -10.135 0.262   1.00 19.91 ? 227 HOH C O     1 
HETATM 922 O  O     . HOH YA 4 .  ? -2.877  -2.172  1.117   1.00 20.31 ? 228 HOH C O     1 
HETATM 923 O  O     . HOH YA 4 .  ? -0.782  1.440   -1.375  1.00 26.07 ? 229 HOH C O     1 
HETATM 924 O  O     . HOH YA 4 .  ? 7.563   -4.038  -5.270  1.00 25.48 ? 230 HOH C O     1 
HETATM 925 O  O     . HOH YA 4 .  ? -0.553  -1.336  -1.702  1.00 25.28 ? 231 HOH C O     1 
HETATM 926 O  O     . HOH ZA 4 .  ? -3.653  -17.923 3.236   1.00 22.52 ? 201 HOH D O     1 
HETATM 927 O  O     . HOH ZA 4 .  ? -16.290 -15.456 -0.672  0.50 21.76 ? 202 HOH D O     1 
HETATM 928 O  O     . HOH ZA 4 .  ? -3.004  -17.946 10.049  1.00 24.26 ? 203 HOH D O     1 
HETATM 929 O  O     . HOH ZA 4 .  ? 8.655   -19.973 4.656   1.00 20.23 ? 204 HOH D O     1 
HETATM 930 O  O     . HOH ZA 4 .  ? 4.422   -12.949 0.887   1.00 24.35 ? 205 HOH D O     1 
HETATM 931 O  O     . HOH ZA 4 .  ? -9.477  -12.030 8.801   1.00 23.21 ? 206 HOH D O     1 
HETATM 932 O  O     . HOH ZA 4 .  ? 4.754   -12.223 -10.425 1.00 22.38 ? 207 HOH D O     1 
HETATM 933 O  O     . HOH ZA 4 .  ? -15.139 -13.633 -5.202  1.00 17.33 ? 208 HOH D O     1 
HETATM 934 O  O     . HOH ZA 4 .  ? -9.401  -8.356  -10.653 1.00 14.99 ? 209 HOH D O     1 
HETATM 935 O  O     . HOH ZA 4 .  ? -12.731 -19.260 6.700   1.00 25.65 ? 210 HOH D O     1 
HETATM 936 O  O     . HOH ZA 4 .  ? -2.760  -17.659 0.324   1.00 18.48 ? 211 HOH D O     1 
HETATM 937 O  O     . HOH ZA 4 .  ? -6.129  -15.117 -6.992  1.00 11.13 ? 212 HOH D O     1 
HETATM 938 O  O     . HOH ZA 4 .  ? -0.773  -12.117 8.766   1.00 19.06 ? 213 HOH D O     1 
HETATM 939 O  O     . HOH ZA 4 .  ? -7.797  -15.695 -4.462  1.00 13.50 ? 214 HOH D O     1 
HETATM 940 O  O     . HOH ZA 4 .  ? 1.066   -17.007 -9.721  1.00 19.39 ? 215 HOH D O     1 
HETATM 941 O  O     . HOH ZA 4 .  ? -5.010  -17.826 -0.855  1.00 20.18 ? 216 HOH D O     1 
HETATM 942 O  O     . HOH ZA 4 .  ? -16.843 -11.075 -7.175  1.00 18.77 ? 217 HOH D O     1 
HETATM 943 O  O     . HOH ZA 4 .  ? 4.258   -10.448 0.447   1.00 19.77 ? 218 HOH D O     1 
# 
loop_
_pdbx_poly_seq_scheme.asym_id 
_pdbx_poly_seq_scheme.entity_id 
_pdbx_poly_seq_scheme.seq_id 
_pdbx_poly_seq_scheme.mon_id 
_pdbx_poly_seq_scheme.ndb_seq_num 
_pdbx_poly_seq_scheme.pdb_seq_num 
_pdbx_poly_seq_scheme.auth_seq_num 
_pdbx_poly_seq_scheme.pdb_mon_id 
_pdbx_poly_seq_scheme.auth_mon_id 
_pdbx_poly_seq_scheme.pdb_strand_id 
_pdbx_poly_seq_scheme.pdb_ins_code 
_pdbx_poly_seq_scheme.hetero 
A 1 1  DC 1  1  1  DC DC A . n 
A 1 2  DA 2  2  2  DA DA A . n 
A 1 3  DC 3  3  3  DC DC A . n 
A 1 4  DC 4  4  4  DC DC A . n 
A 1 5  DA 5  5  5  DA DA A . n 
A 1 6  DA 6  6  6  DA DA A . n 
A 1 7  DG 7  7  7  DG DG A . n 
A 1 8  DC 8  8  8  DC DC A . n 
A 1 9  DG 9  9  9  DG DG A . n 
A 1 10 DA 10 10 10 DA DA A . n 
B 1 1  DC 1  1  1  DC DC B . n 
B 1 2  DA 2  2  2  DA DA B . n 
B 1 3  DC 3  3  3  DC DC B . n 
B 1 4  DC 4  4  4  DC DC B . n 
B 1 5  DA 5  5  5  DA DA B . n 
B 1 6  DA 6  6  6  DA DA B . n 
B 1 7  DG 7  7  7  DG DG B . n 
B 1 8  DC 8  8  8  DC DC B . n 
B 1 9  DG 9  9  9  DG DG B . n 
B 1 10 DA 10 10 10 DA DA B . n 
C 1 1  DC 1  1  1  DC DC C . n 
C 1 2  DA 2  2  2  DA DA C . n 
C 1 3  DC 3  3  3  DC DC C . n 
C 1 4  DC 4  4  4  DC DC C . n 
C 1 5  DA 5  5  5  DA DA C . n 
C 1 6  DA 6  6  6  DA DA C . n 
C 1 7  DG 7  7  7  DG DG C . n 
C 1 8  DC 8  8  8  DC DC C . n 
C 1 9  DG 9  9  9  DG DG C . n 
C 1 10 DA 10 10 10 DA DA C . n 
D 1 1  DC 1  1  1  DC DC D . n 
D 1 2  DA 2  2  2  DA DA D . n 
D 1 3  DC 3  3  3  DC DC D . n 
D 1 4  DC 4  4  4  DC DC D . n 
D 1 5  DA 5  5  5  DA DA D . n 
D 1 6  DA 6  6  6  DA DA D . n 
D 1 7  DG 7  7  7  DG DG D . n 
D 1 8  DC 8  8  8  DC DC D . n 
D 1 9  DG 9  9  9  DG DG D . n 
D 1 10 DA 10 10 10 DA DA D . n 
# 
loop_
_pdbx_nonpoly_scheme.asym_id 
_pdbx_nonpoly_scheme.entity_id 
_pdbx_nonpoly_scheme.mon_id 
_pdbx_nonpoly_scheme.ndb_seq_num 
_pdbx_nonpoly_scheme.pdb_seq_num 
_pdbx_nonpoly_scheme.auth_seq_num 
_pdbx_nonpoly_scheme.pdb_mon_id 
_pdbx_nonpoly_scheme.auth_mon_id 
_pdbx_nonpoly_scheme.pdb_strand_id 
_pdbx_nonpoly_scheme.pdb_ins_code 
E  2 AG  1  101 101 AG  AG  A . 
F  2 AG  1  102 102 AG  AG  A . 
G  2 AG  1  103 103 AG  AG  A . 
H  2 AG  1  104 104 AG  AG  A . 
I  2 AG  1  105 105 AG  AG  A . 
J  2 AG  1  106 106 AG  AG  A . 
K  2 AG  1  107 107 AG  AG  A . 
L  2 AG  1  108 108 AG  AG  A . 
M  2 AG  1  109 120 AG  AG  A . 
N  2 AG  1  101 109 AG  AG  B . 
O  2 AG  1  102 110 AG  AG  B . 
P  2 AG  1  103 111 AG  AG  B . 
Q  2 AG  1  104 112 AG  AG  B . 
R  2 AG  1  105 113 AG  AG  B . 
S  2 AG  1  106 114 AG  AG  B . 
T  2 AG  1  107 115 AG  AG  B . 
U  2 AG  1  108 116 AG  AG  B . 
V  2 AG  1  109 119 AG  AG  B . 
W  3 CA  1  110 1   CA  CA  B . 
X  3 CA  1  111 2   CA  CA  B . 
Y  3 CA  1  112 3   CA  CA  B . 
Z  3 CA  1  113 5   CA  CA  B . 
AA 3 CA  1  114 6   CA  CA  B . 
BA 2 AG  1  101 117 AG  AG  C . 
CA 2 AG  1  102 101 AG  AG  C . 
DA 2 AG  1  103 102 AG  AG  C . 
EA 2 AG  1  104 103 AG  AG  C . 
FA 2 AG  1  105 104 AG  AG  C . 
GA 2 AG  1  106 105 AG  AG  C . 
HA 2 AG  1  107 106 AG  AG  C . 
IA 2 AG  1  108 107 AG  AG  C . 
JA 2 AG  1  109 108 AG  AG  C . 
KA 3 CA  1  110 4   CA  CA  C . 
LA 3 CA  1  111 7   CA  CA  C . 
MA 3 CA  1  112 8   CA  CA  C . 
NA 2 AG  1  101 118 AG  AG  D . 
OA 2 AG  1  102 109 AG  AG  D . 
PA 2 AG  1  103 110 AG  AG  D . 
QA 2 AG  1  104 111 AG  AG  D . 
RA 2 AG  1  105 112 AG  AG  D . 
SA 2 AG  1  106 113 AG  AG  D . 
TA 2 AG  1  107 114 AG  AG  D . 
UA 2 AG  1  108 115 AG  AG  D . 
VA 2 AG  1  109 116 AG  AG  D . 
WA 4 HOH 1  201 97  HOH HOH A . 
WA 4 HOH 2  202 30  HOH HOH A . 
WA 4 HOH 3  203 74  HOH HOH A . 
WA 4 HOH 4  204 63  HOH HOH A . 
WA 4 HOH 5  205 49  HOH HOH A . 
WA 4 HOH 6  206 13  HOH HOH A . 
WA 4 HOH 7  207 70  HOH HOH A . 
WA 4 HOH 8  208 7   HOH HOH A . 
WA 4 HOH 9  209 55  HOH HOH A . 
WA 4 HOH 10 210 9   HOH HOH A . 
WA 4 HOH 11 211 10  HOH HOH A . 
WA 4 HOH 12 212 67  HOH HOH A . 
WA 4 HOH 13 213 4   HOH HOH A . 
WA 4 HOH 14 214 79  HOH HOH A . 
WA 4 HOH 15 215 102 HOH HOH A . 
WA 4 HOH 16 216 66  HOH HOH A . 
WA 4 HOH 17 217 61  HOH HOH A . 
XA 4 HOH 1  201 96  HOH HOH B . 
XA 4 HOH 2  202 37  HOH HOH B . 
XA 4 HOH 3  203 11  HOH HOH B . 
XA 4 HOH 4  204 36  HOH HOH B . 
XA 4 HOH 5  205 89  HOH HOH B . 
XA 4 HOH 6  206 62  HOH HOH B . 
XA 4 HOH 7  207 41  HOH HOH B . 
XA 4 HOH 8  208 27  HOH HOH B . 
XA 4 HOH 9  209 24  HOH HOH B . 
XA 4 HOH 10 210 57  HOH HOH B . 
XA 4 HOH 11 211 39  HOH HOH B . 
XA 4 HOH 12 212 71  HOH HOH B . 
XA 4 HOH 13 213 3   HOH HOH B . 
XA 4 HOH 14 214 23  HOH HOH B . 
XA 4 HOH 15 215 90  HOH HOH B . 
XA 4 HOH 16 216 47  HOH HOH B . 
XA 4 HOH 17 217 15  HOH HOH B . 
XA 4 HOH 18 218 58  HOH HOH B . 
XA 4 HOH 19 219 59  HOH HOH B . 
XA 4 HOH 20 220 12  HOH HOH B . 
XA 4 HOH 21 221 2   HOH HOH B . 
XA 4 HOH 22 222 21  HOH HOH B . 
XA 4 HOH 23 223 101 HOH HOH B . 
XA 4 HOH 24 224 94  HOH HOH B . 
XA 4 HOH 25 225 85  HOH HOH B . 
XA 4 HOH 26 226 95  HOH HOH B . 
XA 4 HOH 27 227 42  HOH HOH B . 
XA 4 HOH 28 228 38  HOH HOH B . 
XA 4 HOH 29 229 51  HOH HOH B . 
YA 4 HOH 1  201 80  HOH HOH C . 
YA 4 HOH 2  202 19  HOH HOH C . 
YA 4 HOH 3  203 64  HOH HOH C . 
YA 4 HOH 4  204 40  HOH HOH C . 
YA 4 HOH 5  205 20  HOH HOH C . 
YA 4 HOH 6  206 5   HOH HOH C . 
YA 4 HOH 7  207 33  HOH HOH C . 
YA 4 HOH 8  208 48  HOH HOH C . 
YA 4 HOH 9  209 52  HOH HOH C . 
YA 4 HOH 10 210 87  HOH HOH C . 
YA 4 HOH 11 211 25  HOH HOH C . 
YA 4 HOH 12 212 43  HOH HOH C . 
YA 4 HOH 13 213 99  HOH HOH C . 
YA 4 HOH 14 214 60  HOH HOH C . 
YA 4 HOH 15 215 18  HOH HOH C . 
YA 4 HOH 16 216 35  HOH HOH C . 
YA 4 HOH 17 217 92  HOH HOH C . 
YA 4 HOH 18 218 6   HOH HOH C . 
YA 4 HOH 19 219 32  HOH HOH C . 
YA 4 HOH 20 220 54  HOH HOH C . 
YA 4 HOH 21 221 8   HOH HOH C . 
YA 4 HOH 22 222 44  HOH HOH C . 
YA 4 HOH 23 223 68  HOH HOH C . 
YA 4 HOH 24 224 84  HOH HOH C . 
YA 4 HOH 25 225 83  HOH HOH C . 
YA 4 HOH 26 226 82  HOH HOH C . 
YA 4 HOH 27 227 86  HOH HOH C . 
YA 4 HOH 28 228 77  HOH HOH C . 
YA 4 HOH 29 229 91  HOH HOH C . 
YA 4 HOH 30 230 81  HOH HOH C . 
YA 4 HOH 31 231 93  HOH HOH C . 
ZA 4 HOH 1  201 69  HOH HOH D . 
ZA 4 HOH 2  202 31  HOH HOH D . 
ZA 4 HOH 3  203 88  HOH HOH D . 
ZA 4 HOH 4  204 29  HOH HOH D . 
ZA 4 HOH 5  205 100 HOH HOH D . 
ZA 4 HOH 6  206 98  HOH HOH D . 
ZA 4 HOH 7  207 53  HOH HOH D . 
ZA 4 HOH 8  208 22  HOH HOH D . 
ZA 4 HOH 9  209 17  HOH HOH D . 
ZA 4 HOH 10 210 56  HOH HOH D . 
ZA 4 HOH 11 211 28  HOH HOH D . 
ZA 4 HOH 12 212 1   HOH HOH D . 
ZA 4 HOH 13 213 34  HOH HOH D . 
ZA 4 HOH 14 214 14  HOH HOH D . 
ZA 4 HOH 15 215 50  HOH HOH D . 
ZA 4 HOH 16 216 45  HOH HOH D . 
ZA 4 HOH 17 217 46  HOH HOH D . 
ZA 4 HOH 18 218 26  HOH HOH D . 
# 
loop_
_pdbx_struct_assembly.id 
_pdbx_struct_assembly.details 
_pdbx_struct_assembly.method_details 
_pdbx_struct_assembly.oligomeric_details 
_pdbx_struct_assembly.oligomeric_count 
1 author_and_software_defined_assembly PISA dimeric 2 
2 author_and_software_defined_assembly PISA dimeric 2 
# 
loop_
_pdbx_struct_assembly_gen.assembly_id 
_pdbx_struct_assembly_gen.oper_expression 
_pdbx_struct_assembly_gen.asym_id_list 
1 1 A,B,E,F,G,H,I,J,K,L,M,N,O,P,Q,R,S,T,U,V,W,X,Y,Z,AA,WA,XA                 
2 1 C,D,BA,CA,DA,EA,FA,GA,HA,IA,JA,KA,LA,MA,NA,OA,PA,QA,RA,SA,TA,UA,VA,YA,ZA 
# 
loop_
_pdbx_struct_assembly_prop.biol_id 
_pdbx_struct_assembly_prop.type 
_pdbx_struct_assembly_prop.value 
_pdbx_struct_assembly_prop.details 
1 'ABSA (A^2)' 2720 ? 
1 MORE         -91  ? 
1 'SSA (A^2)'  3400 ? 
2 'ABSA (A^2)' 2680 ? 
2 MORE         -91  ? 
2 'SSA (A^2)'  3420 ? 
# 
_pdbx_struct_oper_list.id                   1 
_pdbx_struct_oper_list.type                 'identity operation' 
_pdbx_struct_oper_list.name                 1_555 
_pdbx_struct_oper_list.symmetry_operation   x,y,z 
_pdbx_struct_oper_list.matrix[1][1]         1.0000000000 
_pdbx_struct_oper_list.matrix[1][2]         0.0000000000 
_pdbx_struct_oper_list.matrix[1][3]         0.0000000000 
_pdbx_struct_oper_list.vector[1]            0.0000000000 
_pdbx_struct_oper_list.matrix[2][1]         0.0000000000 
_pdbx_struct_oper_list.matrix[2][2]         1.0000000000 
_pdbx_struct_oper_list.matrix[2][3]         0.0000000000 
_pdbx_struct_oper_list.vector[2]            0.0000000000 
_pdbx_struct_oper_list.matrix[3][1]         0.0000000000 
_pdbx_struct_oper_list.matrix[3][2]         0.0000000000 
_pdbx_struct_oper_list.matrix[3][3]         1.0000000000 
_pdbx_struct_oper_list.vector[3]            0.0000000000 
# 
_pdbx_struct_special_symmetry.id              1 
_pdbx_struct_special_symmetry.PDB_model_num   1 
_pdbx_struct_special_symmetry.auth_asym_id    D 
_pdbx_struct_special_symmetry.auth_comp_id    HOH 
_pdbx_struct_special_symmetry.auth_seq_id     202 
_pdbx_struct_special_symmetry.PDB_ins_code    ? 
_pdbx_struct_special_symmetry.label_asym_id   ZA 
_pdbx_struct_special_symmetry.label_comp_id   HOH 
_pdbx_struct_special_symmetry.label_seq_id    . 
# 
loop_
_pdbx_struct_conn_angle.id 
_pdbx_struct_conn_angle.ptnr1_label_atom_id 
_pdbx_struct_conn_angle.ptnr1_label_alt_id 
_pdbx_struct_conn_angle.ptnr1_label_asym_id 
_pdbx_struct_conn_angle.ptnr1_label_comp_id 
_pdbx_struct_conn_angle.ptnr1_label_seq_id 
_pdbx_struct_conn_angle.ptnr1_auth_atom_id 
_pdbx_struct_conn_angle.ptnr1_auth_asym_id 
_pdbx_struct_conn_angle.ptnr1_auth_comp_id 
_pdbx_struct_conn_angle.ptnr1_auth_seq_id 
_pdbx_struct_conn_angle.ptnr1_PDB_ins_code 
_pdbx_struct_conn_angle.ptnr1_symmetry 
_pdbx_struct_conn_angle.ptnr2_label_atom_id 
_pdbx_struct_conn_angle.ptnr2_label_alt_id 
_pdbx_struct_conn_angle.ptnr2_label_asym_id 
_pdbx_struct_conn_angle.ptnr2_label_comp_id 
_pdbx_struct_conn_angle.ptnr2_label_seq_id 
_pdbx_struct_conn_angle.ptnr2_auth_atom_id 
_pdbx_struct_conn_angle.ptnr2_auth_asym_id 
_pdbx_struct_conn_angle.ptnr2_auth_comp_id 
_pdbx_struct_conn_angle.ptnr2_auth_seq_id 
_pdbx_struct_conn_angle.ptnr2_PDB_ins_code 
_pdbx_struct_conn_angle.ptnr2_symmetry 
_pdbx_struct_conn_angle.ptnr3_label_atom_id 
_pdbx_struct_conn_angle.ptnr3_label_alt_id 
_pdbx_struct_conn_angle.ptnr3_label_asym_id 
_pdbx_struct_conn_angle.ptnr3_label_comp_id 
_pdbx_struct_conn_angle.ptnr3_label_seq_id 
_pdbx_struct_conn_angle.ptnr3_auth_atom_id 
_pdbx_struct_conn_angle.ptnr3_auth_asym_id 
_pdbx_struct_conn_angle.ptnr3_auth_comp_id 
_pdbx_struct_conn_angle.ptnr3_auth_seq_id 
_pdbx_struct_conn_angle.ptnr3_PDB_ins_code 
_pdbx_struct_conn_angle.ptnr3_symmetry 
_pdbx_struct_conn_angle.value 
_pdbx_struct_conn_angle.value_esd 
1   O2  ? A  DC  1 ? A DC  1   ? 1_555 AG ? E  AG . ? A AG 101 ? 1_555 N3  ? A  DC  3 ? A DC  3   ? 1_555 94.4  ? 
2   N3  ? A  DC  1 ? A DC  1   ? 1_555 AG ? I  AG . ? A AG 105 ? 1_555 O2  ? B  DC  4 ? B DC  4   ? 1_555 97.3  ? 
3   N1  ? A  DA  2 ? A DA  2   ? 1_555 AG ? N  AG . ? B AG 101 ? 1_555 O2  ? B  DC  1 ? B DC  1   ? 1_555 90.4  ? 
4   N1  ? A  DA  2 ? A DA  2   ? 1_555 AG ? N  AG . ? B AG 101 ? 1_555 N3  ? B  DC  3 ? B DC  3   ? 1_555 107.1 ? 
5   O2  ? B  DC  1 ? B DC  1   ? 1_555 AG ? N  AG . ? B AG 101 ? 1_555 N3  ? B  DC  3 ? B DC  3   ? 1_555 89.5  ? 
6   O2  ? A  DC  3 ? A DC  3   ? 1_555 AG ? O  AG . ? B AG 102 ? 1_555 O2  ? A  DC  4 ? A DC  4   ? 1_555 82.2  ? 
7   O2  ? A  DC  3 ? A DC  3   ? 1_555 AG ? O  AG . ? B AG 102 ? 1_555 N3  ? B  DC  1 ? B DC  1   ? 1_555 79.9  ? 
8   O2  ? A  DC  4 ? A DC  4   ? 1_555 AG ? O  AG . ? B AG 102 ? 1_555 N3  ? B  DC  1 ? B DC  1   ? 1_555 96.5  ? 
9   N3  ? A  DC  4 ? A DC  4   ? 1_555 AG ? F  AG . ? A AG 102 ? 1_555 O6  ? A  DG  9 ? A DG  9   ? 1_555 89.7  ? 
10  O2  ? A  DC  4 ? A DC  4   ? 1_555 AG ? P  AG . ? B AG 103 ? 1_555 N1  ? B  DG  9 ? B DG  9   ? 1_555 85.7  ? 
11  OP1 ? A  DA  6 ? A DA  6   ? 1_555 AG ? H  AG . ? A AG 104 ? 1_555 N7  ? A  DG  7 ? A DG  7   ? 1_555 90.5  ? 
12  N7  ? A  DA  6 ? A DA  6   ? 1_555 AG ? L  AG . ? A AG 108 ? 1_555 O6  ? A  DG  7 ? A DG  7   ? 1_555 89.2  ? 
13  N7  ? A  DA  6 ? A DA  6   ? 1_555 AG ? L  AG . ? A AG 108 ? 1_555 OP2 ? B  DA  6 ? B DA  6   ? 1_555 90.7  ? 
14  O6  ? A  DG  7 ? A DG  7   ? 1_555 AG ? L  AG . ? A AG 108 ? 1_555 OP2 ? B  DA  6 ? B DA  6   ? 1_555 96.8  ? 
15  OP2 ? A  DA  6 ? A DA  6   ? 1_555 AG ? Q  AG . ? B AG 104 ? 1_555 N7  ? B  DA  6 ? B DA  6   ? 1_555 87.6  ? 
16  OP2 ? A  DA  6 ? A DA  6   ? 1_555 AG ? Q  AG . ? B AG 104 ? 1_555 O6  ? B  DG  7 ? B DG  7   ? 1_555 98.7  ? 
17  N7  ? B  DA  6 ? B DA  6   ? 1_555 AG ? Q  AG . ? B AG 104 ? 1_555 O6  ? B  DG  7 ? B DG  7   ? 1_555 93.4  ? 
18  N1  ? A  DG  9 ? A DG  9   ? 1_555 AG ? J  AG . ? A AG 106 ? 1_555 O2  ? B  DC  4 ? B DC  4   ? 1_555 84.4  ? 
19  O   ? WA HOH . ? A HOH 201 ? 3_444 CA ? MA CA . ? C CA 112 ? 1_555 O   ? XA HOH . ? B HOH 201 ? 1_555 74.4  ? 
20  O   ? WA HOH . ? A HOH 201 ? 3_444 CA ? MA CA . ? C CA 112 ? 1_555 OP1 ? C  DG  9 ? C DG  9   ? 1_555 150.8 ? 
21  O   ? XA HOH . ? B HOH 201 ? 1_555 CA ? MA CA . ? C CA 112 ? 1_555 OP1 ? C  DG  9 ? C DG  9   ? 1_555 79.0  ? 
22  OP1 ? B  DA  2 ? B DA  2   ? 1_555 CA ? AA CA . ? B CA 114 ? 1_555 O   ? XA HOH . ? B HOH 202 ? 7_555 82.4  ? 
23  OP1 ? B  DA  2 ? B DA  2   ? 1_555 CA ? AA CA . ? B CA 114 ? 1_555 O   ? XA HOH . ? B HOH 226 ? 1_555 80.2  ? 
24  O   ? XA HOH . ? B HOH 202 ? 7_555 CA ? AA CA . ? B CA 114 ? 1_555 O   ? XA HOH . ? B HOH 226 ? 1_555 89.1  ? 
25  OP1 ? B  DA  2 ? B DA  2   ? 1_555 CA ? AA CA . ? B CA 114 ? 1_555 O   ? YA HOH . ? C HOH 211 ? 5_454 78.9  ? 
26  O   ? XA HOH . ? B HOH 202 ? 7_555 CA ? AA CA . ? B CA 114 ? 1_555 O   ? YA HOH . ? C HOH 211 ? 5_454 151.7 ? 
27  O   ? XA HOH . ? B HOH 226 ? 1_555 CA ? AA CA . ? B CA 114 ? 1_555 O   ? YA HOH . ? C HOH 211 ? 5_454 108.3 ? 
28  OP1 ? B  DA  2 ? B DA  2   ? 1_555 CA ? AA CA . ? B CA 114 ? 1_555 O   ? YA HOH . ? C HOH 214 ? 5_454 96.3  ? 
29  O   ? XA HOH . ? B HOH 202 ? 7_555 CA ? AA CA . ? B CA 114 ? 1_555 O   ? YA HOH . ? C HOH 214 ? 5_454 87.3  ? 
30  O   ? XA HOH . ? B HOH 226 ? 1_555 CA ? AA CA . ? B CA 114 ? 1_555 O   ? YA HOH . ? C HOH 214 ? 5_454 175.3 ? 
31  O   ? YA HOH . ? C HOH 211 ? 5_454 CA ? AA CA . ? B CA 114 ? 1_555 O   ? YA HOH . ? C HOH 214 ? 5_454 73.9  ? 
32  OP2 ? B  DC  3 ? B DC  3   ? 1_555 CA ? W  CA . ? B CA 110 ? 1_555 OP1 ? B  DG  7 ? B DG  7   ? 1_555 58.7  ? 
33  OP2 ? B  DC  3 ? B DC  3   ? 1_555 CA ? W  CA . ? B CA 110 ? 1_555 O   ? XA HOH . ? B HOH 228 ? 5_454 77.8  ? 
34  OP1 ? B  DG  7 ? B DG  7   ? 1_555 CA ? W  CA . ? B CA 110 ? 1_555 O   ? XA HOH . ? B HOH 228 ? 5_454 82.2  ? 
35  OP2 ? B  DC  3 ? B DC  3   ? 1_555 CA ? W  CA . ? B CA 110 ? 1_555 OP2 ? C  DC  3 ? C DC  3   ? 1_555 125.1 ? 
36  OP1 ? B  DG  7 ? B DG  7   ? 1_555 CA ? W  CA . ? B CA 110 ? 1_555 OP2 ? C  DC  3 ? C DC  3   ? 1_555 66.6  ? 
37  O   ? XA HOH . ? B HOH 228 ? 5_454 CA ? W  CA . ? B CA 110 ? 1_555 OP2 ? C  DC  3 ? C DC  3   ? 1_555 100.1 ? 
38  OP2 ? B  DC  3 ? B DC  3   ? 1_555 CA ? W  CA . ? B CA 110 ? 1_555 OP1 ? C  DG  7 ? C DG  7   ? 1_555 65.1  ? 
39  OP1 ? B  DG  7 ? B DG  7   ? 1_555 CA ? W  CA . ? B CA 110 ? 1_555 OP1 ? C  DG  7 ? C DG  7   ? 1_555 8.4   ? 
40  O   ? XA HOH . ? B HOH 228 ? 5_454 CA ? W  CA . ? B CA 110 ? 1_555 OP1 ? C  DG  7 ? C DG  7   ? 1_555 77.8  ? 
41  OP2 ? C  DC  3 ? C DC  3   ? 1_555 CA ? W  CA . ? B CA 110 ? 1_555 OP1 ? C  DG  7 ? C DG  7   ? 1_555 61.0  ? 
42  OP2 ? B  DC  3 ? B DC  3   ? 1_555 CA ? W  CA . ? B CA 110 ? 1_555 O   ? YA HOH . ? C HOH 210 ? 1_555 95.5  ? 
43  OP1 ? B  DG  7 ? B DG  7   ? 1_555 CA ? W  CA . ? B CA 110 ? 1_555 O   ? YA HOH . ? C HOH 210 ? 1_555 74.2  ? 
44  O   ? XA HOH . ? B HOH 228 ? 5_454 CA ? W  CA . ? B CA 110 ? 1_555 O   ? YA HOH . ? C HOH 210 ? 1_555 155.4 ? 
45  OP2 ? C  DC  3 ? C DC  3   ? 1_555 CA ? W  CA . ? B CA 110 ? 1_555 O   ? YA HOH . ? C HOH 210 ? 1_555 64.1  ? 
46  OP1 ? C  DG  7 ? C DG  7   ? 1_555 CA ? W  CA . ? B CA 110 ? 1_555 O   ? YA HOH . ? C HOH 210 ? 1_555 77.9  ? 
47  N3  ? B  DC  4 ? B DC  4   ? 1_555 AG ? R  AG . ? B AG 105 ? 1_555 O6  ? B  DG  9 ? B DG  9   ? 1_555 88.2  ? 
48  OP1 ? B  DA  5 ? B DA  5   ? 1_555 CA ? Z  CA . ? B CA 113 ? 1_555 O   ? XA HOH . ? B HOH 224 ? 1_555 74.9  ? 
49  OP1 ? B  DA  5 ? B DA  5   ? 1_555 CA ? Z  CA . ? B CA 113 ? 1_555 O   ? XA HOH . ? B HOH 225 ? 1_555 75.4  ? 
50  O   ? XA HOH . ? B HOH 224 ? 1_555 CA ? Z  CA . ? B CA 113 ? 1_555 O   ? XA HOH . ? B HOH 225 ? 1_555 145.2 ? 
51  OP1 ? B  DA  5 ? B DA  5   ? 1_555 CA ? Z  CA . ? B CA 113 ? 1_555 OP1 ? C  DC  8 ? C DC  8   ? 1_555 100.0 ? 
52  O   ? XA HOH . ? B HOH 224 ? 1_555 CA ? Z  CA . ? B CA 113 ? 1_555 OP1 ? C  DC  8 ? C DC  8   ? 1_555 97.0  ? 
53  O   ? XA HOH . ? B HOH 225 ? 1_555 CA ? Z  CA . ? B CA 113 ? 1_555 OP1 ? C  DC  8 ? C DC  8   ? 1_555 71.0  ? 
54  OP2 ? B  DA  5 ? B DA  5   ? 1_555 CA ? KA CA . ? C CA 110 ? 1_555 O   ? XA HOH . ? B HOH 220 ? 1_555 88.5  ? 
55  OP2 ? B  DA  5 ? B DA  5   ? 1_555 CA ? KA CA . ? C CA 110 ? 1_555 O   ? XA HOH . ? B HOH 225 ? 1_555 74.9  ? 
56  O   ? XA HOH . ? B HOH 220 ? 1_555 CA ? KA CA . ? C CA 110 ? 1_555 O   ? XA HOH . ? B HOH 225 ? 1_555 116.9 ? 
57  OP2 ? B  DA  5 ? B DA  5   ? 1_555 CA ? KA CA . ? C CA 110 ? 1_555 OP2 ? C  DC  8 ? C DC  8   ? 1_555 89.8  ? 
58  O   ? XA HOH . ? B HOH 220 ? 1_555 CA ? KA CA . ? C CA 110 ? 1_555 OP2 ? C  DC  8 ? C DC  8   ? 1_555 149.8 ? 
59  O   ? XA HOH . ? B HOH 225 ? 1_555 CA ? KA CA . ? C CA 110 ? 1_555 OP2 ? C  DC  8 ? C DC  8   ? 1_555 91.6  ? 
60  OP2 ? B  DA  5 ? B DA  5   ? 1_555 CA ? KA CA . ? C CA 110 ? 1_555 O   ? YA HOH . ? C HOH 219 ? 1_555 166.0 ? 
61  O   ? XA HOH . ? B HOH 220 ? 1_555 CA ? KA CA . ? C CA 110 ? 1_555 O   ? YA HOH . ? C HOH 219 ? 1_555 100.4 ? 
62  O   ? XA HOH . ? B HOH 225 ? 1_555 CA ? KA CA . ? C CA 110 ? 1_555 O   ? YA HOH . ? C HOH 219 ? 1_555 109.8 ? 
63  OP2 ? C  DC  8 ? C DC  8   ? 1_555 CA ? KA CA . ? C CA 110 ? 1_555 O   ? YA HOH . ? C HOH 219 ? 1_555 77.1  ? 
64  OP2 ? B  DA  5 ? B DA  5   ? 1_555 CA ? KA CA . ? C CA 110 ? 1_555 O   ? YA HOH . ? C HOH 229 ? 1_555 98.3  ? 
65  O   ? XA HOH . ? B HOH 220 ? 1_555 CA ? KA CA . ? C CA 110 ? 1_555 O   ? YA HOH . ? C HOH 229 ? 1_555 72.3  ? 
66  O   ? XA HOH . ? B HOH 225 ? 1_555 CA ? KA CA . ? C CA 110 ? 1_555 O   ? YA HOH . ? C HOH 229 ? 1_555 167.9 ? 
67  OP2 ? C  DC  8 ? C DC  8   ? 1_555 CA ? KA CA . ? C CA 110 ? 1_555 O   ? YA HOH . ? C HOH 229 ? 1_555 78.1  ? 
68  O   ? YA HOH . ? C HOH 219 ? 1_555 CA ? KA CA . ? C CA 110 ? 1_555 O   ? YA HOH . ? C HOH 229 ? 1_555 74.5  ? 
69  OP1 ? B  DA  6 ? B DA  6   ? 1_555 AG ? T  AG . ? B AG 107 ? 1_555 N7  ? B  DG  7 ? B DG  7   ? 1_555 94.6  ? 
70  OP2 ? B  DC  8 ? B DC  8   ? 1_555 CA ? X  CA . ? B CA 111 ? 1_555 O   ? XA HOH . ? B HOH 205 ? 1_555 102.0 ? 
71  OP2 ? B  DC  8 ? B DC  8   ? 1_555 CA ? X  CA . ? B CA 111 ? 1_555 O   ? XA HOH . ? B HOH 215 ? 1_555 72.6  ? 
72  O   ? XA HOH . ? B HOH 205 ? 1_555 CA ? X  CA . ? B CA 111 ? 1_555 O   ? XA HOH . ? B HOH 215 ? 1_555 64.2  ? 
73  OP2 ? B  DC  8 ? B DC  8   ? 1_555 CA ? X  CA . ? B CA 111 ? 1_555 OP2 ? C  DA  5 ? C DA  5   ? 1_555 85.9  ? 
74  O   ? XA HOH . ? B HOH 205 ? 1_555 CA ? X  CA . ? B CA 111 ? 1_555 OP2 ? C  DA  5 ? C DA  5   ? 1_555 157.1 ? 
75  O   ? XA HOH . ? B HOH 215 ? 1_555 CA ? X  CA . ? B CA 111 ? 1_555 OP2 ? C  DA  5 ? C DA  5   ? 1_555 138.4 ? 
76  OP2 ? B  DC  8 ? B DC  8   ? 1_555 CA ? X  CA . ? B CA 111 ? 1_555 O   ? YA HOH . ? C HOH 223 ? 1_555 148.5 ? 
77  O   ? XA HOH . ? B HOH 205 ? 1_555 CA ? X  CA . ? B CA 111 ? 1_555 O   ? YA HOH . ? C HOH 223 ? 1_555 97.6  ? 
78  O   ? XA HOH . ? B HOH 215 ? 1_555 CA ? X  CA . ? B CA 111 ? 1_555 O   ? YA HOH . ? C HOH 223 ? 1_555 94.6  ? 
79  OP2 ? C  DA  5 ? C DA  5   ? 1_555 CA ? X  CA . ? B CA 111 ? 1_555 O   ? YA HOH . ? C HOH 223 ? 1_555 85.5  ? 
80  OP2 ? B  DC  8 ? B DC  8   ? 1_555 CA ? X  CA . ? B CA 111 ? 1_555 O   ? YA HOH . ? C HOH 225 ? 1_555 89.7  ? 
81  O   ? XA HOH . ? B HOH 205 ? 1_555 CA ? X  CA . ? B CA 111 ? 1_555 O   ? YA HOH . ? C HOH 225 ? 1_555 84.1  ? 
82  O   ? XA HOH . ? B HOH 215 ? 1_555 CA ? X  CA . ? B CA 111 ? 1_555 O   ? YA HOH . ? C HOH 225 ? 1_555 138.3 ? 
83  OP2 ? C  DA  5 ? C DA  5   ? 1_555 CA ? X  CA . ? B CA 111 ? 1_555 O   ? YA HOH . ? C HOH 225 ? 1_555 74.5  ? 
84  O   ? YA HOH . ? C HOH 223 ? 1_555 CA ? X  CA . ? B CA 111 ? 1_555 O   ? YA HOH . ? C HOH 225 ? 1_555 116.9 ? 
85  OP1 ? B  DC  8 ? B DC  8   ? 1_555 CA ? Y  CA . ? B CA 112 ? 1_555 OP1 ? C  DA  5 ? C DA  5   ? 1_555 106.8 ? 
86  OP1 ? B  DC  8 ? B DC  8   ? 1_555 CA ? Y  CA . ? B CA 112 ? 1_555 O   ? YA HOH . ? C HOH 225 ? 1_555 85.7  ? 
87  OP1 ? C  DA  5 ? C DA  5   ? 1_555 CA ? Y  CA . ? B CA 112 ? 1_555 O   ? YA HOH . ? C HOH 225 ? 1_555 74.4  ? 
88  OP1 ? B  DC  8 ? B DC  8   ? 1_555 CA ? Y  CA . ? B CA 112 ? 1_555 O   ? YA HOH . ? C HOH 226 ? 1_555 176.4 ? 
89  OP1 ? C  DA  5 ? C DA  5   ? 1_555 CA ? Y  CA . ? B CA 112 ? 1_555 O   ? YA HOH . ? C HOH 226 ? 1_555 76.8  ? 
90  O   ? YA HOH . ? C HOH 225 ? 1_555 CA ? Y  CA . ? B CA 112 ? 1_555 O   ? YA HOH . ? C HOH 226 ? 1_555 95.8  ? 
91  OP1 ? B  DC  8 ? B DC  8   ? 1_555 CA ? Y  CA . ? B CA 112 ? 1_555 O   ? YA HOH . ? C HOH 230 ? 1_555 88.6  ? 
92  OP1 ? C  DA  5 ? C DA  5   ? 1_555 CA ? Y  CA . ? B CA 112 ? 1_555 O   ? YA HOH . ? C HOH 230 ? 1_555 77.5  ? 
93  O   ? YA HOH . ? C HOH 225 ? 1_555 CA ? Y  CA . ? B CA 112 ? 1_555 O   ? YA HOH . ? C HOH 230 ? 1_555 148.3 ? 
94  O   ? YA HOH . ? C HOH 226 ? 1_555 CA ? Y  CA . ? B CA 112 ? 1_555 O   ? YA HOH . ? C HOH 230 ? 1_555 91.9  ? 
95  O   ? XA HOH . ? B HOH 208 ? 5_454 CA ? LA CA . ? C CA 111 ? 1_555 O   ? XA HOH . ? B HOH 219 ? 5_454 73.7  ? 
96  O   ? XA HOH . ? B HOH 208 ? 5_454 CA ? LA CA . ? C CA 111 ? 1_555 O   ? XA HOH . ? B HOH 227 ? 5_454 80.5  ? 
97  O   ? XA HOH . ? B HOH 219 ? 5_454 CA ? LA CA . ? C CA 111 ? 1_555 O   ? XA HOH . ? B HOH 227 ? 5_454 109.2 ? 
98  O   ? XA HOH . ? B HOH 208 ? 5_454 CA ? LA CA . ? C CA 111 ? 1_555 OP1 ? C  DA  2 ? C DA  2   ? 1_555 78.6  ? 
99  O   ? XA HOH . ? B HOH 219 ? 5_454 CA ? LA CA . ? C CA 111 ? 1_555 OP1 ? C  DA  2 ? C DA  2   ? 1_555 97.7  ? 
100 O   ? XA HOH . ? B HOH 227 ? 5_454 CA ? LA CA . ? C CA 111 ? 1_555 OP1 ? C  DA  2 ? C DA  2   ? 1_555 139.3 ? 
101 O   ? XA HOH . ? B HOH 208 ? 5_454 CA ? LA CA . ? C CA 111 ? 1_555 O   ? YA HOH . ? C HOH 222 ? 1_555 141.8 ? 
102 O   ? XA HOH . ? B HOH 219 ? 5_454 CA ? LA CA . ? C CA 111 ? 1_555 O   ? YA HOH . ? C HOH 222 ? 1_555 79.2  ? 
103 O   ? XA HOH . ? B HOH 227 ? 5_454 CA ? LA CA . ? C CA 111 ? 1_555 O   ? YA HOH . ? C HOH 222 ? 1_555 134.7 ? 
104 OP1 ? C  DA  2 ? C DA  2   ? 1_555 CA ? LA CA . ? C CA 111 ? 1_555 O   ? YA HOH . ? C HOH 222 ? 1_555 79.0  ? 
105 O   ? XA HOH . ? B HOH 208 ? 5_454 CA ? LA CA . ? C CA 111 ? 1_555 O   ? ZA HOH . ? D HOH 204 ? 3_454 123.7 ? 
106 O   ? XA HOH . ? B HOH 219 ? 5_454 CA ? LA CA . ? C CA 111 ? 1_555 O   ? ZA HOH . ? D HOH 204 ? 3_454 51.7  ? 
107 O   ? XA HOH . ? B HOH 227 ? 5_454 CA ? LA CA . ? C CA 111 ? 1_555 O   ? ZA HOH . ? D HOH 204 ? 3_454 103.2 ? 
108 OP1 ? C  DA  2 ? C DA  2   ? 1_555 CA ? LA CA . ? C CA 111 ? 1_555 O   ? ZA HOH . ? D HOH 204 ? 3_454 117.4 ? 
109 O   ? YA HOH . ? C HOH 222 ? 1_555 CA ? LA CA . ? C CA 111 ? 1_555 O   ? ZA HOH . ? D HOH 204 ? 3_454 46.3  ? 
110 O2  ? C  DC  1 ? C DC  1   ? 1_555 AG ? CA AG . ? C AG 102 ? 1_555 N3  ? C  DC  3 ? C DC  3   ? 1_555 93.5  ? 
111 N3  ? C  DC  1 ? C DC  1   ? 1_555 AG ? GA AG . ? C AG 106 ? 1_555 O2  ? D  DC  4 ? D DC  4   ? 1_555 99.1  ? 
112 N1  ? C  DA  2 ? C DA  2   ? 1_555 AG ? OA AG . ? D AG 102 ? 1_555 O2  ? D  DC  1 ? D DC  1   ? 1_555 88.0  ? 
113 N1  ? C  DA  2 ? C DA  2   ? 1_555 AG ? OA AG . ? D AG 102 ? 1_555 N3  ? D  DC  3 ? D DC  3   ? 1_555 105.8 ? 
114 O2  ? D  DC  1 ? D DC  1   ? 1_555 AG ? OA AG . ? D AG 102 ? 1_555 N3  ? D  DC  3 ? D DC  3   ? 1_555 89.1  ? 
115 O2  ? C  DC  3 ? C DC  3   ? 1_555 AG ? PA AG . ? D AG 103 ? 1_555 O2  ? C  DC  4 ? C DC  4   ? 1_555 81.5  ? 
116 O2  ? C  DC  3 ? C DC  3   ? 1_555 AG ? PA AG . ? D AG 103 ? 1_555 N3  ? D  DC  1 ? D DC  1   ? 1_555 81.2  ? 
117 O2  ? C  DC  4 ? C DC  4   ? 1_555 AG ? PA AG . ? D AG 103 ? 1_555 N3  ? D  DC  1 ? D DC  1   ? 1_555 98.7  ? 
118 N3  ? C  DC  4 ? C DC  4   ? 1_555 AG ? DA AG . ? C AG 103 ? 1_555 O6  ? C  DG  9 ? C DG  9   ? 1_555 89.0  ? 
119 O2  ? C  DC  4 ? C DC  4   ? 1_555 AG ? QA AG . ? D AG 104 ? 1_555 N1  ? D  DG  9 ? D DG  9   ? 1_555 86.3  ? 
120 OP1 ? C  DA  6 ? C DA  6   ? 1_555 AG ? FA AG . ? C AG 105 ? 1_555 N7  ? C  DG  7 ? C DG  7   ? 1_555 92.9  ? 
121 N7  ? C  DA  6 ? C DA  6   ? 1_555 AG ? JA AG . ? C AG 109 ? 1_555 O6  ? C  DG  7 ? C DG  7   ? 1_555 94.7  ? 
122 N7  ? C  DA  6 ? C DA  6   ? 1_555 AG ? JA AG . ? C AG 109 ? 1_555 OP2 ? D  DA  6 ? D DA  6   ? 1_555 87.7  ? 
123 O6  ? C  DG  7 ? C DG  7   ? 1_555 AG ? JA AG . ? C AG 109 ? 1_555 OP2 ? D  DA  6 ? D DA  6   ? 1_555 97.6  ? 
124 OP2 ? C  DA  6 ? C DA  6   ? 1_555 AG ? RA AG . ? D AG 105 ? 1_555 N7  ? D  DA  6 ? D DA  6   ? 1_555 88.7  ? 
125 OP2 ? C  DA  6 ? C DA  6   ? 1_555 AG ? RA AG . ? D AG 105 ? 1_555 O6  ? D  DG  7 ? D DG  7   ? 1_555 95.7  ? 
126 N7  ? D  DA  6 ? D DA  6   ? 1_555 AG ? RA AG . ? D AG 105 ? 1_555 O6  ? D  DG  7 ? D DG  7   ? 1_555 90.4  ? 
127 N1  ? C  DG  9 ? C DG  9   ? 1_555 AG ? HA AG . ? C AG 107 ? 1_555 O2  ? D  DC  4 ? D DC  4   ? 1_555 84.0  ? 
128 N3  ? D  DC  4 ? D DC  4   ? 1_555 AG ? SA AG . ? D AG 106 ? 1_555 O6  ? D  DG  9 ? D DG  9   ? 1_555 89.1  ? 
129 OP1 ? D  DA  6 ? D DA  6   ? 1_555 AG ? UA AG . ? D AG 108 ? 1_555 N7  ? D  DG  7 ? D DG  7   ? 1_555 92.0  ? 
# 
loop_
_pdbx_audit_revision_history.ordinal 
_pdbx_audit_revision_history.data_content_type 
_pdbx_audit_revision_history.major_revision 
_pdbx_audit_revision_history.minor_revision 
_pdbx_audit_revision_history.revision_date 
1 'Structure model' 1 0 2020-12-16 
2 'Structure model' 1 1 2023-11-29 
# 
_pdbx_audit_revision_details.ordinal             1 
_pdbx_audit_revision_details.revision_ordinal    1 
_pdbx_audit_revision_details.data_content_type   'Structure model' 
_pdbx_audit_revision_details.provider            repository 
_pdbx_audit_revision_details.type                'Initial release' 
_pdbx_audit_revision_details.description         ? 
_pdbx_audit_revision_details.details             ? 
# 
loop_
_pdbx_audit_revision_group.ordinal 
_pdbx_audit_revision_group.revision_ordinal 
_pdbx_audit_revision_group.data_content_type 
_pdbx_audit_revision_group.group 
1 2 'Structure model' 'Data collection'        
2 2 'Structure model' 'Database references'    
3 2 'Structure model' 'Refinement description' 
# 
loop_
_pdbx_audit_revision_category.ordinal 
_pdbx_audit_revision_category.revision_ordinal 
_pdbx_audit_revision_category.data_content_type 
_pdbx_audit_revision_category.category 
1 2 'Structure model' chem_comp_atom                
2 2 'Structure model' chem_comp_bond                
3 2 'Structure model' citation                      
4 2 'Structure model' database_2                    
5 2 'Structure model' pdbx_initial_refinement_model 
6 2 'Structure model' struct_ncs_dom_lim            
# 
loop_
_pdbx_audit_revision_item.ordinal 
_pdbx_audit_revision_item.revision_ordinal 
_pdbx_audit_revision_item.data_content_type 
_pdbx_audit_revision_item.item 
1  2 'Structure model' '_citation.country'                     
2  2 'Structure model' '_database_2.pdbx_DOI'                  
3  2 'Structure model' '_database_2.pdbx_database_accession'   
4  2 'Structure model' '_struct_ncs_dom_lim.beg_auth_comp_id'  
5  2 'Structure model' '_struct_ncs_dom_lim.beg_label_asym_id' 
6  2 'Structure model' '_struct_ncs_dom_lim.beg_label_comp_id' 
7  2 'Structure model' '_struct_ncs_dom_lim.beg_label_seq_id'  
8  2 'Structure model' '_struct_ncs_dom_lim.end_auth_comp_id'  
9  2 'Structure model' '_struct_ncs_dom_lim.end_label_asym_id' 
10 2 'Structure model' '_struct_ncs_dom_lim.end_label_comp_id' 
11 2 'Structure model' '_struct_ncs_dom_lim.end_label_seq_id'  
# 
loop_
_software.citation_id 
_software.classification 
_software.compiler_name 
_software.compiler_version 
_software.contact_author 
_software.contact_author_email 
_software.date 
_software.description 
_software.dependencies 
_software.hardware 
_software.language 
_software.location 
_software.mods 
_software.name 
_software.os 
_software.os_version 
_software.type 
_software.version 
_software.pdbx_ordinal 
? 'data scaling'    ? ? ? ? ? ? ? ? ? ? ? XSCALE      ? ? ? .      1 
? refinement        ? ? ? ? ? ? ? ? ? ? ? PHENIX      ? ? ? 1.17.1 2 
? 'data extraction' ? ? ? ? ? ? ? ? ? ? ? PDB_EXTRACT ? ? ? 3.25   3 
? phasing           ? ? ? ? ? ? ? ? ? ? ? PHENIX      ? ? ? .      4 
? 'data reduction'  ? ? ? ? ? ? ? ? ? ? ? XDS         ? ? ? .      5 
# 
_pdbx_entry_details.entry_id                 7BSE 
_pdbx_entry_details.has_ligand_of_interest   Y 
_pdbx_entry_details.compound_details         ? 
_pdbx_entry_details.source_details           ? 
_pdbx_entry_details.nonpolymer_details       ? 
_pdbx_entry_details.sequence_details         ? 
# 
loop_
_pdbx_validate_rmsd_angle.id 
_pdbx_validate_rmsd_angle.PDB_model_num 
_pdbx_validate_rmsd_angle.auth_atom_id_1 
_pdbx_validate_rmsd_angle.auth_asym_id_1 
_pdbx_validate_rmsd_angle.auth_comp_id_1 
_pdbx_validate_rmsd_angle.auth_seq_id_1 
_pdbx_validate_rmsd_angle.PDB_ins_code_1 
_pdbx_validate_rmsd_angle.label_alt_id_1 
_pdbx_validate_rmsd_angle.auth_atom_id_2 
_pdbx_validate_rmsd_angle.auth_asym_id_2 
_pdbx_validate_rmsd_angle.auth_comp_id_2 
_pdbx_validate_rmsd_angle.auth_seq_id_2 
_pdbx_validate_rmsd_angle.PDB_ins_code_2 
_pdbx_validate_rmsd_angle.label_alt_id_2 
_pdbx_validate_rmsd_angle.auth_atom_id_3 
_pdbx_validate_rmsd_angle.auth_asym_id_3 
_pdbx_validate_rmsd_angle.auth_comp_id_3 
_pdbx_validate_rmsd_angle.auth_seq_id_3 
_pdbx_validate_rmsd_angle.PDB_ins_code_3 
_pdbx_validate_rmsd_angle.label_alt_id_3 
_pdbx_validate_rmsd_angle.angle_value 
_pdbx_validate_rmsd_angle.angle_target_value 
_pdbx_validate_rmsd_angle.angle_deviation 
_pdbx_validate_rmsd_angle.angle_standard_deviation 
_pdbx_validate_rmsd_angle.linker_flag 
1 1 "O4'" A DC 4 ? ? "C1'" A DC 4 ? ? N1    A DC 4 ? ? 110.39 108.30 2.09  0.30 N 
2 1 "O4'" A DG 7 ? ? "C1'" A DG 7 ? ? N9    A DG 7 ? ? 114.47 108.30 6.17  0.30 N 
3 1 "O4'" B DC 4 ? ? "C1'" B DC 4 ? ? N1    B DC 4 ? ? 110.37 108.30 2.07  0.30 N 
4 1 "C3'" B DG 7 ? ? "C2'" B DG 7 ? ? "C1'" B DG 7 ? ? 97.45  102.40 -4.95 0.80 N 
5 1 "O4'" B DG 7 ? ? "C1'" B DG 7 ? ? N9    B DG 7 ? ? 112.69 108.30 4.39  0.30 N 
6 1 "O4'" B DG 9 ? ? "C1'" B DG 9 ? ? N9    B DG 9 ? ? 110.43 108.30 2.13  0.30 N 
7 1 "O4'" C DG 7 ? ? "C1'" C DG 7 ? ? N9    C DG 7 ? ? 112.10 108.30 3.80  0.30 N 
8 1 "O4'" D DC 4 ? ? "C1'" D DC 4 ? ? N1    D DC 4 ? ? 110.19 108.30 1.89  0.30 N 
9 1 "O4'" D DG 7 ? ? "C1'" D DG 7 ? ? N9    D DG 7 ? ? 112.84 108.30 4.54  0.30 N 
# 
loop_
_chem_comp_atom.comp_id 
_chem_comp_atom.atom_id 
_chem_comp_atom.type_symbol 
_chem_comp_atom.pdbx_aromatic_flag 
_chem_comp_atom.pdbx_stereo_config 
_chem_comp_atom.pdbx_ordinal 
AG  AG     AG N N 1   
CA  CA     CA N N 2   
DA  OP3    O  N N 3   
DA  P      P  N N 4   
DA  OP1    O  N N 5   
DA  OP2    O  N N 6   
DA  "O5'"  O  N N 7   
DA  "C5'"  C  N N 8   
DA  "C4'"  C  N R 9   
DA  "O4'"  O  N N 10  
DA  "C3'"  C  N S 11  
DA  "O3'"  O  N N 12  
DA  "C2'"  C  N N 13  
DA  "C1'"  C  N R 14  
DA  N9     N  Y N 15  
DA  C8     C  Y N 16  
DA  N7     N  Y N 17  
DA  C5     C  Y N 18  
DA  C6     C  Y N 19  
DA  N6     N  N N 20  
DA  N1     N  Y N 21  
DA  C2     C  Y N 22  
DA  N3     N  Y N 23  
DA  C4     C  Y N 24  
DA  HOP3   H  N N 25  
DA  HOP2   H  N N 26  
DA  "H5'"  H  N N 27  
DA  "H5''" H  N N 28  
DA  "H4'"  H  N N 29  
DA  "H3'"  H  N N 30  
DA  "HO3'" H  N N 31  
DA  "H2'"  H  N N 32  
DA  "H2''" H  N N 33  
DA  "H1'"  H  N N 34  
DA  H8     H  N N 35  
DA  H61    H  N N 36  
DA  H62    H  N N 37  
DA  H2     H  N N 38  
DC  OP3    O  N N 39  
DC  P      P  N N 40  
DC  OP1    O  N N 41  
DC  OP2    O  N N 42  
DC  "O5'"  O  N N 43  
DC  "C5'"  C  N N 44  
DC  "C4'"  C  N R 45  
DC  "O4'"  O  N N 46  
DC  "C3'"  C  N S 47  
DC  "O3'"  O  N N 48  
DC  "C2'"  C  N N 49  
DC  "C1'"  C  N R 50  
DC  N1     N  N N 51  
DC  C2     C  N N 52  
DC  O2     O  N N 53  
DC  N3     N  N N 54  
DC  C4     C  N N 55  
DC  N4     N  N N 56  
DC  C5     C  N N 57  
DC  C6     C  N N 58  
DC  HOP3   H  N N 59  
DC  HOP2   H  N N 60  
DC  "H5'"  H  N N 61  
DC  "H5''" H  N N 62  
DC  "H4'"  H  N N 63  
DC  "H3'"  H  N N 64  
DC  "HO3'" H  N N 65  
DC  "H2'"  H  N N 66  
DC  "H2''" H  N N 67  
DC  "H1'"  H  N N 68  
DC  H41    H  N N 69  
DC  H42    H  N N 70  
DC  H5     H  N N 71  
DC  H6     H  N N 72  
DG  OP3    O  N N 73  
DG  P      P  N N 74  
DG  OP1    O  N N 75  
DG  OP2    O  N N 76  
DG  "O5'"  O  N N 77  
DG  "C5'"  C  N N 78  
DG  "C4'"  C  N R 79  
DG  "O4'"  O  N N 80  
DG  "C3'"  C  N S 81  
DG  "O3'"  O  N N 82  
DG  "C2'"  C  N N 83  
DG  "C1'"  C  N R 84  
DG  N9     N  Y N 85  
DG  C8     C  Y N 86  
DG  N7     N  Y N 87  
DG  C5     C  Y N 88  
DG  C6     C  N N 89  
DG  O6     O  N N 90  
DG  N1     N  N N 91  
DG  C2     C  N N 92  
DG  N2     N  N N 93  
DG  N3     N  N N 94  
DG  C4     C  Y N 95  
DG  HOP3   H  N N 96  
DG  HOP2   H  N N 97  
DG  "H5'"  H  N N 98  
DG  "H5''" H  N N 99  
DG  "H4'"  H  N N 100 
DG  "H3'"  H  N N 101 
DG  "HO3'" H  N N 102 
DG  "H2'"  H  N N 103 
DG  "H2''" H  N N 104 
DG  "H1'"  H  N N 105 
DG  H8     H  N N 106 
DG  H1     H  N N 107 
DG  H21    H  N N 108 
DG  H22    H  N N 109 
HOH O      O  N N 110 
HOH H1     H  N N 111 
HOH H2     H  N N 112 
# 
loop_
_chem_comp_bond.comp_id 
_chem_comp_bond.atom_id_1 
_chem_comp_bond.atom_id_2 
_chem_comp_bond.value_order 
_chem_comp_bond.pdbx_aromatic_flag 
_chem_comp_bond.pdbx_stereo_config 
_chem_comp_bond.pdbx_ordinal 
DA  OP3   P      sing N N 1   
DA  OP3   HOP3   sing N N 2   
DA  P     OP1    doub N N 3   
DA  P     OP2    sing N N 4   
DA  P     "O5'"  sing N N 5   
DA  OP2   HOP2   sing N N 6   
DA  "O5'" "C5'"  sing N N 7   
DA  "C5'" "C4'"  sing N N 8   
DA  "C5'" "H5'"  sing N N 9   
DA  "C5'" "H5''" sing N N 10  
DA  "C4'" "O4'"  sing N N 11  
DA  "C4'" "C3'"  sing N N 12  
DA  "C4'" "H4'"  sing N N 13  
DA  "O4'" "C1'"  sing N N 14  
DA  "C3'" "O3'"  sing N N 15  
DA  "C3'" "C2'"  sing N N 16  
DA  "C3'" "H3'"  sing N N 17  
DA  "O3'" "HO3'" sing N N 18  
DA  "C2'" "C1'"  sing N N 19  
DA  "C2'" "H2'"  sing N N 20  
DA  "C2'" "H2''" sing N N 21  
DA  "C1'" N9     sing N N 22  
DA  "C1'" "H1'"  sing N N 23  
DA  N9    C8     sing Y N 24  
DA  N9    C4     sing Y N 25  
DA  C8    N7     doub Y N 26  
DA  C8    H8     sing N N 27  
DA  N7    C5     sing Y N 28  
DA  C5    C6     sing Y N 29  
DA  C5    C4     doub Y N 30  
DA  C6    N6     sing N N 31  
DA  C6    N1     doub Y N 32  
DA  N6    H61    sing N N 33  
DA  N6    H62    sing N N 34  
DA  N1    C2     sing Y N 35  
DA  C2    N3     doub Y N 36  
DA  C2    H2     sing N N 37  
DA  N3    C4     sing Y N 38  
DC  OP3   P      sing N N 39  
DC  OP3   HOP3   sing N N 40  
DC  P     OP1    doub N N 41  
DC  P     OP2    sing N N 42  
DC  P     "O5'"  sing N N 43  
DC  OP2   HOP2   sing N N 44  
DC  "O5'" "C5'"  sing N N 45  
DC  "C5'" "C4'"  sing N N 46  
DC  "C5'" "H5'"  sing N N 47  
DC  "C5'" "H5''" sing N N 48  
DC  "C4'" "O4'"  sing N N 49  
DC  "C4'" "C3'"  sing N N 50  
DC  "C4'" "H4'"  sing N N 51  
DC  "O4'" "C1'"  sing N N 52  
DC  "C3'" "O3'"  sing N N 53  
DC  "C3'" "C2'"  sing N N 54  
DC  "C3'" "H3'"  sing N N 55  
DC  "O3'" "HO3'" sing N N 56  
DC  "C2'" "C1'"  sing N N 57  
DC  "C2'" "H2'"  sing N N 58  
DC  "C2'" "H2''" sing N N 59  
DC  "C1'" N1     sing N N 60  
DC  "C1'" "H1'"  sing N N 61  
DC  N1    C2     sing N N 62  
DC  N1    C6     sing N N 63  
DC  C2    O2     doub N N 64  
DC  C2    N3     sing N N 65  
DC  N3    C4     doub N N 66  
DC  C4    N4     sing N N 67  
DC  C4    C5     sing N N 68  
DC  N4    H41    sing N N 69  
DC  N4    H42    sing N N 70  
DC  C5    C6     doub N N 71  
DC  C5    H5     sing N N 72  
DC  C6    H6     sing N N 73  
DG  OP3   P      sing N N 74  
DG  OP3   HOP3   sing N N 75  
DG  P     OP1    doub N N 76  
DG  P     OP2    sing N N 77  
DG  P     "O5'"  sing N N 78  
DG  OP2   HOP2   sing N N 79  
DG  "O5'" "C5'"  sing N N 80  
DG  "C5'" "C4'"  sing N N 81  
DG  "C5'" "H5'"  sing N N 82  
DG  "C5'" "H5''" sing N N 83  
DG  "C4'" "O4'"  sing N N 84  
DG  "C4'" "C3'"  sing N N 85  
DG  "C4'" "H4'"  sing N N 86  
DG  "O4'" "C1'"  sing N N 87  
DG  "C3'" "O3'"  sing N N 88  
DG  "C3'" "C2'"  sing N N 89  
DG  "C3'" "H3'"  sing N N 90  
DG  "O3'" "HO3'" sing N N 91  
DG  "C2'" "C1'"  sing N N 92  
DG  "C2'" "H2'"  sing N N 93  
DG  "C2'" "H2''" sing N N 94  
DG  "C1'" N9     sing N N 95  
DG  "C1'" "H1'"  sing N N 96  
DG  N9    C8     sing Y N 97  
DG  N9    C4     sing Y N 98  
DG  C8    N7     doub Y N 99  
DG  C8    H8     sing N N 100 
DG  N7    C5     sing Y N 101 
DG  C5    C6     sing N N 102 
DG  C5    C4     doub Y N 103 
DG  C6    O6     doub N N 104 
DG  C6    N1     sing N N 105 
DG  N1    C2     sing N N 106 
DG  N1    H1     sing N N 107 
DG  C2    N2     sing N N 108 
DG  C2    N3     doub N N 109 
DG  N2    H21    sing N N 110 
DG  N2    H22    sing N N 111 
DG  N3    C4     sing N N 112 
HOH O     H1     sing N N 113 
HOH O     H2     sing N N 114 
# 
_ndb_struct_conf_na.entry_id   7BSE 
_ndb_struct_conf_na.feature    'double helix' 
# 
loop_
_ndb_struct_na_base_pair.model_number 
_ndb_struct_na_base_pair.i_label_asym_id 
_ndb_struct_na_base_pair.i_label_comp_id 
_ndb_struct_na_base_pair.i_label_seq_id 
_ndb_struct_na_base_pair.i_symmetry 
_ndb_struct_na_base_pair.j_label_asym_id 
_ndb_struct_na_base_pair.j_label_comp_id 
_ndb_struct_na_base_pair.j_label_seq_id 
_ndb_struct_na_base_pair.j_symmetry 
_ndb_struct_na_base_pair.shear 
_ndb_struct_na_base_pair.stretch 
_ndb_struct_na_base_pair.stagger 
_ndb_struct_na_base_pair.buckle 
_ndb_struct_na_base_pair.propeller 
_ndb_struct_na_base_pair.opening 
_ndb_struct_na_base_pair.pair_number 
_ndb_struct_na_base_pair.pair_name 
_ndb_struct_na_base_pair.i_auth_asym_id 
_ndb_struct_na_base_pair.i_auth_seq_id 
_ndb_struct_na_base_pair.i_PDB_ins_code 
_ndb_struct_na_base_pair.j_auth_asym_id 
_ndb_struct_na_base_pair.j_auth_seq_id 
_ndb_struct_na_base_pair.j_PDB_ins_code 
_ndb_struct_na_base_pair.hbond_type_28 
_ndb_struct_na_base_pair.hbond_type_12 
1 B DC 1 1_555 A DC 4 1_555 -1.250 3.305 0.363  -31.076 -34.433 88.465  1 B_DC1:DC4_A B 1 ? A 4 ? ? ? 
1 A DC 1 1_555 B DC 4 1_555 -1.328 3.351 0.310  -27.842 -36.265 86.518  2 A_DC1:DC4_B A 1 ? B 4 ? ? ? 
1 A DA 2 1_555 B DC 3 1_555 -1.046 2.339 -1.288 -18.953 -36.099 124.728 3 A_DA2:DC3_B A 2 ? B 3 ? ? ? 
1 D DC 1 1_555 C DC 4 1_555 -1.334 3.234 0.156  -27.573 -34.726 87.743  4 D_DC1:DC4_C D 1 ? C 4 ? ? ? 
1 C DC 1 1_555 D DC 4 1_555 -1.368 3.271 0.332  -28.792 -36.489 87.451  5 C_DC1:DC4_D C 1 ? D 4 ? ? ? 
1 C DA 2 1_555 D DC 3 1_555 -1.036 2.307 -1.079 -21.997 -36.103 122.850 6 C_DA2:DC3_D C 2 ? D 3 ? ? ? 
# 
loop_
_ndb_struct_na_base_pair_step.model_number 
_ndb_struct_na_base_pair_step.i_label_asym_id_1 
_ndb_struct_na_base_pair_step.i_label_comp_id_1 
_ndb_struct_na_base_pair_step.i_label_seq_id_1 
_ndb_struct_na_base_pair_step.i_symmetry_1 
_ndb_struct_na_base_pair_step.j_label_asym_id_1 
_ndb_struct_na_base_pair_step.j_label_comp_id_1 
_ndb_struct_na_base_pair_step.j_label_seq_id_1 
_ndb_struct_na_base_pair_step.j_symmetry_1 
_ndb_struct_na_base_pair_step.i_label_asym_id_2 
_ndb_struct_na_base_pair_step.i_label_comp_id_2 
_ndb_struct_na_base_pair_step.i_label_seq_id_2 
_ndb_struct_na_base_pair_step.i_symmetry_2 
_ndb_struct_na_base_pair_step.j_label_asym_id_2 
_ndb_struct_na_base_pair_step.j_label_comp_id_2 
_ndb_struct_na_base_pair_step.j_label_seq_id_2 
_ndb_struct_na_base_pair_step.j_symmetry_2 
_ndb_struct_na_base_pair_step.shift 
_ndb_struct_na_base_pair_step.slide 
_ndb_struct_na_base_pair_step.rise 
_ndb_struct_na_base_pair_step.tilt 
_ndb_struct_na_base_pair_step.roll 
_ndb_struct_na_base_pair_step.twist 
_ndb_struct_na_base_pair_step.x_displacement 
_ndb_struct_na_base_pair_step.y_displacement 
_ndb_struct_na_base_pair_step.helical_rise 
_ndb_struct_na_base_pair_step.inclination 
_ndb_struct_na_base_pair_step.tip 
_ndb_struct_na_base_pair_step.helical_twist 
_ndb_struct_na_base_pair_step.step_number 
_ndb_struct_na_base_pair_step.step_name 
_ndb_struct_na_base_pair_step.i_auth_asym_id_1 
_ndb_struct_na_base_pair_step.i_auth_seq_id_1 
_ndb_struct_na_base_pair_step.i_PDB_ins_code_1 
_ndb_struct_na_base_pair_step.j_auth_asym_id_1 
_ndb_struct_na_base_pair_step.j_auth_seq_id_1 
_ndb_struct_na_base_pair_step.j_PDB_ins_code_1 
_ndb_struct_na_base_pair_step.i_auth_asym_id_2 
_ndb_struct_na_base_pair_step.i_auth_seq_id_2 
_ndb_struct_na_base_pair_step.i_PDB_ins_code_2 
_ndb_struct_na_base_pair_step.j_auth_asym_id_2 
_ndb_struct_na_base_pair_step.j_auth_seq_id_2 
_ndb_struct_na_base_pair_step.j_PDB_ins_code_2 
1 B DC 1 1_555 A DC 4 1_555 A DC 1 1_555 B DC 4 1_555 1.997  -3.011 -0.016 -49.200 4.962  -179.072 1.506 0.999 -0.008 -2.481 
-24.601 -179.157 1 BA_DC1DC1:DC4DC4_BA B 1 ? A 4 ? A 1 ? B 4 ? 
1 A DC 1 1_555 B DC 4 1_555 A DA 2 1_555 B DC 3 1_555 -1.355 -0.947 -3.067 -6.124  10.059 12.002   3.108 8.503 -2.267 38.105 
23.199  16.799   2 AA_DC1DA2:DC3DC4_BB A 1 ? B 4 ? A 2 ? B 3 ? 
1 D DC 1 1_555 C DC 4 1_555 C DC 1 1_555 D DC 4 1_555 1.891  -2.989 0.001  -48.760 2.897  -179.838 1.494 0.945 0.002  -1.449 
-24.380 -179.853 3 DC_DC1DC1:DC4DC4_DC D 1 ? C 4 ? C 1 ? D 4 ? 
1 C DC 1 1_555 D DC 4 1_555 C DA 2 1_555 D DC 3 1_555 -1.377 -0.898 -3.074 -8.340  9.314  13.435   1.905 8.553 -2.088 32.123 
28.766  18.333   4 CC_DC1DA2:DC3DC4_DD C 1 ? D 4 ? C 2 ? D 3 ? 
# 
_pdbx_audit_support.funding_organization   'Ministry of Education, Culture, Sports, Science and Technology (Japan)' 
_pdbx_audit_support.country                Japan 
_pdbx_audit_support.grant_number           ? 
_pdbx_audit_support.ordinal                1 
# 
_pdbx_entity_instance_feature.ordinal        1 
_pdbx_entity_instance_feature.comp_id        AG 
_pdbx_entity_instance_feature.asym_id        ? 
_pdbx_entity_instance_feature.seq_num        ? 
_pdbx_entity_instance_feature.auth_comp_id   AG 
_pdbx_entity_instance_feature.auth_asym_id   ? 
_pdbx_entity_instance_feature.auth_seq_num   ? 
_pdbx_entity_instance_feature.feature_type   'SUBJECT OF INVESTIGATION' 
_pdbx_entity_instance_feature.details        ? 
# 
loop_
_pdbx_entity_nonpoly.entity_id 
_pdbx_entity_nonpoly.name 
_pdbx_entity_nonpoly.comp_id 
2 'SILVER ION'  AG  
3 'CALCIUM ION' CA  
4 water         HOH 
# 
_pdbx_initial_refinement_model.id               1 
_pdbx_initial_refinement_model.entity_id_list   ? 
_pdbx_initial_refinement_model.type             'experimental model' 
_pdbx_initial_refinement_model.source_name      PDB 
_pdbx_initial_refinement_model.accession_code   6JR4 
_pdbx_initial_refinement_model.details          ? 
# 
_pdbx_struct_assembly_auth_evidence.id                     1 
_pdbx_struct_assembly_auth_evidence.assembly_id            1 
_pdbx_struct_assembly_auth_evidence.experimental_support   none 
_pdbx_struct_assembly_auth_evidence.details                ? 
# 
